data_4CRJ
# 
_entry.id   4CRJ 
# 
_audit_conform.dict_name       mmcif_pdbx.dic 
_audit_conform.dict_version    5.383 
_audit_conform.dict_location   http://mmcif.pdb.org/dictionaries/ascii/mmcif_pdbx.dic 
# 
loop_
_database_2.database_id 
_database_2.database_code 
_database_2.pdbx_database_accession 
_database_2.pdbx_DOI 
PDB   4CRJ         pdb_00004crj 10.2210/pdb4crj/pdb 
PDBE  EBI-59856    ?            ?                   
WWPDB D_1290059856 ?            ?                   
# 
_pdbx_database_status.status_code                     REL 
_pdbx_database_status.entry_id                        4CRJ 
_pdbx_database_status.deposit_site                    PDBE 
_pdbx_database_status.process_site                    PDBE 
_pdbx_database_status.SG_entry                        . 
_pdbx_database_status.recvd_initial_deposition_date   2014-02-27 
_pdbx_database_status.pdb_format_compatible           Y 
_pdbx_database_status.status_code_sf                  REL 
_pdbx_database_status.status_code_mr                  ? 
_pdbx_database_status.status_code_cs                  ? 
_pdbx_database_status.methods_development_category    ? 
_pdbx_database_status.status_code_nmr_data            ? 
# 
loop_
_audit_author.name 
_audit_author.pdbx_ordinal 
'Dennis, M.L.'    1 
'Swarbrick, J.D.' 2 
'Peat, T.S.'      3 
# 
_citation.id                        primary 
_citation.title                     
;Structure-Based Design and Development of Functionalized Mercaptoguanine Derivatives as Inhibitors of the Folate Biosynthesis Pathway Enzyme 6-Hydroxymethyl-7,8-Dihydropterin Pyrophosphokinase from Staphylococcus Aureus.
;
_citation.journal_abbrev            J.Med.Chem. 
_citation.journal_volume            57 
_citation.page_first                9612 
_citation.page_last                 ? 
_citation.year                      2014 
_citation.journal_id_ASTM           JMCMAR 
_citation.country                   US 
_citation.journal_id_ISSN           0022-2623 
_citation.journal_id_CSD            0151 
_citation.book_publisher            ? 
_citation.pdbx_database_id_PubMed   25357262 
_citation.pdbx_database_id_DOI      10.1021/JM501417F 
# 
loop_
_citation_author.citation_id 
_citation_author.name 
_citation_author.ordinal 
_citation_author.identifier_ORCID 
primary 'Dennis, M.L.'    1  ? 
primary 'Chhabra, S.'     2  ? 
primary 'Wang, Z.'        3  ? 
primary 'Debono, A.'      4  ? 
primary 'Dolezal, O.'     5  ? 
primary 'Newman, J.'      6  ? 
primary 'Pitcher, N.P.'   7  ? 
primary 'Rahmani, R.'     8  ? 
primary 'Cleary, B.'      9  ? 
primary 'Barlow, N.'      10 ? 
primary 'Hattarki, M.'    11 ? 
primary 'Graham, B.'      12 ? 
primary 'Peat, T.S.'      13 ? 
primary 'Baell, J.B.'     14 ? 
primary 'Swarbrick, J.D.' 15 ? 
# 
_cell.entry_id           4CRJ 
_cell.length_a           82.480 
_cell.length_b           82.480 
_cell.length_c           52.173 
_cell.angle_alpha        90.00 
_cell.angle_beta         90.00 
_cell.angle_gamma        120.00 
_cell.Z_PDB              6 
_cell.pdbx_unique_axis   ? 
# 
_symmetry.entry_id                         4CRJ 
_symmetry.space_group_name_H-M             'P 61' 
_symmetry.pdbx_full_space_group_name_H-M   ? 
_symmetry.cell_setting                     ? 
_symmetry.Int_Tables_number                169 
# 
loop_
_entity.id 
_entity.type 
_entity.src_method 
_entity.pdbx_description 
_entity.formula_weight 
_entity.pdbx_number_of_molecules 
_entity.pdbx_ec 
_entity.pdbx_mutation 
_entity.pdbx_fragment 
_entity.details 
1 polymer     man '7,8-DIHYDRO-6-HYDROXYMETHYLPTERIN-PYROPHOSPHOKINASE (HPPK)'                      18304.098 1  2.7.6.3 ? ? ? 
2 non-polymer syn 'DIPHOSPHOMETHYLPHOSPHONIC ACID ADENOSYL ESTER'                                   505.208   1  ?       ? ? ? 
3 non-polymer syn 'MAGNESIUM ION'                                                                   24.305    2  ?       ? ? ? 
4 non-polymer syn 'NITRATE ION'                                                                     62.005    1  ?       ? ? ? 
5 non-polymer syn '2-amino-8-{[2-(4-methoxyphenyl)-2-oxoethyl]sulfanyl}-1,9-dihydro-6H-purin-6-one' 331.350   1  ?       ? ? ? 
6 water       nat water                                                                             18.015    83 ?       ? ? ? 
# 
_entity_poly.entity_id                      1 
_entity_poly.type                           'polypeptide(L)' 
_entity_poly.nstd_linkage                   no 
_entity_poly.nstd_monomer                   no 
_entity_poly.pdbx_seq_one_letter_code       
;GSHMIQAYLGLGSNIGDRESQLNDAIKILNEYDGISVSNISPIYETAPVGYTEQPNFLNLCVEIQTTLTVLQLLECCLKT
EECLHRIRKERWGPRTLDVDILLYGEEMIDLPKLSVPHPRMNERAFVLIPLNDIAANVVEPRSKLKVKDLVFVDDSVKRY
K
;
_entity_poly.pdbx_seq_one_letter_code_can   
;GSHMIQAYLGLGSNIGDRESQLNDAIKILNEYDGISVSNISPIYETAPVGYTEQPNFLNLCVEIQTTLTVLQLLECCLKT
EECLHRIRKERWGPRTLDVDILLYGEEMIDLPKLSVPHPRMNERAFVLIPLNDIAANVVEPRSKLKVKDLVFVDDSVKRY
K
;
_entity_poly.pdbx_strand_id                 A 
_entity_poly.pdbx_target_identifier         ? 
# 
loop_
_entity_poly_seq.entity_id 
_entity_poly_seq.num 
_entity_poly_seq.mon_id 
_entity_poly_seq.hetero 
1 1   GLY n 
1 2   SER n 
1 3   HIS n 
1 4   MET n 
1 5   ILE n 
1 6   GLN n 
1 7   ALA n 
1 8   TYR n 
1 9   LEU n 
1 10  GLY n 
1 11  LEU n 
1 12  GLY n 
1 13  SER n 
1 14  ASN n 
1 15  ILE n 
1 16  GLY n 
1 17  ASP n 
1 18  ARG n 
1 19  GLU n 
1 20  SER n 
1 21  GLN n 
1 22  LEU n 
1 23  ASN n 
1 24  ASP n 
1 25  ALA n 
1 26  ILE n 
1 27  LYS n 
1 28  ILE n 
1 29  LEU n 
1 30  ASN n 
1 31  GLU n 
1 32  TYR n 
1 33  ASP n 
1 34  GLY n 
1 35  ILE n 
1 36  SER n 
1 37  VAL n 
1 38  SER n 
1 39  ASN n 
1 40  ILE n 
1 41  SER n 
1 42  PRO n 
1 43  ILE n 
1 44  TYR n 
1 45  GLU n 
1 46  THR n 
1 47  ALA n 
1 48  PRO n 
1 49  VAL n 
1 50  GLY n 
1 51  TYR n 
1 52  THR n 
1 53  GLU n 
1 54  GLN n 
1 55  PRO n 
1 56  ASN n 
1 57  PHE n 
1 58  LEU n 
1 59  ASN n 
1 60  LEU n 
1 61  CYS n 
1 62  VAL n 
1 63  GLU n 
1 64  ILE n 
1 65  GLN n 
1 66  THR n 
1 67  THR n 
1 68  LEU n 
1 69  THR n 
1 70  VAL n 
1 71  LEU n 
1 72  GLN n 
1 73  LEU n 
1 74  LEU n 
1 75  GLU n 
1 76  CYS n 
1 77  CYS n 
1 78  LEU n 
1 79  LYS n 
1 80  THR n 
1 81  GLU n 
1 82  GLU n 
1 83  CYS n 
1 84  LEU n 
1 85  HIS n 
1 86  ARG n 
1 87  ILE n 
1 88  ARG n 
1 89  LYS n 
1 90  GLU n 
1 91  ARG n 
1 92  TRP n 
1 93  GLY n 
1 94  PRO n 
1 95  ARG n 
1 96  THR n 
1 97  LEU n 
1 98  ASP n 
1 99  VAL n 
1 100 ASP n 
1 101 ILE n 
1 102 LEU n 
1 103 LEU n 
1 104 TYR n 
1 105 GLY n 
1 106 GLU n 
1 107 GLU n 
1 108 MET n 
1 109 ILE n 
1 110 ASP n 
1 111 LEU n 
1 112 PRO n 
1 113 LYS n 
1 114 LEU n 
1 115 SER n 
1 116 VAL n 
1 117 PRO n 
1 118 HIS n 
1 119 PRO n 
1 120 ARG n 
1 121 MET n 
1 122 ASN n 
1 123 GLU n 
1 124 ARG n 
1 125 ALA n 
1 126 PHE n 
1 127 VAL n 
1 128 LEU n 
1 129 ILE n 
1 130 PRO n 
1 131 LEU n 
1 132 ASN n 
1 133 ASP n 
1 134 ILE n 
1 135 ALA n 
1 136 ALA n 
1 137 ASN n 
1 138 VAL n 
1 139 VAL n 
1 140 GLU n 
1 141 PRO n 
1 142 ARG n 
1 143 SER n 
1 144 LYS n 
1 145 LEU n 
1 146 LYS n 
1 147 VAL n 
1 148 LYS n 
1 149 ASP n 
1 150 LEU n 
1 151 VAL n 
1 152 PHE n 
1 153 VAL n 
1 154 ASP n 
1 155 ASP n 
1 156 SER n 
1 157 VAL n 
1 158 LYS n 
1 159 ARG n 
1 160 TYR n 
1 161 LYS n 
# 
_entity_src_gen.entity_id                          1 
_entity_src_gen.pdbx_src_id                        1 
_entity_src_gen.pdbx_alt_source_flag               sample 
_entity_src_gen.pdbx_seq_type                      ? 
_entity_src_gen.pdbx_beg_seq_num                   ? 
_entity_src_gen.pdbx_end_seq_num                   ? 
_entity_src_gen.gene_src_common_name               ? 
_entity_src_gen.gene_src_genus                     ? 
_entity_src_gen.pdbx_gene_src_gene                 ? 
_entity_src_gen.gene_src_species                   ? 
_entity_src_gen.gene_src_strain                    ? 
_entity_src_gen.gene_src_tissue                    ? 
_entity_src_gen.gene_src_tissue_fraction           ? 
_entity_src_gen.gene_src_details                   ? 
_entity_src_gen.pdbx_gene_src_fragment             ? 
_entity_src_gen.pdbx_gene_src_scientific_name      'STAPHYLOCOCCUS AUREUS' 
_entity_src_gen.pdbx_gene_src_ncbi_taxonomy_id     1280 
_entity_src_gen.pdbx_gene_src_variant              ? 
_entity_src_gen.pdbx_gene_src_cell_line            ? 
_entity_src_gen.pdbx_gene_src_atcc                 ? 
_entity_src_gen.pdbx_gene_src_organ                ? 
_entity_src_gen.pdbx_gene_src_organelle            ? 
_entity_src_gen.pdbx_gene_src_cell                 ? 
_entity_src_gen.pdbx_gene_src_cellular_location    ? 
_entity_src_gen.host_org_common_name               ? 
_entity_src_gen.pdbx_host_org_scientific_name      'ESCHERICHIA COLI' 
_entity_src_gen.pdbx_host_org_ncbi_taxonomy_id     469008 
_entity_src_gen.host_org_genus                     ? 
_entity_src_gen.pdbx_host_org_gene                 ? 
_entity_src_gen.pdbx_host_org_organ                ? 
_entity_src_gen.host_org_species                   ? 
_entity_src_gen.pdbx_host_org_tissue               ? 
_entity_src_gen.pdbx_host_org_tissue_fraction      ? 
_entity_src_gen.pdbx_host_org_strain               'BL21(DE3)' 
_entity_src_gen.pdbx_host_org_variant              ? 
_entity_src_gen.pdbx_host_org_cell_line            ? 
_entity_src_gen.pdbx_host_org_atcc                 ? 
_entity_src_gen.pdbx_host_org_culture_collection   ? 
_entity_src_gen.pdbx_host_org_cell                 ? 
_entity_src_gen.pdbx_host_org_organelle            ? 
_entity_src_gen.pdbx_host_org_cellular_location    ? 
_entity_src_gen.pdbx_host_org_vector_type          ? 
_entity_src_gen.pdbx_host_org_vector               ? 
_entity_src_gen.host_org_details                   ? 
_entity_src_gen.expression_system_id               ? 
_entity_src_gen.plasmid_name                       PET 
_entity_src_gen.plasmid_details                    ? 
_entity_src_gen.pdbx_description                   ? 
# 
_struct_ref.id                         1 
_struct_ref.db_name                    UNP 
_struct_ref.db_code                    C8MLE4_STAAU 
_struct_ref.entity_id                  1 
_struct_ref.pdbx_seq_one_letter_code   ? 
_struct_ref.pdbx_align_begin           ? 
_struct_ref.pdbx_db_accession          C8MLE4 
_struct_ref.pdbx_db_isoform            ? 
# 
_struct_ref_seq.align_id                      1 
_struct_ref_seq.ref_id                        1 
_struct_ref_seq.pdbx_PDB_id_code              4CRJ 
_struct_ref_seq.pdbx_strand_id                A 
_struct_ref_seq.seq_align_beg                 4 
_struct_ref_seq.pdbx_seq_align_beg_ins_code   ? 
_struct_ref_seq.seq_align_end                 161 
_struct_ref_seq.pdbx_seq_align_end_ins_code   ? 
_struct_ref_seq.pdbx_db_accession             C8MLE4 
_struct_ref_seq.db_align_beg                  1 
_struct_ref_seq.pdbx_db_align_beg_ins_code    ? 
_struct_ref_seq.db_align_end                  158 
_struct_ref_seq.pdbx_db_align_end_ins_code    ? 
_struct_ref_seq.pdbx_auth_seq_align_beg       1 
_struct_ref_seq.pdbx_auth_seq_align_end       158 
# 
loop_
_struct_ref_seq_dif.align_id 
_struct_ref_seq_dif.pdbx_pdb_id_code 
_struct_ref_seq_dif.mon_id 
_struct_ref_seq_dif.pdbx_pdb_strand_id 
_struct_ref_seq_dif.seq_num 
_struct_ref_seq_dif.pdbx_pdb_ins_code 
_struct_ref_seq_dif.pdbx_seq_db_name 
_struct_ref_seq_dif.pdbx_seq_db_accession_code 
_struct_ref_seq_dif.db_mon_id 
_struct_ref_seq_dif.pdbx_seq_db_seq_num 
_struct_ref_seq_dif.details 
_struct_ref_seq_dif.pdbx_auth_seq_num 
_struct_ref_seq_dif.pdbx_ordinal 
1 4CRJ GLY A 1 ? UNP C8MLE4 ? ? 'expression tag' -2 1 
1 4CRJ SER A 2 ? UNP C8MLE4 ? ? 'expression tag' -1 2 
1 4CRJ HIS A 3 ? UNP C8MLE4 ? ? 'expression tag' 0  3 
# 
loop_
_chem_comp.id 
_chem_comp.type 
_chem_comp.mon_nstd_flag 
_chem_comp.name 
_chem_comp.pdbx_synonyms 
_chem_comp.formula 
_chem_comp.formula_weight 
ALA 'L-peptide linking' y ALANINE                                                                           ? 'C3 H7 N O2'        
89.093  
APC non-polymer         . 'DIPHOSPHOMETHYLPHOSPHONIC ACID ADENOSYL ESTER'                                   
"ALPHA,BETA-METHYLENEADENOSINE-5'-TRIPHOSPHATE" 'C11 H18 N5 O12 P3' 505.208 
ARG 'L-peptide linking' y ARGININE                                                                          ? 'C6 H15 N4 O2 1'    
175.209 
ASN 'L-peptide linking' y ASPARAGINE                                                                        ? 'C4 H8 N2 O3'       
132.118 
ASP 'L-peptide linking' y 'ASPARTIC ACID'                                                                   ? 'C4 H7 N O4'        
133.103 
CYS 'L-peptide linking' y CYSTEINE                                                                          ? 'C3 H7 N O2 S'      
121.158 
GLN 'L-peptide linking' y GLUTAMINE                                                                         ? 'C5 H10 N2 O3'      
146.144 
GLU 'L-peptide linking' y 'GLUTAMIC ACID'                                                                   ? 'C5 H9 N O4'        
147.129 
GLY 'peptide linking'   y GLYCINE                                                                           ? 'C2 H5 N O2'        
75.067  
HIS 'L-peptide linking' y HISTIDINE                                                                         ? 'C6 H10 N3 O2 1'    
156.162 
HOH non-polymer         . WATER                                                                             ? 'H2 O'              
18.015  
ILE 'L-peptide linking' y ISOLEUCINE                                                                        ? 'C6 H13 N O2'       
131.173 
LEU 'L-peptide linking' y LEUCINE                                                                           ? 'C6 H13 N O2'       
131.173 
LYS 'L-peptide linking' y LYSINE                                                                            ? 'C6 H15 N2 O2 1'    
147.195 
MET 'L-peptide linking' y METHIONINE                                                                        ? 'C5 H11 N O2 S'     
149.211 
MG  non-polymer         . 'MAGNESIUM ION'                                                                   ? 'Mg 2'              
24.305  
NO3 non-polymer         . 'NITRATE ION'                                                                     ? 'N O3 -1'           
62.005  
PHE 'L-peptide linking' y PHENYLALANINE                                                                     ? 'C9 H11 N O2'       
165.189 
PRO 'L-peptide linking' y PROLINE                                                                           ? 'C5 H9 N O2'        
115.130 
SER 'L-peptide linking' y SERINE                                                                            ? 'C3 H7 N O3'        
105.093 
THR 'L-peptide linking' y THREONINE                                                                         ? 'C4 H9 N O3'        
119.119 
TRP 'L-peptide linking' y TRYPTOPHAN                                                                        ? 'C11 H12 N2 O2'     
204.225 
TYR 'L-peptide linking' y TYROSINE                                                                          ? 'C9 H11 N O3'       
181.189 
VAL 'L-peptide linking' y VALINE                                                                            ? 'C5 H11 N O2'       
117.146 
YH5 non-polymer         . '2-amino-8-{[2-(4-methoxyphenyl)-2-oxoethyl]sulfanyl}-1,9-dihydro-6H-purin-6-one' ? 'C14 H13 N5 O3 S'   
331.350 
# 
_exptl.entry_id          4CRJ 
_exptl.method            'X-RAY DIFFRACTION' 
_exptl.crystals_number   1 
# 
_exptl_crystal.id                    1 
_exptl_crystal.density_meas          ? 
_exptl_crystal.density_Matthews      2.83 
_exptl_crystal.density_percent_sol   58.6 
_exptl_crystal.description           NONE 
_exptl_crystal.preparation           ? 
# 
_exptl_crystal_grow.crystal_id      1 
_exptl_crystal_grow.method          'VAPOR DIFFUSION, SITTING DROP' 
_exptl_crystal_grow.temp            281 
_exptl_crystal_grow.temp_details    ? 
_exptl_crystal_grow.pH              8 
_exptl_crystal_grow.pdbx_pH_range   ? 
_exptl_crystal_grow.pdbx_details    
'PROTEIN 7.5 MG/ML PLUS 1MM AMPCPP PLUS 1MM INHIBITOR, AMMONIUM SULFATE 0.275 M, PEG4000 22.1% W/V, SITTING DROP, 281 K' 
# 
_diffrn.id                               1 
_diffrn.ambient_temp                     100 
_diffrn.ambient_temp_details             ? 
_diffrn.crystal_id                       1 
_diffrn.pdbx_serial_crystal_experiment   ? 
# 
_diffrn_detector.diffrn_id              1 
_diffrn_detector.detector               CCD 
_diffrn_detector.type                   'ADSC CCD' 
_diffrn_detector.pdbx_collection_date   2013-08-22 
_diffrn_detector.details                ? 
# 
_diffrn_radiation.diffrn_id                        1 
_diffrn_radiation.wavelength_id                    1 
_diffrn_radiation.pdbx_monochromatic_or_laue_m_l   M 
_diffrn_radiation.monochromator                    ? 
_diffrn_radiation.pdbx_diffrn_protocol             'SINGLE WAVELENGTH' 
_diffrn_radiation.pdbx_scattering_type             x-ray 
# 
_diffrn_radiation_wavelength.id           1 
_diffrn_radiation_wavelength.wavelength   0.95370 
_diffrn_radiation_wavelength.wt           1.0 
# 
_diffrn_source.diffrn_id                   1 
_diffrn_source.source                      SYNCHROTRON 
_diffrn_source.type                        'AUSTRALIAN SYNCHROTRON BEAMLINE MX2' 
_diffrn_source.pdbx_synchrotron_site       'Australian Synchrotron' 
_diffrn_source.pdbx_synchrotron_beamline   MX2 
_diffrn_source.pdbx_wavelength             0.95370 
_diffrn_source.pdbx_wavelength_list        ? 
# 
_reflns.pdbx_diffrn_id               1 
_reflns.pdbx_ordinal                 1 
_reflns.entry_id                     4CRJ 
_reflns.observed_criterion_sigma_I   0.0 
_reflns.observed_criterion_sigma_F   ? 
_reflns.d_resolution_low             42.10 
_reflns.d_resolution_high            2.00 
_reflns.number_obs                   13792 
_reflns.number_all                   ? 
_reflns.percent_possible_obs         99.7 
_reflns.pdbx_Rmerge_I_obs            0.22 
_reflns.pdbx_Rsym_value              ? 
_reflns.pdbx_netI_over_sigmaI        12.20 
_reflns.B_iso_Wilson_estimate        ? 
_reflns.pdbx_redundancy              21.5 
# 
_reflns_shell.pdbx_diffrn_id         1 
_reflns_shell.pdbx_ordinal           1 
_reflns_shell.d_res_high             2.00 
_reflns_shell.d_res_low              2.11 
_reflns_shell.percent_possible_all   98.0 
_reflns_shell.Rmerge_I_obs           1.02 
_reflns_shell.pdbx_Rsym_value        ? 
_reflns_shell.meanI_over_sigI_obs    3.60 
_reflns_shell.pdbx_redundancy        19.7 
# 
_refine.pdbx_refine_id                           'X-RAY DIFFRACTION' 
_refine.entry_id                                 4CRJ 
_refine.pdbx_diffrn_id                           1 
_refine.pdbx_TLS_residual_ADP_flag               ? 
_refine.ls_number_reflns_obs                     13074 
_refine.ls_number_reflns_all                     ? 
_refine.pdbx_ls_sigma_I                          ? 
_refine.pdbx_ls_sigma_F                          . 
_refine.pdbx_data_cutoff_high_absF               ? 
_refine.pdbx_data_cutoff_low_absF                ? 
_refine.pdbx_data_cutoff_high_rms_absF           ? 
_refine.ls_d_res_low                             42.17 
_refine.ls_d_res_high                            2.00 
_refine.ls_percent_reflns_obs                    99.61 
_refine.ls_R_factor_obs                          0.16447 
_refine.ls_R_factor_all                          ? 
_refine.ls_R_factor_R_work                       0.16269 
_refine.ls_R_factor_R_free                       0.19961 
_refine.ls_R_factor_R_free_error                 ? 
_refine.ls_R_factor_R_free_error_details         ? 
_refine.ls_percent_reflns_R_free                 5.0 
_refine.ls_number_reflns_R_free                  685 
_refine.ls_number_parameters                     ? 
_refine.ls_number_restraints                     ? 
_refine.occupancy_min                            ? 
_refine.occupancy_max                            ? 
_refine.correlation_coeff_Fo_to_Fc               0.963 
_refine.correlation_coeff_Fo_to_Fc_free          0.945 
_refine.B_iso_mean                               27.368 
_refine.aniso_B[1][1]                            0.89 
_refine.aniso_B[2][2]                            0.89 
_refine.aniso_B[3][3]                            -2.89 
_refine.aniso_B[1][2]                            0.89 
_refine.aniso_B[1][3]                            0.00 
_refine.aniso_B[2][3]                            0.00 
_refine.solvent_model_details                    MASK 
_refine.solvent_model_param_ksol                 ? 
_refine.solvent_model_param_bsol                 ? 
_refine.pdbx_solvent_vdw_probe_radii             1.20 
_refine.pdbx_solvent_ion_probe_radii             0.80 
_refine.pdbx_solvent_shrinkage_radii             0.80 
_refine.pdbx_ls_cross_valid_method               THROUGHOUT 
_refine.details                                  'HYDROGENS HAVE BEEN ADDED IN THE RIDING POSITIONS. U VALUES REFINED INDIVIDUALLY' 
_refine.pdbx_starting_model                      'PDB ENTRY 4AD6' 
_refine.pdbx_method_to_determine_struct          'MOLECULAR REPLACEMENT' 
_refine.pdbx_isotropic_thermal_model             ? 
_refine.pdbx_stereochemistry_target_values       'MAXIMUM LIKELIHOOD' 
_refine.pdbx_stereochem_target_val_spec_case     ? 
_refine.pdbx_R_Free_selection_details            RANDOM 
_refine.pdbx_overall_ESU_R                       0.146 
_refine.pdbx_overall_ESU_R_Free                  0.135 
_refine.overall_SU_ML                            0.087 
_refine.pdbx_overall_phase_error                 ? 
_refine.overall_SU_B                             3.080 
_refine.overall_SU_R_Cruickshank_DPI             ? 
_refine.pdbx_overall_SU_R_free_Cruickshank_DPI   ? 
_refine.pdbx_overall_SU_R_Blow_DPI               ? 
_refine.pdbx_overall_SU_R_free_Blow_DPI          ? 
# 
_refine_hist.pdbx_refine_id                   'X-RAY DIFFRACTION' 
_refine_hist.cycle_id                         LAST 
_refine_hist.pdbx_number_atoms_protein        1273 
_refine_hist.pdbx_number_atoms_nucleic_acid   0 
_refine_hist.pdbx_number_atoms_ligand         60 
_refine_hist.number_atoms_solvent             83 
_refine_hist.number_atoms_total               1416 
_refine_hist.d_res_high                       2.00 
_refine_hist.d_res_low                        42.17 
# 
loop_
_refine_ls_restr.type 
_refine_ls_restr.dev_ideal 
_refine_ls_restr.dev_ideal_target 
_refine_ls_restr.weight 
_refine_ls_restr.number 
_refine_ls_restr.pdbx_refine_id 
_refine_ls_restr.pdbx_restraint_function 
r_bond_refined_d             0.006  0.019  ? 1376 'X-RAY DIFFRACTION' ? 
r_bond_other_d               0.001  0.020  ? 1315 'X-RAY DIFFRACTION' ? 
r_angle_refined_deg          1.362  2.043  ? 1878 'X-RAY DIFFRACTION' ? 
r_angle_other_deg            0.769  3.000  ? 3034 'X-RAY DIFFRACTION' ? 
r_dihedral_angle_1_deg       6.344  5.000  ? 162  'X-RAY DIFFRACTION' ? 
r_dihedral_angle_2_deg       34.750 24.918 ? 61   'X-RAY DIFFRACTION' ? 
r_dihedral_angle_3_deg       12.906 15.000 ? 244  'X-RAY DIFFRACTION' ? 
r_dihedral_angle_4_deg       14.001 15.000 ? 9    'X-RAY DIFFRACTION' ? 
r_chiral_restr               0.070  0.200  ? 212  'X-RAY DIFFRACTION' ? 
r_gen_planes_refined         0.005  0.021  ? 1549 'X-RAY DIFFRACTION' ? 
r_gen_planes_other           0.001  0.020  ? 289  'X-RAY DIFFRACTION' ? 
r_nbd_refined                ?      ?      ? ?    'X-RAY DIFFRACTION' ? 
r_nbd_other                  ?      ?      ? ?    'X-RAY DIFFRACTION' ? 
r_nbtor_refined              ?      ?      ? ?    'X-RAY DIFFRACTION' ? 
r_nbtor_other                ?      ?      ? ?    'X-RAY DIFFRACTION' ? 
r_xyhbond_nbd_refined        ?      ?      ? ?    'X-RAY DIFFRACTION' ? 
r_xyhbond_nbd_other          ?      ?      ? ?    'X-RAY DIFFRACTION' ? 
r_metal_ion_refined          ?      ?      ? ?    'X-RAY DIFFRACTION' ? 
r_metal_ion_other            ?      ?      ? ?    'X-RAY DIFFRACTION' ? 
r_symmetry_vdw_refined       ?      ?      ? ?    'X-RAY DIFFRACTION' ? 
r_symmetry_vdw_other         ?      ?      ? ?    'X-RAY DIFFRACTION' ? 
r_symmetry_hbond_refined     ?      ?      ? ?    'X-RAY DIFFRACTION' ? 
r_symmetry_hbond_other       ?      ?      ? ?    'X-RAY DIFFRACTION' ? 
r_symmetry_metal_ion_refined ?      ?      ? ?    'X-RAY DIFFRACTION' ? 
r_symmetry_metal_ion_other   ?      ?      ? ?    'X-RAY DIFFRACTION' ? 
r_mcbond_it                  ?      ?      ? ?    'X-RAY DIFFRACTION' ? 
r_mcbond_other               ?      ?      ? ?    'X-RAY DIFFRACTION' ? 
r_mcangle_it                 ?      ?      ? ?    'X-RAY DIFFRACTION' ? 
r_mcangle_other              ?      ?      ? ?    'X-RAY DIFFRACTION' ? 
r_scbond_it                  ?      ?      ? ?    'X-RAY DIFFRACTION' ? 
r_scbond_other               ?      ?      ? ?    'X-RAY DIFFRACTION' ? 
r_scangle_it                 ?      ?      ? ?    'X-RAY DIFFRACTION' ? 
r_scangle_other              ?      ?      ? ?    'X-RAY DIFFRACTION' ? 
r_long_range_B_refined       ?      ?      ? ?    'X-RAY DIFFRACTION' ? 
r_long_range_B_other         ?      ?      ? ?    'X-RAY DIFFRACTION' ? 
r_rigid_bond_restr           ?      ?      ? ?    'X-RAY DIFFRACTION' ? 
r_sphericity_free            ?      ?      ? ?    'X-RAY DIFFRACTION' ? 
r_sphericity_bonded          ?      ?      ? ?    'X-RAY DIFFRACTION' ? 
# 
_refine_ls_shell.pdbx_refine_id                   'X-RAY DIFFRACTION' 
_refine_ls_shell.pdbx_total_number_of_bins_used   20 
_refine_ls_shell.d_res_high                       1.999 
_refine_ls_shell.d_res_low                        2.051 
_refine_ls_shell.number_reflns_R_work             929 
_refine_ls_shell.R_factor_R_work                  0.239 
_refine_ls_shell.percent_reflns_obs               96.05 
_refine_ls_shell.R_factor_R_free                  0.238 
_refine_ls_shell.R_factor_R_free_error            ? 
_refine_ls_shell.percent_reflns_R_free            ? 
_refine_ls_shell.number_reflns_R_free             43 
_refine_ls_shell.number_reflns_all                ? 
_refine_ls_shell.R_factor_all                     ? 
# 
_struct.entry_id                  4CRJ 
_struct.title                     
'Staphylococcus aureus 7,8-Dihydro-6-hydroxymethylpterin- pyrophosphokinase in complex with AMPCPP and an inhibitor' 
_struct.pdbx_model_details        ? 
_struct.pdbx_CASP_flag            ? 
_struct.pdbx_model_type_details   ? 
# 
_struct_keywords.entry_id        4CRJ 
_struct_keywords.pdbx_keywords   TRANSFERASE 
_struct_keywords.text            'TRANSFERASE, FOLATE, STRUCTURE-BASED DRUG DESIGN' 
# 
loop_
_struct_asym.id 
_struct_asym.pdbx_blank_PDB_chainid_flag 
_struct_asym.pdbx_modified 
_struct_asym.entity_id 
_struct_asym.details 
A N N 1 ? 
B N N 2 ? 
C N N 3 ? 
D N N 3 ? 
E N N 4 ? 
F N N 5 ? 
G N N 6 ? 
# 
loop_
_struct_conf.conf_type_id 
_struct_conf.id 
_struct_conf.pdbx_PDB_helix_id 
_struct_conf.beg_label_comp_id 
_struct_conf.beg_label_asym_id 
_struct_conf.beg_label_seq_id 
_struct_conf.pdbx_beg_PDB_ins_code 
_struct_conf.end_label_comp_id 
_struct_conf.end_label_asym_id 
_struct_conf.end_label_seq_id 
_struct_conf.pdbx_end_PDB_ins_code 
_struct_conf.beg_auth_comp_id 
_struct_conf.beg_auth_asym_id 
_struct_conf.beg_auth_seq_id 
_struct_conf.end_auth_comp_id 
_struct_conf.end_auth_asym_id 
_struct_conf.end_auth_seq_id 
_struct_conf.pdbx_PDB_helix_class 
_struct_conf.details 
_struct_conf.pdbx_PDB_helix_length 
HELX_P HELX_P1 1 ASP A 17  ? TYR A 32  ? ASP A 14  TYR A 29  1 ? 16 
HELX_P HELX_P2 2 THR A 69  ? LEU A 84  ? THR A 66  LEU A 81  1 ? 16 
HELX_P HELX_P3 3 ARG A 120 ? GLU A 123 ? ARG A 117 GLU A 120 5 ? 4  
HELX_P HELX_P4 4 ARG A 124 ? ALA A 136 ? ARG A 121 ALA A 133 1 ? 13 
HELX_P HELX_P5 5 VAL A 147 ? VAL A 151 ? VAL A 144 VAL A 148 1 ? 5  
# 
_struct_conf_type.id          HELX_P 
_struct_conf_type.criteria    ? 
_struct_conf_type.reference   ? 
# 
loop_
_struct_conn.id 
_struct_conn.conn_type_id 
_struct_conn.pdbx_leaving_atom_flag 
_struct_conn.pdbx_PDB_id 
_struct_conn.ptnr1_label_asym_id 
_struct_conn.ptnr1_label_comp_id 
_struct_conn.ptnr1_label_seq_id 
_struct_conn.ptnr1_label_atom_id 
_struct_conn.pdbx_ptnr1_label_alt_id 
_struct_conn.pdbx_ptnr1_PDB_ins_code 
_struct_conn.pdbx_ptnr1_standard_comp_id 
_struct_conn.ptnr1_symmetry 
_struct_conn.ptnr2_label_asym_id 
_struct_conn.ptnr2_label_comp_id 
_struct_conn.ptnr2_label_seq_id 
_struct_conn.ptnr2_label_atom_id 
_struct_conn.pdbx_ptnr2_label_alt_id 
_struct_conn.pdbx_ptnr2_PDB_ins_code 
_struct_conn.ptnr1_auth_asym_id 
_struct_conn.ptnr1_auth_comp_id 
_struct_conn.ptnr1_auth_seq_id 
_struct_conn.ptnr2_auth_asym_id 
_struct_conn.ptnr2_auth_comp_id 
_struct_conn.ptnr2_auth_seq_id 
_struct_conn.ptnr2_symmetry 
_struct_conn.pdbx_ptnr3_label_atom_id 
_struct_conn.pdbx_ptnr3_label_seq_id 
_struct_conn.pdbx_ptnr3_label_comp_id 
_struct_conn.pdbx_ptnr3_label_asym_id 
_struct_conn.pdbx_ptnr3_label_alt_id 
_struct_conn.pdbx_ptnr3_PDB_ins_code 
_struct_conn.details 
_struct_conn.pdbx_dist_value 
_struct_conn.pdbx_value_order 
_struct_conn.pdbx_role 
metalc1  metalc ? ? A ASP 98  OD1 ? ? ? 1_555 C MG  . MG ? ? A ASP 95   A MG  1160 1_555 ? ? ? ? ? ? ? 2.149 ? ? 
metalc2  metalc ? ? A ASP 98  OD2 ? ? ? 1_555 D MG  . MG ? ? A ASP 95   A MG  1161 1_555 ? ? ? ? ? ? ? 2.167 ? ? 
metalc3  metalc ? ? A ASP 100 OD1 ? ? ? 1_555 C MG  . MG ? ? A ASP 97   A MG  1160 1_555 ? ? ? ? ? ? ? 2.105 ? ? 
metalc4  metalc ? ? A ASP 100 OD2 ? ? ? 1_555 D MG  . MG ? ? A ASP 97   A MG  1161 1_555 ? ? ? ? ? ? ? 2.049 ? ? 
metalc5  metalc ? ? B APC .   O1A ? ? ? 1_555 C MG  . MG ? ? A APC 1159 A MG  1160 1_555 ? ? ? ? ? ? ? 2.076 ? ? 
metalc6  metalc ? ? B APC .   O1B ? ? ? 1_555 C MG  . MG ? ? A APC 1159 A MG  1160 1_555 ? ? ? ? ? ? ? 2.057 ? ? 
metalc7  metalc ? ? B APC .   O1B ? ? ? 1_555 D MG  . MG ? ? A APC 1159 A MG  1161 1_555 ? ? ? ? ? ? ? 2.180 ? ? 
metalc8  metalc ? ? B APC .   O1G ? ? ? 1_555 D MG  . MG ? ? A APC 1159 A MG  1161 1_555 ? ? ? ? ? ? ? 2.066 ? ? 
metalc9  metalc ? ? C MG  .   MG  ? ? ? 1_555 G HOH . O  ? ? A MG  1160 A HOH 2034 1_555 ? ? ? ? ? ? ? 2.095 ? ? 
metalc10 metalc ? ? C MG  .   MG  ? ? ? 1_555 G HOH . O  ? ? A MG  1160 A HOH 2047 1_555 ? ? ? ? ? ? ? 2.065 ? ? 
metalc11 metalc ? ? D MG  .   MG  ? ? ? 1_555 G HOH . O  ? ? A MG  1161 A HOH 2045 1_555 ? ? ? ? ? ? ? 2.112 ? ? 
metalc12 metalc ? ? D MG  .   MG  ? ? ? 1_555 G HOH . O  ? ? A MG  1161 A HOH 2046 1_555 ? ? ? ? ? ? ? 2.148 ? ? 
# 
_struct_conn_type.id          metalc 
_struct_conn_type.criteria    ? 
_struct_conn_type.reference   ? 
# 
_struct_mon_prot_cis.pdbx_id                1 
_struct_mon_prot_cis.label_comp_id          VAL 
_struct_mon_prot_cis.label_seq_id           116 
_struct_mon_prot_cis.label_asym_id          A 
_struct_mon_prot_cis.label_alt_id           . 
_struct_mon_prot_cis.pdbx_PDB_ins_code      ? 
_struct_mon_prot_cis.auth_comp_id           VAL 
_struct_mon_prot_cis.auth_seq_id            113 
_struct_mon_prot_cis.auth_asym_id           A 
_struct_mon_prot_cis.pdbx_label_comp_id_2   PRO 
_struct_mon_prot_cis.pdbx_label_seq_id_2    117 
_struct_mon_prot_cis.pdbx_label_asym_id_2   A 
_struct_mon_prot_cis.pdbx_PDB_ins_code_2    ? 
_struct_mon_prot_cis.pdbx_auth_comp_id_2    PRO 
_struct_mon_prot_cis.pdbx_auth_seq_id_2     114 
_struct_mon_prot_cis.pdbx_auth_asym_id_2    A 
_struct_mon_prot_cis.pdbx_PDB_model_num     1 
_struct_mon_prot_cis.pdbx_omega_angle       -4.83 
# 
loop_
_struct_sheet.id 
_struct_sheet.type 
_struct_sheet.number_strands 
_struct_sheet.details 
AA ? 2 ? 
AB ? 5 ? 
AC ? 4 ? 
AD ? 2 ? 
AE ? 2 ? 
# 
loop_
_struct_sheet_order.sheet_id 
_struct_sheet_order.range_id_1 
_struct_sheet_order.range_id_2 
_struct_sheet_order.offset 
_struct_sheet_order.sense 
AA 1 2 ? anti-parallel 
AB 1 2 ? anti-parallel 
AB 2 3 ? anti-parallel 
AB 3 4 ? anti-parallel 
AB 4 5 ? anti-parallel 
AC 1 2 ? anti-parallel 
AC 2 3 ? anti-parallel 
AC 3 4 ? anti-parallel 
AD 1 2 ? anti-parallel 
AE 1 2 ? anti-parallel 
# 
loop_
_struct_sheet_range.sheet_id 
_struct_sheet_range.id 
_struct_sheet_range.beg_label_comp_id 
_struct_sheet_range.beg_label_asym_id 
_struct_sheet_range.beg_label_seq_id 
_struct_sheet_range.pdbx_beg_PDB_ins_code 
_struct_sheet_range.end_label_comp_id 
_struct_sheet_range.end_label_asym_id 
_struct_sheet_range.end_label_seq_id 
_struct_sheet_range.pdbx_end_PDB_ins_code 
_struct_sheet_range.beg_auth_comp_id 
_struct_sheet_range.beg_auth_asym_id 
_struct_sheet_range.beg_auth_seq_id 
_struct_sheet_range.end_auth_comp_id 
_struct_sheet_range.end_auth_asym_id 
_struct_sheet_range.end_auth_seq_id 
AA 1 ILE A 35  ? ILE A 40  ? ILE A 32  ILE A 37  
AA 2 PHE A 57  ? THR A 66  ? PHE A 54  THR A 63  
AB 1 ASP A 98  ? TYR A 104 ? ASP A 95  TYR A 101 
AB 2 ILE A 5   ? SER A 13  ? ILE A 2   SER A 10  
AB 3 PHE A 57  ? THR A 66  ? PHE A 54  THR A 63  
AB 4 ILE A 43  ? THR A 46  ? ILE A 40  THR A 43  
AB 5 VAL A 157 ? LYS A 161 ? VAL A 154 LYS A 158 
AC 1 ASP A 98  ? TYR A 104 ? ASP A 95  TYR A 101 
AC 2 ILE A 5   ? SER A 13  ? ILE A 2   SER A 10  
AC 3 PHE A 57  ? THR A 66  ? PHE A 54  THR A 63  
AC 4 ILE A 35  ? ILE A 40  ? ILE A 32  ILE A 37  
AD 1 ILE A 109 ? LEU A 111 ? ILE A 106 LEU A 108 
AD 2 LEU A 114 ? VAL A 116 ? LEU A 111 VAL A 113 
AE 1 VAL A 139 ? GLU A 140 ? VAL A 136 GLU A 137 
AE 2 LEU A 145 ? LYS A 146 ? LEU A 142 LYS A 143 
# 
loop_
_pdbx_struct_sheet_hbond.sheet_id 
_pdbx_struct_sheet_hbond.range_id_1 
_pdbx_struct_sheet_hbond.range_id_2 
_pdbx_struct_sheet_hbond.range_1_label_atom_id 
_pdbx_struct_sheet_hbond.range_1_label_comp_id 
_pdbx_struct_sheet_hbond.range_1_label_asym_id 
_pdbx_struct_sheet_hbond.range_1_label_seq_id 
_pdbx_struct_sheet_hbond.range_1_PDB_ins_code 
_pdbx_struct_sheet_hbond.range_1_auth_atom_id 
_pdbx_struct_sheet_hbond.range_1_auth_comp_id 
_pdbx_struct_sheet_hbond.range_1_auth_asym_id 
_pdbx_struct_sheet_hbond.range_1_auth_seq_id 
_pdbx_struct_sheet_hbond.range_2_label_atom_id 
_pdbx_struct_sheet_hbond.range_2_label_comp_id 
_pdbx_struct_sheet_hbond.range_2_label_asym_id 
_pdbx_struct_sheet_hbond.range_2_label_seq_id 
_pdbx_struct_sheet_hbond.range_2_PDB_ins_code 
_pdbx_struct_sheet_hbond.range_2_auth_atom_id 
_pdbx_struct_sheet_hbond.range_2_auth_comp_id 
_pdbx_struct_sheet_hbond.range_2_auth_asym_id 
_pdbx_struct_sheet_hbond.range_2_auth_seq_id 
AA 1 2 N SER A 38  ? N SER A 35  O GLU A 63  ? O GLU A 60  
AB 1 2 N LEU A 102 ? N LEU A 99  O TYR A 8   ? O TYR A 5   
AB 2 3 N SER A 13  ? N SER A 10  O LEU A 58  ? O LEU A 55  
AB 3 4 N ASN A 59  ? N ASN A 56  O TYR A 44  ? O TYR A 41  
AB 4 5 N GLU A 45  ? N GLU A 42  O LYS A 158 ? O LYS A 155 
AC 1 2 N LEU A 102 ? N LEU A 99  O TYR A 8   ? O TYR A 5   
AC 2 3 N SER A 13  ? N SER A 10  O LEU A 58  ? O LEU A 55  
AC 3 4 N GLN A 65  ? N GLN A 62  O SER A 36  ? O SER A 33  
AD 1 2 N LEU A 111 ? N LEU A 108 O LEU A 114 ? O LEU A 111 
AE 1 2 N GLU A 140 ? N GLU A 137 O LEU A 145 ? O LEU A 142 
# 
loop_
_struct_site.id 
_struct_site.pdbx_evidence_code 
_struct_site.pdbx_auth_asym_id 
_struct_site.pdbx_auth_comp_id 
_struct_site.pdbx_auth_seq_id 
_struct_site.pdbx_auth_ins_code 
_struct_site.pdbx_num_residues 
_struct_site.details 
AC1 Software A APC 1159 ? 23 'BINDING SITE FOR RESIDUE APC A 1159' 
AC2 Software A MG  1160 ? 6  'BINDING SITE FOR RESIDUE MG A 1160'  
AC3 Software A MG  1161 ? 6  'BINDING SITE FOR RESIDUE MG A 1161'  
AC4 Software A NO3 1162 ? 6  'BINDING SITE FOR RESIDUE NO3 A 1162' 
AC5 Software A YH5 1163 ? 14 'BINDING SITE FOR RESIDUE YH5 A 1163' 
# 
loop_
_struct_site_gen.id 
_struct_site_gen.site_id 
_struct_site_gen.pdbx_num_res 
_struct_site_gen.label_comp_id 
_struct_site_gen.label_asym_id 
_struct_site_gen.label_seq_id 
_struct_site_gen.pdbx_auth_ins_code 
_struct_site_gen.auth_comp_id 
_struct_site_gen.auth_asym_id 
_struct_site_gen.auth_seq_id 
_struct_site_gen.label_atom_id 
_struct_site_gen.label_alt_id 
_struct_site_gen.symmetry 
_struct_site_gen.details 
1  AC1 23 LEU A 74  ? LEU A 71   . ? 1_555 ? 
2  AC1 23 ARG A 86  ? ARG A 83   . ? 1_555 ? 
3  AC1 23 ARG A 91  ? ARG A 88   . ? 1_555 ? 
4  AC1 23 ARG A 95  ? ARG A 92   . ? 1_555 ? 
5  AC1 23 ASP A 98  ? ASP A 95   . ? 1_555 ? 
6  AC1 23 ASP A 100 ? ASP A 97   . ? 1_555 ? 
7  AC1 23 ILE A 101 ? ILE A 98   . ? 1_555 ? 
8  AC1 23 LYS A 113 ? LYS A 110  . ? 1_555 ? 
9  AC1 23 LEU A 114 ? LEU A 111  . ? 1_555 ? 
10 AC1 23 SER A 115 ? SER A 112  . ? 1_555 ? 
11 AC1 23 HIS A 118 ? HIS A 115  . ? 1_555 ? 
12 AC1 23 ARG A 120 ? ARG A 117  . ? 1_555 ? 
13 AC1 23 ARG A 124 ? ARG A 121  . ? 1_555 ? 
14 AC1 23 MG  C .   ? MG  A 1160 . ? 1_555 ? 
15 AC1 23 MG  D .   ? MG  A 1161 . ? 1_555 ? 
16 AC1 23 HOH G .   ? HOH A 2033 . ? 1_555 ? 
17 AC1 23 HOH G .   ? HOH A 2034 . ? 1_555 ? 
18 AC1 23 HOH G .   ? HOH A 2039 . ? 1_555 ? 
19 AC1 23 HOH G .   ? HOH A 2040 . ? 1_555 ? 
20 AC1 23 HOH G .   ? HOH A 2041 . ? 1_555 ? 
21 AC1 23 HOH G .   ? HOH A 2045 . ? 1_555 ? 
22 AC1 23 HOH G .   ? HOH A 2047 . ? 1_555 ? 
23 AC1 23 HOH G .   ? HOH A 2083 . ? 1_555 ? 
24 AC2 6  ASP A 98  ? ASP A 95   . ? 1_555 ? 
25 AC2 6  ASP A 100 ? ASP A 97   . ? 1_555 ? 
26 AC2 6  APC B .   ? APC A 1159 . ? 1_555 ? 
27 AC2 6  MG  D .   ? MG  A 1161 . ? 1_555 ? 
28 AC2 6  HOH G .   ? HOH A 2034 . ? 1_555 ? 
29 AC2 6  HOH G .   ? HOH A 2047 . ? 1_555 ? 
30 AC3 6  ASP A 98  ? ASP A 95   . ? 1_555 ? 
31 AC3 6  ASP A 100 ? ASP A 97   . ? 1_555 ? 
32 AC3 6  APC B .   ? APC A 1159 . ? 1_555 ? 
33 AC3 6  MG  C .   ? MG  A 1160 . ? 1_555 ? 
34 AC3 6  HOH G .   ? HOH A 2045 . ? 1_555 ? 
35 AC3 6  HOH G .   ? HOH A 2046 . ? 1_555 ? 
36 AC4 6  ILE A 15  ? ILE A 12   . ? 1_555 ? 
37 AC4 6  ARG A 86  ? ARG A 83   . ? 1_555 ? 
38 AC4 6  ILE A 87  ? ILE A 84   . ? 1_555 ? 
39 AC4 6  ARG A 88  ? ARG A 85   . ? 1_555 ? 
40 AC4 6  ARG A 95  ? ARG A 92   . ? 1_555 ? 
41 AC4 6  THR A 96  ? THR A 93   . ? 1_555 ? 
42 AC5 14 THR A 46  ? THR A 43   . ? 1_555 ? 
43 AC5 14 ALA A 47  ? ALA A 44   . ? 1_555 ? 
44 AC5 14 PRO A 48  ? PRO A 45   . ? 1_555 ? 
45 AC5 14 VAL A 49  ? VAL A 46   . ? 1_555 ? 
46 AC5 14 GLY A 50  ? GLY A 47   . ? 1_555 ? 
47 AC5 14 PHE A 57  ? PHE A 54   . ? 1_555 ? 
48 AC5 14 ASN A 59  ? ASN A 56   . ? 1_555 ? 
49 AC5 14 GLU A 107 ? GLU A 104  . ? 2_545 ? 
50 AC5 14 MET A 108 ? MET A 105  . ? 2_545 ? 
51 AC5 14 ILE A 109 ? ILE A 106  . ? 2_545 ? 
52 AC5 14 ARG A 124 ? ARG A 121  . ? 1_555 ? 
53 AC5 14 PHE A 126 ? PHE A 123  . ? 1_555 ? 
54 AC5 14 HOH G .   ? HOH A 2044 . ? 1_555 ? 
55 AC5 14 HOH G .   ? HOH A 2045 . ? 1_555 ? 
# 
_atom_sites.entry_id                    4CRJ 
_atom_sites.fract_transf_matrix[1][1]   0.00773167 
_atom_sites.fract_transf_matrix[1][2]   0.01165085 
_atom_sites.fract_transf_matrix[1][3]   0.00068587 
_atom_sites.fract_transf_matrix[2][1]   0.00419445 
_atom_sites.fract_transf_matrix[2][2]   0.00632061 
_atom_sites.fract_transf_matrix[2][3]   -0.01176676 
_atom_sites.fract_transf_matrix[3][1]   -0.01597037 
_atom_sites.fract_transf_matrix[3][2]   0.01059816 
_atom_sites.fract_transf_matrix[3][3]   0.00000000 
_atom_sites.fract_transf_vector[1]      0.122906 
_atom_sites.fract_transf_vector[2]      -0.386022 
_atom_sites.fract_transf_vector[3]      -0.096648 
# 
loop_
_atom_type.symbol 
C  
MG 
N  
O  
P  
S  
# 
loop_
_atom_site.group_PDB 
_atom_site.id 
_atom_site.type_symbol 
_atom_site.label_atom_id 
_atom_site.label_alt_id 
_atom_site.label_comp_id 
_atom_site.label_asym_id 
_atom_site.label_entity_id 
_atom_site.label_seq_id 
_atom_site.pdbx_PDB_ins_code 
_atom_site.Cartn_x 
_atom_site.Cartn_y 
_atom_site.Cartn_z 
_atom_site.occupancy 
_atom_site.B_iso_or_equiv 
_atom_site.pdbx_formal_charge 
_atom_site.auth_seq_id 
_atom_site.auth_comp_id 
_atom_site.auth_asym_id 
_atom_site.auth_atom_id 
_atom_site.pdbx_PDB_model_num 
ATOM   1    N  N     . HIS A 1 3   ? 17.772  -3.669  -15.143 1.00 45.88 ? 0    HIS A N     1 
ATOM   2    C  CA    . HIS A 1 3   ? 17.944  -3.599  -13.659 1.00 40.93 ? 0    HIS A CA    1 
ATOM   3    C  C     . HIS A 1 3   ? 16.696  -3.046  -12.966 1.00 38.92 ? 0    HIS A C     1 
ATOM   4    O  O     . HIS A 1 3   ? 16.122  -2.036  -13.385 1.00 37.08 ? 0    HIS A O     1 
ATOM   5    C  CB    . HIS A 1 3   ? 19.159  -2.748  -13.280 1.00 40.98 ? 0    HIS A CB    1 
ATOM   6    C  CG    . HIS A 1 3   ? 19.318  -2.553  -11.805 1.00 38.33 ? 0    HIS A CG    1 
ATOM   7    N  ND1   . HIS A 1 3   ? 19.887  -3.505  -10.987 1.00 38.57 ? 0    HIS A ND1   1 
ATOM   8    C  CD2   . HIS A 1 3   ? 18.964  -1.525  -10.997 1.00 36.81 ? 0    HIS A CD2   1 
ATOM   9    C  CE1   . HIS A 1 3   ? 19.886  -3.068  -9.739  1.00 38.21 ? 0    HIS A CE1   1 
ATOM   10   N  NE2   . HIS A 1 3   ? 19.329  -1.870  -9.718  1.00 37.45 ? 0    HIS A NE2   1 
ATOM   11   N  N     . MET A 1 4   ? 16.312  -3.694  -11.875 1.00 37.81 ? 1    MET A N     1 
ATOM   12   C  CA    . MET A 1 4   ? 15.052  -3.392  -11.219 1.00 37.21 ? 1    MET A CA    1 
ATOM   13   C  C     . MET A 1 4   ? 15.265  -2.843  -9.824  1.00 35.50 ? 1    MET A C     1 
ATOM   14   O  O     . MET A 1 4   ? 16.197  -3.245  -9.126  1.00 35.26 ? 1    MET A O     1 
ATOM   15   C  CB    . MET A 1 4   ? 14.201  -4.653  -11.153 1.00 38.18 ? 1    MET A CB    1 
ATOM   16   C  CG    . MET A 1 4   ? 13.561  -4.990  -12.487 1.00 43.41 ? 1    MET A CG    1 
ATOM   17   S  SD    . MET A 1 4   ? 12.868  -6.649  -12.533 1.00 52.68 ? 1    MET A SD    1 
ATOM   18   C  CE    . MET A 1 4   ? 11.417  -6.355  -13.547 1.00 56.55 ? 1    MET A CE    1 
ATOM   19   N  N     . ILE A 1 5   ? 14.398  -1.922  -9.422  1.00 31.40 ? 2    ILE A N     1 
ATOM   20   C  CA    . ILE A 1 5   ? 14.419  -1.452  -8.047  1.00 30.58 ? 2    ILE A CA    1 
ATOM   21   C  C     . ILE A 1 5   ? 13.271  -2.093  -7.288  1.00 28.33 ? 2    ILE A C     1 
ATOM   22   O  O     . ILE A 1 5   ? 12.221  -2.417  -7.849  1.00 27.11 ? 2    ILE A O     1 
ATOM   23   C  CB    . ILE A 1 5   ? 14.432  0.091   -7.934  1.00 32.34 ? 2    ILE A CB    1 
ATOM   24   C  CG1   . ILE A 1 5   ? 14.920  0.505   -6.532  1.00 34.86 ? 2    ILE A CG1   1 
ATOM   25   C  CG2   . ILE A 1 5   ? 13.077  0.689   -8.274  1.00 31.46 ? 2    ILE A CG2   1 
ATOM   26   C  CD1   . ILE A 1 5   ? 15.113  1.998   -6.340  1.00 34.59 ? 2    ILE A CD1   1 
ATOM   27   N  N     . GLN A 1 6   ? 13.510  -2.305  -6.007  1.00 27.38 ? 3    GLN A N     1 
ATOM   28   C  CA    . GLN A 1 6   ? 12.555  -2.935  -5.141  1.00 28.09 ? 3    GLN A CA    1 
ATOM   29   C  C     . GLN A 1 6   ? 11.690  -1.843  -4.519  1.00 26.44 ? 3    GLN A C     1 
ATOM   30   O  O     . GLN A 1 6   ? 12.207  -0.911  -3.896  1.00 24.28 ? 3    GLN A O     1 
ATOM   31   C  CB    . GLN A 1 6   ? 13.308  -3.702  -4.074  1.00 30.06 ? 3    GLN A CB    1 
ATOM   32   C  CG    . GLN A 1 6   ? 12.440  -4.515  -3.155  1.00 33.93 ? 3    GLN A CG    1 
ATOM   33   C  CD    . GLN A 1 6   ? 13.267  -5.515  -2.383  1.00 38.35 ? 3    GLN A CD    1 
ATOM   34   O  OE1   . GLN A 1 6   ? 13.690  -6.537  -2.937  1.00 39.79 ? 3    GLN A OE1   1 
ATOM   35   N  NE2   . GLN A 1 6   ? 13.528  -5.218  -1.109  1.00 38.94 ? 3    GLN A NE2   1 
ATOM   36   N  N     . ALA A 1 7   ? 10.380  -1.946  -4.714  1.00 23.02 ? 4    ALA A N     1 
ATOM   37   C  CA    . ALA A 1 7   ? 9.438   -1.007  -4.123  1.00 20.25 ? 4    ALA A CA    1 
ATOM   38   C  C     . ALA A 1 7   ? 8.331   -1.743  -3.365  1.00 20.29 ? 4    ALA A C     1 
ATOM   39   O  O     . ALA A 1 7   ? 8.109   -2.946  -3.564  1.00 19.96 ? 4    ALA A O     1 
ATOM   40   C  CB    . ALA A 1 7   ? 8.852   -0.110  -5.191  1.00 20.22 ? 4    ALA A CB    1 
ATOM   41   N  N     . TYR A 1 8   ? 7.645   -1.013  -2.489  1.00 19.11 ? 5    TYR A N     1 
ATOM   42   C  CA    . TYR A 1 8   ? 6.565   -1.587  -1.692  1.00 20.03 ? 5    TYR A CA    1 
ATOM   43   C  C     . TYR A 1 8   ? 5.323   -0.740  -1.837  1.00 20.09 ? 5    TYR A C     1 
ATOM   44   O  O     . TYR A 1 8   ? 5.393   0.492   -1.753  1.00 19.52 ? 5    TYR A O     1 
ATOM   45   C  CB    . TYR A 1 8   ? 6.963   -1.725  -0.216  1.00 19.00 ? 5    TYR A CB    1 
ATOM   46   C  CG    . TYR A 1 8   ? 8.047   -2.740  -0.018  1.00 20.60 ? 5    TYR A CG    1 
ATOM   47   C  CD1   . TYR A 1 8   ? 9.389   -2.384  -0.131  1.00 20.86 ? 5    TYR A CD1   1 
ATOM   48   C  CD2   . TYR A 1 8   ? 7.736   -4.077  0.212   1.00 21.55 ? 5    TYR A CD2   1 
ATOM   49   C  CE1   . TYR A 1 8   ? 10.390  -3.323  0.017   1.00 22.23 ? 5    TYR A CE1   1 
ATOM   50   C  CE2   . TYR A 1 8   ? 8.728   -5.026  0.352   1.00 22.45 ? 5    TYR A CE2   1 
ATOM   51   C  CZ    . TYR A 1 8   ? 10.050  -4.648  0.259   1.00 23.80 ? 5    TYR A CZ    1 
ATOM   52   O  OH    . TYR A 1 8   ? 11.027  -5.597  0.411   1.00 26.60 ? 5    TYR A OH    1 
ATOM   53   N  N     . LEU A 1 9   ? 4.197   -1.410  -2.089  1.00 18.36 ? 6    LEU A N     1 
ATOM   54   C  CA    . LEU A 1 9   ? 2.913   -0.755  -2.235  1.00 17.49 ? 6    LEU A CA    1 
ATOM   55   C  C     . LEU A 1 9   ? 1.981   -1.192  -1.110  1.00 18.15 ? 6    LEU A C     1 
ATOM   56   O  O     . LEU A 1 9   ? 2.057   -2.320  -0.633  1.00 17.42 ? 6    LEU A O     1 
ATOM   57   C  CB    . LEU A 1 9   ? 2.266   -1.086  -3.577  1.00 17.89 ? 6    LEU A CB    1 
ATOM   58   C  CG    . LEU A 1 9   ? 3.080   -0.869  -4.847  1.00 18.09 ? 6    LEU A CG    1 
ATOM   59   C  CD1   . LEU A 1 9   ? 2.268   -1.313  -6.051  1.00 17.88 ? 6    LEU A CD1   1 
ATOM   60   C  CD2   . LEU A 1 9   ? 3.499   0.582   -4.994  1.00 17.75 ? 6    LEU A CD2   1 
ATOM   61   N  N     . GLY A 1 10  ? 1.123   -0.267  -0.678  1.00 18.69 ? 7    GLY A N     1 
ATOM   62   C  CA    . GLY A 1 10  ? 0.053   -0.561  0.272   1.00 18.31 ? 7    GLY A CA    1 
ATOM   63   C  C     . GLY A 1 10  ? -1.250  -0.543  -0.500  1.00 19.60 ? 7    GLY A C     1 
ATOM   64   O  O     . GLY A 1 10  ? -1.514  0.394   -1.250  1.00 19.15 ? 7    GLY A O     1 
ATOM   65   N  N     . LEU A 1 11  ? -2.041  -1.602  -0.337  1.00 20.34 ? 8    LEU A N     1 
ATOM   66   C  CA    . LEU A 1 11  ? -3.337  -1.732  -0.990  1.00 20.26 ? 8    LEU A CA    1 
ATOM   67   C  C     . LEU A 1 11  ? -4.447  -1.773  0.048   1.00 19.35 ? 8    LEU A C     1 
ATOM   68   O  O     . LEU A 1 11  ? -4.300  -2.398  1.086   1.00 18.93 ? 8    LEU A O     1 
ATOM   69   C  CB    . LEU A 1 11  ? -3.393  -3.012  -1.822  1.00 21.38 ? 8    LEU A CB    1 
ATOM   70   C  CG    . LEU A 1 11  ? -2.758  -2.939  -3.207  1.00 24.40 ? 8    LEU A CG    1 
ATOM   71   C  CD1   . LEU A 1 11  ? -1.255  -2.799  -3.128  1.00 24.89 ? 8    LEU A CD1   1 
ATOM   72   C  CD2   . LEU A 1 11  ? -3.110  -4.183  -4.006  1.00 27.28 ? 8    LEU A CD2   1 
ATOM   73   N  N     . GLY A 1 12  ? -5.556  -1.107  -0.255  1.00 19.60 ? 9    GLY A N     1 
ATOM   74   C  CA    . GLY A 1 12  ? -6.709  -1.070  0.629   1.00 20.22 ? 9    GLY A CA    1 
ATOM   75   C  C     . GLY A 1 12  ? -7.998  -1.106  -0.154  1.00 20.12 ? 9    GLY A C     1 
ATOM   76   O  O     . GLY A 1 12  ? -8.052  -0.645  -1.292  1.00 20.60 ? 9    GLY A O     1 
ATOM   77   N  N     . SER A 1 13  ? -9.037  -1.656  0.460   1.00 20.35 ? 10   SER A N     1 
ATOM   78   C  CA    . SER A 1 13  ? -10.378 -1.652  -0.133  1.00 20.19 ? 10   SER A CA    1 
ATOM   79   C  C     . SER A 1 13  ? -11.394 -1.722  0.987   1.00 18.99 ? 10   SER A C     1 
ATOM   80   O  O     . SER A 1 13  ? -11.258 -2.550  1.881   1.00 18.54 ? 10   SER A O     1 
ATOM   81   C  CB    . SER A 1 13  ? -10.566 -2.854  -1.077  1.00 20.41 ? 10   SER A CB    1 
ATOM   82   O  OG    . SER A 1 13  ? -11.891 -2.873  -1.617  1.00 21.42 ? 10   SER A OG    1 
ATOM   83   N  N     . ASN A 1 14  ? -12.404 -0.858  0.949   1.00 19.32 ? 11   ASN A N     1 
ATOM   84   C  CA    . ASN A 1 14  ? -13.492 -0.952  1.917   1.00 19.59 ? 11   ASN A CA    1 
ATOM   85   C  C     . ASN A 1 14  ? -14.885 -0.778  1.313   1.00 20.49 ? 11   ASN A C     1 
ATOM   86   O  O     . ASN A 1 14  ? -15.796 -0.331  1.986   1.00 21.45 ? 11   ASN A O     1 
ATOM   87   C  CB    . ASN A 1 14  ? -13.254 -0.012  3.111   1.00 19.27 ? 11   ASN A CB    1 
ATOM   88   C  CG    . ASN A 1 14  ? -13.540 1.453   2.793   1.00 17.71 ? 11   ASN A CG    1 
ATOM   89   O  OD1   . ASN A 1 14  ? -13.454 1.888   1.654   1.00 17.21 ? 11   ASN A OD1   1 
ATOM   90   N  ND2   . ASN A 1 14  ? -13.909 2.205   3.815   1.00 17.94 ? 11   ASN A ND2   1 
ATOM   91   N  N     . ILE A 1 15  ? -15.039 -1.150  0.043   1.00 21.81 ? 12   ILE A N     1 
ATOM   92   C  CA    . ILE A 1 15  ? -16.323 -1.081  -0.650  1.00 22.15 ? 12   ILE A CA    1 
ATOM   93   C  C     . ILE A 1 15  ? -16.496 -2.369  -1.445  1.00 23.14 ? 12   ILE A C     1 
ATOM   94   O  O     . ILE A 1 15  ? -15.645 -2.724  -2.264  1.00 21.82 ? 12   ILE A O     1 
ATOM   95   C  CB    . ILE A 1 15  ? -16.410 0.116   -1.637  1.00 23.49 ? 12   ILE A CB    1 
ATOM   96   C  CG1   . ILE A 1 15  ? -16.467 1.459   -0.901  1.00 23.20 ? 12   ILE A CG1   1 
ATOM   97   C  CG2   . ILE A 1 15  ? -17.633 -0.001  -2.560  1.00 23.31 ? 12   ILE A CG2   1 
ATOM   98   C  CD1   . ILE A 1 15  ? -17.714 1.673   -0.063  1.00 22.35 ? 12   ILE A CD1   1 
ATOM   99   N  N     . GLY A 1 16  ? -17.600 -3.066  -1.201  1.00 23.96 ? 13   GLY A N     1 
ATOM   100  C  CA    . GLY A 1 16  ? -17.983 -4.181  -2.054  1.00 23.79 ? 13   GLY A CA    1 
ATOM   101  C  C     . GLY A 1 16  ? -17.216 -5.439  -1.719  1.00 22.69 ? 13   GLY A C     1 
ATOM   102  O  O     . GLY A 1 16  ? -16.928 -5.709  -0.554  1.00 21.64 ? 13   GLY A O     1 
ATOM   103  N  N     . ASP A 1 17  ? -16.894 -6.209  -2.751  1.00 24.13 ? 14   ASP A N     1 
ATOM   104  C  CA    . ASP A 1 17  ? -16.194 -7.482  -2.599  1.00 24.85 ? 14   ASP A CA    1 
ATOM   105  C  C     . ASP A 1 17  ? -14.703 -7.149  -2.535  1.00 23.52 ? 14   ASP A C     1 
ATOM   106  O  O     . ASP A 1 17  ? -13.998 -7.172  -3.545  1.00 21.58 ? 14   ASP A O     1 
ATOM   107  C  CB    . ASP A 1 17  ? -16.537 -8.400  -3.779  1.00 26.39 ? 14   ASP A CB    1 
ATOM   108  C  CG    . ASP A 1 17  ? -15.886 -9.764  -3.687  1.00 27.67 ? 14   ASP A CG    1 
ATOM   109  O  OD1   . ASP A 1 17  ? -15.097 -10.021 -2.747  1.00 27.57 ? 14   ASP A OD1   1 
ATOM   110  O  OD2   . ASP A 1 17  ? -16.157 -10.587 -4.596  1.00 34.18 ? 14   ASP A OD2   1 
ATOM   111  N  N     . ARG A 1 18  ? -14.256 -6.827  -1.322  1.00 22.56 ? 15   ARG A N     1 
ATOM   112  C  CA    . ARG A 1 18  ? -12.941 -6.240  -1.083  1.00 22.21 ? 15   ARG A CA    1 
ATOM   113  C  C     . ARG A 1 18  ? -11.824 -7.186  -1.505  1.00 22.84 ? 15   ARG A C     1 
ATOM   114  O  O     . ARG A 1 18  ? -10.873 -6.774  -2.171  1.00 21.67 ? 15   ARG A O     1 
ATOM   115  C  CB    . ARG A 1 18  ? -12.787 -5.868  0.402   1.00 20.49 ? 15   ARG A CB    1 
ATOM   116  C  CG    . ARG A 1 18  ? -13.774 -4.810  0.876   1.00 19.60 ? 15   ARG A CG    1 
ATOM   117  C  CD    . ARG A 1 18  ? -13.852 -4.746  2.390   1.00 19.50 ? 15   ARG A CD    1 
ATOM   118  N  NE    . ARG A 1 18  ? -14.224 -6.027  2.977   1.00 18.25 ? 15   ARG A NE    1 
ATOM   119  C  CZ    . ARG A 1 18  ? -14.039 -6.355  4.256   1.00 18.20 ? 15   ARG A CZ    1 
ATOM   120  N  NH1   . ARG A 1 18  ? -13.481 -5.501  5.114   1.00 16.67 ? 15   ARG A NH1   1 
ATOM   121  N  NH2   . ARG A 1 18  ? -14.398 -7.559  4.685   1.00 18.30 ? 15   ARG A NH2   1 
ATOM   122  N  N     . GLU A 1 19  ? -11.959 -8.456  -1.143  1.00 22.65 ? 16   GLU A N     1 
ATOM   123  C  CA    . GLU A 1 19  ? -10.930 -9.441  -1.449  1.00 25.89 ? 16   GLU A CA    1 
ATOM   124  C  C     . GLU A 1 19  ? -10.745 -9.629  -2.943  1.00 26.02 ? 16   GLU A C     1 
ATOM   125  O  O     . GLU A 1 19  ? -9.615  -9.696  -3.430  1.00 25.67 ? 16   GLU A O     1 
ATOM   126  C  CB    . GLU A 1 19  ? -11.236 -10.789 -0.812  1.00 28.70 ? 16   GLU A CB    1 
ATOM   127  C  CG    . GLU A 1 19  ? -10.010 -11.688 -0.783  1.00 33.46 ? 16   GLU A CG    1 
ATOM   128  C  CD    . GLU A 1 19  ? -10.298 -13.073 -0.255  1.00 37.39 ? 16   GLU A CD    1 
ATOM   129  O  OE1   . GLU A 1 19  ? -11.331 -13.257 0.422   1.00 38.72 ? 16   GLU A OE1   1 
ATOM   130  O  OE2   . GLU A 1 19  ? -9.480  -13.973 -0.526  1.00 43.88 ? 16   GLU A OE2   1 
ATOM   131  N  N     . SER A 1 20  ? -11.852 -9.720  -3.664  1.00 25.73 ? 17   SER A N     1 
ATOM   132  C  CA    . SER A 1 20  ? -11.795 -9.890  -5.110  1.00 27.62 ? 17   SER A CA    1 
ATOM   133  C  C     . SER A 1 20  ? -11.169 -8.658  -5.786  1.00 27.49 ? 17   SER A C     1 
ATOM   134  O  O     . SER A 1 20  ? -10.423 -8.771  -6.756  1.00 27.22 ? 17   SER A O     1 
ATOM   135  C  CB    . SER A 1 20  ? -13.196 -10.176 -5.655  1.00 29.10 ? 17   SER A CB    1 
ATOM   136  O  OG    . SER A 1 20  ? -13.271 -9.893  -7.034  1.00 33.43 ? 17   SER A OG    1 
ATOM   137  N  N     . GLN A 1 21  ? -11.458 -7.478  -5.262  1.00 28.61 ? 18   GLN A N     1 
ATOM   138  C  CA    . GLN A 1 21  ? -10.898 -6.254  -5.828  1.00 29.39 ? 18   GLN A CA    1 
ATOM   139  C  C     . GLN A 1 21  ? -9.382  -6.157  -5.609  1.00 25.79 ? 18   GLN A C     1 
ATOM   140  O  O     . GLN A 1 21  ? -8.660  -5.747  -6.507  1.00 23.88 ? 18   GLN A O     1 
ATOM   141  C  CB    . GLN A 1 21  ? -11.617 -5.045  -5.259  1.00 31.62 ? 18   GLN A CB    1 
ATOM   142  C  CG    . GLN A 1 21  ? -13.030 -4.929  -5.814  1.00 35.21 ? 18   GLN A CG    1 
ATOM   143  C  CD    . GLN A 1 21  ? -13.934 -3.995  -5.038  1.00 36.34 ? 18   GLN A CD    1 
ATOM   144  O  OE1   . GLN A 1 21  ? -14.953 -3.555  -5.563  1.00 41.55 ? 18   GLN A OE1   1 
ATOM   145  N  NE2   . GLN A 1 21  ? -13.584 -3.694  -3.791  1.00 37.16 ? 18   GLN A NE2   1 
ATOM   146  N  N     . LEU A 1 22  ? -8.917  -6.553  -4.429  1.00 24.70 ? 19   LEU A N     1 
ATOM   147  C  CA    . LEU A 1 22  ? -7.485  -6.597  -4.135  1.00 24.54 ? 19   LEU A CA    1 
ATOM   148  C  C     . LEU A 1 22  ? -6.787  -7.628  -5.008  1.00 25.79 ? 19   LEU A C     1 
ATOM   149  O  O     . LEU A 1 22  ? -5.698  -7.380  -5.527  1.00 25.42 ? 19   LEU A O     1 
ATOM   150  C  CB    . LEU A 1 22  ? -7.242  -6.923  -2.660  1.00 22.94 ? 19   LEU A CB    1 
ATOM   151  C  CG    . LEU A 1 22  ? -7.673  -5.845  -1.659  1.00 22.67 ? 19   LEU A CG    1 
ATOM   152  C  CD1   . LEU A 1 22  ? -7.556  -6.382  -0.250  1.00 22.51 ? 19   LEU A CD1   1 
ATOM   153  C  CD2   . LEU A 1 22  ? -6.870  -4.557  -1.789  1.00 23.03 ? 19   LEU A CD2   1 
ATOM   154  N  N     . ASN A 1 23  ? -7.423  -8.780  -5.179  1.00 26.09 ? 20   ASN A N     1 
ATOM   155  C  CA    . ASN A 1 23  ? -6.876  -9.813  -6.039  1.00 28.46 ? 20   ASN A CA    1 
ATOM   156  C  C     . ASN A 1 23  ? -6.713  -9.310  -7.462  1.00 26.85 ? 20   ASN A C     1 
ATOM   157  O  O     . ASN A 1 23  ? -5.656  -9.477  -8.058  1.00 25.98 ? 20   ASN A O     1 
ATOM   158  C  CB    . ASN A 1 23  ? -7.757  -11.057 -6.029  1.00 33.08 ? 20   ASN A CB    1 
ATOM   159  C  CG    . ASN A 1 23  ? -7.090  -12.231 -6.706  1.00 38.74 ? 20   ASN A CG    1 
ATOM   160  O  OD1   . ASN A 1 23  ? -7.445  -12.599 -7.827  1.00 44.76 ? 20   ASN A OD1   1 
ATOM   161  N  ND2   . ASN A 1 23  ? -6.095  -12.810 -6.041  1.00 41.14 ? 20   ASN A ND2   1 
ATOM   162  N  N     . ASP A 1 24  ? -7.757  -8.689  -7.997  1.00 26.44 ? 21   ASP A N     1 
ATOM   163  C  CA    . ASP A 1 24  ? -7.692  -8.095  -9.328  1.00 27.40 ? 21   ASP A CA    1 
ATOM   164  C  C     . ASP A 1 24  ? -6.605  -7.029  -9.422  1.00 26.20 ? 21   ASP A C     1 
ATOM   165  O  O     . ASP A 1 24  ? -5.929  -6.919  -10.444 1.00 25.73 ? 21   ASP A O     1 
ATOM   166  C  CB    . ASP A 1 24  ? -9.038  -7.469  -9.706  1.00 30.86 ? 21   ASP A CB    1 
ATOM   167  C  CG    . ASP A 1 24  ? -10.111 -8.509  -9.991  1.00 35.62 ? 21   ASP A CG    1 
ATOM   168  O  OD1   . ASP A 1 24  ? -9.789  -9.718  -10.022 1.00 38.98 ? 21   ASP A OD1   1 
ATOM   169  O  OD2   . ASP A 1 24  ? -11.281 -8.112  -10.179 1.00 41.30 ? 21   ASP A OD2   1 
ATOM   170  N  N     . ALA A 1 25  ? -6.452  -6.236  -8.363  1.00 23.97 ? 22   ALA A N     1 
ATOM   171  C  CA    . ALA A 1 25  ? -5.451  -5.174  -8.343  1.00 23.88 ? 22   ALA A CA    1 
ATOM   172  C  C     . ALA A 1 25  ? -4.045  -5.753  -8.487  1.00 22.37 ? 22   ALA A C     1 
ATOM   173  O  O     . ALA A 1 25  ? -3.247  -5.255  -9.274  1.00 21.43 ? 22   ALA A O     1 
ATOM   174  C  CB    . ALA A 1 25  ? -5.565  -4.355  -7.064  1.00 24.46 ? 22   ALA A CB    1 
ATOM   175  N  N     . ILE A 1 26  ? -3.755  -6.808  -7.738  1.00 22.67 ? 23   ILE A N     1 
ATOM   176  C  CA    . ILE A 1 26  ? -2.452  -7.474  -7.823  1.00 25.00 ? 23   ILE A CA    1 
ATOM   177  C  C     . ILE A 1 26  ? -2.191  -8.016  -9.234  1.00 26.26 ? 23   ILE A C     1 
ATOM   178  O  O     . ILE A 1 26  ? -1.101  -7.826  -9.787  1.00 24.73 ? 23   ILE A O     1 
ATOM   179  C  CB    . ILE A 1 26  ? -2.332  -8.613  -6.794  1.00 26.52 ? 23   ILE A CB    1 
ATOM   180  C  CG1   . ILE A 1 26  ? -2.279  -8.028  -5.378  1.00 27.25 ? 23   ILE A CG1   1 
ATOM   181  C  CG2   . ILE A 1 26  ? -1.091  -9.457  -7.071  1.00 27.57 ? 23   ILE A CG2   1 
ATOM   182  C  CD1   . ILE A 1 26  ? -2.470  -9.049  -4.280  1.00 28.85 ? 23   ILE A CD1   1 
ATOM   183  N  N     . LYS A 1 27  ? -3.187  -8.676  -9.817  1.00 27.85 ? 24   LYS A N     1 
ATOM   184  C  CA    . LYS A 1 27  ? -3.050  -9.172  -11.189 1.00 30.38 ? 24   LYS A CA    1 
ATOM   185  C  C     . LYS A 1 27  ? -2.803  -8.039  -12.182 1.00 28.49 ? 24   LYS A C     1 
ATOM   186  O  O     . LYS A 1 27  ? -1.930  -8.143  -13.036 1.00 29.41 ? 24   LYS A O     1 
ATOM   187  C  CB    . LYS A 1 27  ? -4.280  -9.971  -11.605 1.00 34.29 ? 24   LYS A CB    1 
ATOM   188  C  CG    . LYS A 1 27  ? -4.504  -11.212 -10.753 1.00 39.40 ? 24   LYS A CG    1 
ATOM   189  C  CD    . LYS A 1 27  ? -4.995  -12.385 -11.584 1.00 44.65 ? 24   LYS A CD    1 
ATOM   190  C  CE    . LYS A 1 27  ? -5.490  -13.528 -10.704 1.00 47.88 ? 24   LYS A CE    1 
ATOM   191  N  NZ    . LYS A 1 27  ? -6.912  -13.339 -10.306 1.00 50.71 ? 24   LYS A NZ    1 
ATOM   192  N  N     . ILE A 1 28  ? -3.561  -6.955  -12.060 1.00 27.97 ? 25   ILE A N     1 
ATOM   193  C  CA    . ILE A 1 28  ? -3.399  -5.807  -12.948 1.00 27.65 ? 25   ILE A CA    1 
ATOM   194  C  C     . ILE A 1 28  ? -2.019  -5.172  -12.779 1.00 28.74 ? 25   ILE A C     1 
ATOM   195  O  O     . ILE A 1 28  ? -1.358  -4.838  -13.768 1.00 26.20 ? 25   ILE A O     1 
ATOM   196  C  CB    . ILE A 1 28  ? -4.494  -4.744  -12.714 1.00 27.63 ? 25   ILE A CB    1 
ATOM   197  C  CG1   . ILE A 1 28  ? -5.846  -5.261  -13.220 1.00 29.20 ? 25   ILE A CG1   1 
ATOM   198  C  CG2   . ILE A 1 28  ? -4.150  -3.444  -13.435 1.00 27.90 ? 25   ILE A CG2   1 
ATOM   199  C  CD1   . ILE A 1 28  ? -7.030  -4.393  -12.832 1.00 29.60 ? 25   ILE A CD1   1 
ATOM   200  N  N     . LEU A 1 29  ? -1.596  -4.989  -11.529 1.00 27.76 ? 26   LEU A N     1 
ATOM   201  C  CA    . LEU A 1 29  ? -0.274  -4.416  -11.251 1.00 29.83 ? 26   LEU A CA    1 
ATOM   202  C  C     . LEU A 1 29  ? 0.833   -5.255  -11.881 1.00 29.69 ? 26   LEU A C     1 
ATOM   203  O  O     . LEU A 1 29  ? 1.788   -4.717  -12.451 1.00 29.19 ? 26   LEU A O     1 
ATOM   204  C  CB    . LEU A 1 29  ? -0.028  -4.296  -9.748  1.00 29.20 ? 26   LEU A CB    1 
ATOM   205  C  CG    . LEU A 1 29  ? -0.731  -3.108  -9.086  1.00 29.21 ? 26   LEU A CG    1 
ATOM   206  C  CD1   . LEU A 1 29  ? -0.741  -3.305  -7.578  1.00 29.37 ? 26   LEU A CD1   1 
ATOM   207  C  CD2   . LEU A 1 29  ? -0.056  -1.793  -9.464  1.00 28.84 ? 26   LEU A CD2   1 
ATOM   208  N  N     . ASN A 1 30  ? 0.683   -6.574  -11.791 1.00 29.96 ? 27   ASN A N     1 
ATOM   209  C  CA    . ASN A 1 30  ? 1.679   -7.498  -12.316 1.00 30.49 ? 27   ASN A CA    1 
ATOM   210  C  C     . ASN A 1 30  ? 1.710   -7.516  -13.851 1.00 31.93 ? 27   ASN A C     1 
ATOM   211  O  O     . ASN A 1 30  ? 2.682   -7.981  -14.435 1.00 31.31 ? 27   ASN A O     1 
ATOM   212  C  CB    . ASN A 1 30  ? 1.455   -8.906  -11.757 1.00 30.20 ? 27   ASN A CB    1 
ATOM   213  C  CG    . ASN A 1 30  ? 2.648   -9.826  -11.976 1.00 31.80 ? 27   ASN A CG    1 
ATOM   214  O  OD1   . ASN A 1 30  ? 3.763   -9.527  -11.559 1.00 30.34 ? 27   ASN A OD1   1 
ATOM   215  N  ND2   . ASN A 1 30  ? 2.413   -10.959 -12.634 1.00 33.69 ? 27   ASN A ND2   1 
ATOM   216  N  N     . GLU A 1 31  ? 0.663   -6.990  -14.486 1.00 33.85 ? 28   GLU A N     1 
ATOM   217  C  CA    . GLU A 1 31  ? 0.567   -6.956  -15.951 1.00 35.38 ? 28   GLU A CA    1 
ATOM   218  C  C     . GLU A 1 31  ? 1.176   -5.714  -16.619 1.00 35.03 ? 28   GLU A C     1 
ATOM   219  O  O     . GLU A 1 31  ? 1.420   -5.742  -17.823 1.00 37.08 ? 28   GLU A O     1 
ATOM   220  C  CB    . GLU A 1 31  ? -0.895  -7.130  -16.383 1.00 38.50 ? 28   GLU A CB    1 
ATOM   221  C  CG    . GLU A 1 31  ? -1.378  -8.568  -16.246 1.00 43.96 ? 28   GLU A CG    1 
ATOM   222  C  CD    . GLU A 1 31  ? -2.891  -8.726  -16.326 1.00 48.31 ? 28   GLU A CD    1 
ATOM   223  O  OE1   . GLU A 1 31  ? -3.591  -7.737  -16.627 1.00 50.04 ? 28   GLU A OE1   1 
ATOM   224  O  OE2   . GLU A 1 31  ? -3.382  -9.853  -16.090 1.00 47.62 ? 28   GLU A OE2   1 
ATOM   225  N  N     . TYR A 1 32  ? 1.421   -4.636  -15.871 1.00 32.70 ? 29   TYR A N     1 
ATOM   226  C  CA    . TYR A 1 32  ? 2.097   -3.462  -16.443 1.00 33.40 ? 29   TYR A CA    1 
ATOM   227  C  C     . TYR A 1 32  ? 3.516   -3.821  -16.858 1.00 34.31 ? 29   TYR A C     1 
ATOM   228  O  O     . TYR A 1 32  ? 4.235   -4.489  -16.117 1.00 34.47 ? 29   TYR A O     1 
ATOM   229  C  CB    . TYR A 1 32  ? 2.168   -2.292  -15.454 1.00 34.02 ? 29   TYR A CB    1 
ATOM   230  C  CG    . TYR A 1 32  ? 0.836   -1.667  -15.131 1.00 33.61 ? 29   TYR A CG    1 
ATOM   231  C  CD1   . TYR A 1 32  ? 0.231   -0.763  -16.002 1.00 36.51 ? 29   TYR A CD1   1 
ATOM   232  C  CD2   . TYR A 1 32  ? 0.184   -1.974  -13.948 1.00 33.28 ? 29   TYR A CD2   1 
ATOM   233  C  CE1   . TYR A 1 32  ? -0.997  -0.191  -15.700 1.00 37.62 ? 29   TYR A CE1   1 
ATOM   234  C  CE2   . TYR A 1 32  ? -1.042  -1.418  -13.638 1.00 33.58 ? 29   TYR A CE2   1 
ATOM   235  C  CZ    . TYR A 1 32  ? -1.630  -0.529  -14.513 1.00 35.59 ? 29   TYR A CZ    1 
ATOM   236  O  OH    . TYR A 1 32  ? -2.842  0.027   -14.197 1.00 37.87 ? 29   TYR A OH    1 
ATOM   237  N  N     . ASP A 1 33  ? 3.916   -3.387  -18.049 1.00 37.08 ? 30   ASP A N     1 
ATOM   238  C  CA    . ASP A 1 33  ? 5.308   -3.505  -18.460 1.00 39.01 ? 30   ASP A CA    1 
ATOM   239  C  C     . ASP A 1 33  ? 6.136   -2.680  -17.483 1.00 35.42 ? 30   ASP A C     1 
ATOM   240  O  O     . ASP A 1 33  ? 5.819   -1.525  -17.211 1.00 38.46 ? 30   ASP A O     1 
ATOM   241  C  CB    . ASP A 1 33  ? 5.519   -2.985  -19.885 1.00 45.58 ? 30   ASP A CB    1 
ATOM   242  C  CG    . ASP A 1 33  ? 4.784   -3.814  -20.937 1.00 50.94 ? 30   ASP A CG    1 
ATOM   243  O  OD1   . ASP A 1 33  ? 4.732   -5.058  -20.811 1.00 55.15 ? 30   ASP A OD1   1 
ATOM   244  O  OD2   . ASP A 1 33  ? 4.259   -3.214  -21.899 1.00 56.46 ? 30   ASP A OD2   1 
ATOM   245  N  N     . GLY A 1 34  ? 7.169   -3.290  -16.926 1.00 32.97 ? 31   GLY A N     1 
ATOM   246  C  CA    . GLY A 1 34  ? 8.028   -2.602  -15.971 1.00 33.21 ? 31   GLY A CA    1 
ATOM   247  C  C     . GLY A 1 34  ? 7.687   -2.863  -14.516 1.00 30.68 ? 31   GLY A C     1 
ATOM   248  O  O     . GLY A 1 34  ? 8.340   -2.311  -13.640 1.00 30.19 ? 31   GLY A O     1 
ATOM   249  N  N     . ILE A 1 35  ? 6.679   -3.699  -14.254 1.00 29.04 ? 32   ILE A N     1 
ATOM   250  C  CA    . ILE A 1 35  ? 6.323   -4.092  -12.882 1.00 28.30 ? 32   ILE A CA    1 
ATOM   251  C  C     . ILE A 1 35  ? 6.189   -5.610  -12.783 1.00 28.67 ? 32   ILE A C     1 
ATOM   252  O  O     . ILE A 1 35  ? 5.493   -6.226  -13.586 1.00 29.88 ? 32   ILE A O     1 
ATOM   253  C  CB    . ILE A 1 35  ? 5.001   -3.441  -12.407 1.00 27.48 ? 32   ILE A CB    1 
ATOM   254  C  CG1   . ILE A 1 35  ? 5.163   -1.923  -12.282 1.00 27.79 ? 32   ILE A CG1   1 
ATOM   255  C  CG2   . ILE A 1 35  ? 4.564   -4.015  -11.061 1.00 26.56 ? 32   ILE A CG2   1 
ATOM   256  C  CD1   . ILE A 1 35  ? 3.867   -1.167  -12.042 1.00 27.48 ? 32   ILE A CD1   1 
ATOM   257  N  N     . SER A 1 36  ? 6.871   -6.197  -11.804 1.00 27.50 ? 33   SER A N     1 
ATOM   258  C  CA    . SER A 1 36  ? 6.646   -7.579  -11.400 1.00 29.34 ? 33   SER A CA    1 
ATOM   259  C  C     . SER A 1 36  ? 6.359   -7.619  -9.909  1.00 27.63 ? 33   SER A C     1 
ATOM   260  O  O     . SER A 1 36  ? 7.153   -7.111  -9.101  1.00 24.44 ? 33   SER A O     1 
ATOM   261  C  CB    . SER A 1 36  ? 7.866   -8.448  -11.697 1.00 30.55 ? 33   SER A CB    1 
ATOM   262  O  OG    . SER A 1 36  ? 8.308   -8.251  -13.027 1.00 37.93 ? 33   SER A OG    1 
ATOM   263  N  N     . VAL A 1 37  ? 5.235   -8.226  -9.544  1.00 25.06 ? 34   VAL A N     1 
ATOM   264  C  CA    . VAL A 1 37  ? 4.917   -8.445  -8.143  1.00 25.47 ? 34   VAL A CA    1 
ATOM   265  C  C     . VAL A 1 37  ? 5.818   -9.565  -7.639  1.00 25.55 ? 34   VAL A C     1 
ATOM   266  O  O     . VAL A 1 37  ? 5.830   -10.652 -8.210  1.00 26.23 ? 34   VAL A O     1 
ATOM   267  C  CB    . VAL A 1 37  ? 3.440   -8.829  -7.945  1.00 26.32 ? 34   VAL A CB    1 
ATOM   268  C  CG1   . VAL A 1 37  ? 3.184   -9.242  -6.503  1.00 26.03 ? 34   VAL A CG1   1 
ATOM   269  C  CG2   . VAL A 1 37  ? 2.533   -7.673  -8.342  1.00 27.00 ? 34   VAL A CG2   1 
ATOM   270  N  N     . SER A 1 38  ? 6.583   -9.303  -6.583  1.00 22.92 ? 35   SER A N     1 
ATOM   271  C  CA    . SER A 1 38  ? 7.612   -10.247 -6.159  1.00 22.83 ? 35   SER A CA    1 
ATOM   272  C  C     . SER A 1 38  ? 7.424   -10.767 -4.745  1.00 21.44 ? 35   SER A C     1 
ATOM   273  O  O     . SER A 1 38  ? 8.121   -11.680 -4.337  1.00 22.00 ? 35   SER A O     1 
ATOM   274  C  CB    . SER A 1 38  ? 9.004   -9.623  -6.311  1.00 25.06 ? 35   SER A CB    1 
ATOM   275  O  OG    . SER A 1 38  ? 9.108   -8.404  -5.602  1.00 24.14 ? 35   SER A OG    1 
ATOM   276  N  N     . ASN A 1 39  ? 6.496   -10.187 -3.996  1.00 20.46 ? 36   ASN A N     1 
ATOM   277  C  CA    . ASN A 1 39  ? 6.153   -10.697 -2.668  1.00 21.51 ? 36   ASN A CA    1 
ATOM   278  C  C     . ASN A 1 39  ? 4.796   -10.136 -2.267  1.00 20.16 ? 36   ASN A C     1 
ATOM   279  O  O     . ASN A 1 39  ? 4.454   -9.016  -2.625  1.00 20.87 ? 36   ASN A O     1 
ATOM   280  C  CB    . ASN A 1 39  ? 7.237   -10.336 -1.637  1.00 21.45 ? 36   ASN A CB    1 
ATOM   281  C  CG    . ASN A 1 39  ? 7.316   -11.325 -0.480  1.00 21.72 ? 36   ASN A CG    1 
ATOM   282  O  OD1   . ASN A 1 39  ? 6.594   -12.334 -0.434  1.00 20.09 ? 36   ASN A OD1   1 
ATOM   283  N  ND2   . ASN A 1 39  ? 8.207   -11.047 0.459   1.00 20.03 ? 36   ASN A ND2   1 
ATOM   284  N  N     . ILE A 1 40  ? 4.020   -10.933 -1.539  1.00 19.87 ? 37   ILE A N     1 
ATOM   285  C  CA    . ILE A 1 40  ? 2.645   -10.590 -1.187  1.00 19.75 ? 37   ILE A CA    1 
ATOM   286  C  C     . ILE A 1 40  ? 2.445   -10.850 0.290   1.00 18.17 ? 37   ILE A C     1 
ATOM   287  O  O     . ILE A 1 40  ? 2.704   -11.955 0.757   1.00 17.98 ? 37   ILE A O     1 
ATOM   288  C  CB    . ILE A 1 40  ? 1.636   -11.455 -1.976  1.00 20.76 ? 37   ILE A CB    1 
ATOM   289  C  CG1   . ILE A 1 40  ? 1.803   -11.228 -3.473  1.00 21.75 ? 37   ILE A CG1   1 
ATOM   290  C  CG2   . ILE A 1 40  ? 0.202   -11.132 -1.565  1.00 22.28 ? 37   ILE A CG2   1 
ATOM   291  C  CD1   . ILE A 1 40  ? 1.003   -12.183 -4.336  1.00 22.82 ? 37   ILE A CD1   1 
ATOM   292  N  N     . SER A 1 41  ? 1.980   -9.846  1.028   1.00 17.07 ? 38   SER A N     1 
ATOM   293  C  CA    . SER A 1 41  ? 1.732   -10.022 2.462   1.00 16.66 ? 38   SER A CA    1 
ATOM   294  C  C     . SER A 1 41  ? 0.391   -10.709 2.695   1.00 17.30 ? 38   SER A C     1 
ATOM   295  O  O     . SER A 1 41  ? -0.423  -10.790 1.787   1.00 16.99 ? 38   SER A O     1 
ATOM   296  C  CB    . SER A 1 41  ? 1.737   -8.679  3.194   1.00 16.02 ? 38   SER A CB    1 
ATOM   297  O  OG    . SER A 1 41  ? 0.492   -8.027  3.054   1.00 16.02 ? 38   SER A OG    1 
ATOM   298  N  N     . PRO A 1 42  ? 0.149   -11.175 3.932   1.00 18.28 ? 39   PRO A N     1 
ATOM   299  C  CA    . PRO A 1 42  ? -1.203  -11.594 4.285   1.00 19.34 ? 39   PRO A CA    1 
ATOM   300  C  C     . PRO A 1 42  ? -2.166  -10.403 4.257   1.00 21.22 ? 39   PRO A C     1 
ATOM   301  O  O     . PRO A 1 42  ? -1.737  -9.246  4.418   1.00 19.71 ? 39   PRO A O     1 
ATOM   302  C  CB    . PRO A 1 42  ? -1.056  -12.110 5.722   1.00 19.06 ? 39   PRO A CB    1 
ATOM   303  C  CG    . PRO A 1 42  ? 0.397   -12.331 5.924   1.00 19.21 ? 39   PRO A CG    1 
ATOM   304  C  CD    . PRO A 1 42  ? 1.070   -11.295 5.072   1.00 18.30 ? 39   PRO A CD    1 
ATOM   305  N  N     . ILE A 1 43  ? -3.443  -10.696 4.050   1.00 21.77 ? 40   ILE A N     1 
ATOM   306  C  CA    . ILE A 1 43  ? -4.506  -9.697  4.100   1.00 22.14 ? 40   ILE A CA    1 
ATOM   307  C  C     . ILE A 1 43  ? -4.993  -9.570  5.535   1.00 21.49 ? 40   ILE A C     1 
ATOM   308  O  O     . ILE A 1 43  ? -5.208  -10.581 6.227   1.00 21.37 ? 40   ILE A O     1 
ATOM   309  C  CB    . ILE A 1 43  ? -5.696  -10.089 3.204   1.00 25.68 ? 40   ILE A CB    1 
ATOM   310  C  CG1   . ILE A 1 43  ? -5.265  -10.143 1.742   1.00 29.24 ? 40   ILE A CG1   1 
ATOM   311  C  CG2   . ILE A 1 43  ? -6.837  -9.085  3.334   1.00 26.45 ? 40   ILE A CG2   1 
ATOM   312  C  CD1   . ILE A 1 43  ? -6.239  -10.875 0.844   1.00 32.14 ? 40   ILE A CD1   1 
ATOM   313  N  N     . TYR A 1 44  ? -5.195  -8.329  5.961   1.00 19.16 ? 41   TYR A N     1 
ATOM   314  C  CA    . TYR A 1 44  ? -5.754  -8.025  7.272   1.00 19.84 ? 41   TYR A CA    1 
ATOM   315  C  C     . TYR A 1 44  ? -7.072  -7.256  7.137   1.00 20.29 ? 41   TYR A C     1 
ATOM   316  O  O     . TYR A 1 44  ? -7.229  -6.411  6.240   1.00 18.90 ? 41   TYR A O     1 
ATOM   317  C  CB    . TYR A 1 44  ? -4.747  -7.209  8.088   1.00 19.75 ? 41   TYR A CB    1 
ATOM   318  C  CG    . TYR A 1 44  ? -3.527  -8.002  8.459   1.00 19.87 ? 41   TYR A CG    1 
ATOM   319  C  CD1   . TYR A 1 44  ? -2.503  -8.190  7.551   1.00 20.04 ? 41   TYR A CD1   1 
ATOM   320  C  CD2   . TYR A 1 44  ? -3.410  -8.583  9.719   1.00 20.93 ? 41   TYR A CD2   1 
ATOM   321  C  CE1   . TYR A 1 44  ? -1.386  -8.926  7.880   1.00 20.62 ? 41   TYR A CE1   1 
ATOM   322  C  CE2   . TYR A 1 44  ? -2.295  -9.317  10.061  1.00 20.98 ? 41   TYR A CE2   1 
ATOM   323  C  CZ    . TYR A 1 44  ? -1.288  -9.488  9.136   1.00 20.45 ? 41   TYR A CZ    1 
ATOM   324  O  OH    . TYR A 1 44  ? -0.184  -10.220 9.472   1.00 20.51 ? 41   TYR A OH    1 
ATOM   325  N  N     . GLU A 1 45  ? -8.025  -7.558  8.017   1.00 19.77 ? 42   GLU A N     1 
ATOM   326  C  CA    . GLU A 1 45  ? -9.209  -6.731  8.145   1.00 20.04 ? 42   GLU A CA    1 
ATOM   327  C  C     . GLU A 1 45  ? -8.938  -5.677  9.203   1.00 20.78 ? 42   GLU A C     1 
ATOM   328  O  O     . GLU A 1 45  ? -8.476  -5.993  10.301  1.00 20.85 ? 42   GLU A O     1 
ATOM   329  C  CB    . GLU A 1 45  ? -10.447 -7.534  8.525   1.00 22.95 ? 42   GLU A CB    1 
ATOM   330  C  CG    . GLU A 1 45  ? -11.699 -6.668  8.522   1.00 24.36 ? 42   GLU A CG    1 
ATOM   331  C  CD    . GLU A 1 45  ? -12.955 -7.459  8.229   1.00 26.67 ? 42   GLU A CD    1 
ATOM   332  O  OE1   . GLU A 1 45  ? -13.167 -8.483  8.900   1.00 30.13 ? 42   GLU A OE1   1 
ATOM   333  O  OE2   . GLU A 1 45  ? -13.724 -7.046  7.339   1.00 26.80 ? 42   GLU A OE2   1 
ATOM   334  N  N     . THR A 1 46  ? -9.220  -4.424  8.860   1.00 20.35 ? 43   THR A N     1 
ATOM   335  C  CA    . THR A 1 46  ? -8.804  -3.304  9.681   1.00 20.86 ? 43   THR A CA    1 
ATOM   336  C  C     . THR A 1 46  ? -9.935  -2.303  9.870   1.00 20.52 ? 43   THR A C     1 
ATOM   337  O  O     . THR A 1 46  ? -10.679 -1.986  8.935   1.00 20.44 ? 43   THR A O     1 
ATOM   338  C  CB    . THR A 1 46  ? -7.536  -2.626  9.091   1.00 21.83 ? 43   THR A CB    1 
ATOM   339  O  OG1   . THR A 1 46  ? -7.808  -2.095  7.793   1.00 21.45 ? 43   THR A OG1   1 
ATOM   340  C  CG2   . THR A 1 46  ? -6.405  -3.634  8.955   1.00 22.70 ? 43   THR A CG2   1 
ATOM   341  N  N     . ALA A 1 47  ? -10.082 -1.834  11.106  1.00 20.95 ? 44   ALA A N     1 
ATOM   342  C  CA    . ALA A 1 47  ? -11.039 -0.785  11.414  1.00 21.74 ? 44   ALA A CA    1 
ATOM   343  C  C     . ALA A 1 47  ? -10.608 0.471   10.659  1.00 20.28 ? 44   ALA A C     1 
ATOM   344  O  O     . ALA A 1 47  ? -9.415  0.732   10.553  1.00 20.66 ? 44   ALA A O     1 
ATOM   345  C  CB    . ALA A 1 47  ? -11.073 -0.511  12.902  1.00 22.54 ? 44   ALA A CB    1 
ATOM   346  N  N     . PRO A 1 48  ? -11.573 1.240   10.136  1.00 20.46 ? 45   PRO A N     1 
ATOM   347  C  CA    . PRO A 1 48  ? -11.204 2.417   9.363   1.00 22.67 ? 45   PRO A CA    1 
ATOM   348  C  C     . PRO A 1 48  ? -10.579 3.445   10.281  1.00 22.83 ? 45   PRO A C     1 
ATOM   349  O  O     . PRO A 1 48  ? -11.031 3.611   11.407  1.00 23.54 ? 45   PRO A O     1 
ATOM   350  C  CB    . PRO A 1 48  ? -12.532 2.923   8.800   1.00 22.12 ? 45   PRO A CB    1 
ATOM   351  C  CG    . PRO A 1 48  ? -13.589 2.346   9.669   1.00 22.26 ? 45   PRO A CG    1 
ATOM   352  C  CD    . PRO A 1 48  ? -13.011 1.194   10.440  1.00 22.43 ? 45   PRO A CD    1 
ATOM   353  N  N     . VAL A 1 49  ? -9.522  4.081   9.797   1.00 25.16 ? 46   VAL A N     1 
ATOM   354  C  CA    . VAL A 1 49  ? -8.795  5.113   10.538  1.00 27.20 ? 46   VAL A CA    1 
ATOM   355  C  C     . VAL A 1 49  ? -9.090  6.472   9.894   1.00 26.59 ? 46   VAL A C     1 
ATOM   356  O  O     . VAL A 1 49  ? -9.177  6.589   8.667   1.00 23.61 ? 46   VAL A O     1 
ATOM   357  C  CB    . VAL A 1 49  ? -7.272  4.838   10.526  1.00 28.96 ? 46   VAL A CB    1 
ATOM   358  C  CG1   . VAL A 1 49  ? -6.533  5.813   11.437  1.00 30.82 ? 46   VAL A CG1   1 
ATOM   359  C  CG2   . VAL A 1 49  ? -6.982  3.412   10.978  1.00 29.85 ? 46   VAL A CG2   1 
ATOM   360  N  N     . GLY A 1 50  ? -9.235  7.494   10.730  1.00 27.91 ? 47   GLY A N     1 
ATOM   361  C  CA    . GLY A 1 50  ? -9.612  8.825   10.271  1.00 27.94 ? 47   GLY A CA    1 
ATOM   362  C  C     . GLY A 1 50  ? -11.118 8.968   10.361  1.00 28.09 ? 47   GLY A C     1 
ATOM   363  O  O     . GLY A 1 50  ? -11.666 9.116   11.451  1.00 29.52 ? 47   GLY A O     1 
ATOM   364  N  N     . TYR A 1 51  ? -11.786 8.941   9.215   1.00 27.36 ? 48   TYR A N     1 
ATOM   365  C  CA    . TYR A 1 51  ? -13.246 8.924   9.181   1.00 30.15 ? 48   TYR A CA    1 
ATOM   366  C  C     . TYR A 1 51  ? -13.719 7.525   9.587   1.00 29.05 ? 48   TYR A C     1 
ATOM   367  O  O     . TYR A 1 51  ? -13.441 6.545   8.901   1.00 26.93 ? 48   TYR A O     1 
ATOM   368  C  CB    . TYR A 1 51  ? -13.755 9.297   7.789   1.00 31.31 ? 48   TYR A CB    1 
ATOM   369  C  CG    . TYR A 1 51  ? -15.268 9.370   7.671   1.00 35.06 ? 48   TYR A CG    1 
ATOM   370  C  CD1   . TYR A 1 51  ? -16.036 10.032  8.629   1.00 37.83 ? 48   TYR A CD1   1 
ATOM   371  C  CD2   . TYR A 1 51  ? -15.926 8.791   6.591   1.00 38.43 ? 48   TYR A CD2   1 
ATOM   372  C  CE1   . TYR A 1 51  ? -17.419 10.102  8.518   1.00 42.48 ? 48   TYR A CE1   1 
ATOM   373  C  CE2   . TYR A 1 51  ? -17.308 8.858   6.466   1.00 41.95 ? 48   TYR A CE2   1 
ATOM   374  C  CZ    . TYR A 1 51  ? -18.051 9.511   7.432   1.00 42.67 ? 48   TYR A CZ    1 
ATOM   375  O  OH    . TYR A 1 51  ? -19.425 9.576   7.306   1.00 54.04 ? 48   TYR A OH    1 
ATOM   376  N  N     . THR A 1 52  ? -14.401 7.421   10.718  1.00 32.28 ? 49   THR A N     1 
ATOM   377  C  CA    . THR A 1 52  ? -14.727 6.101   11.262  1.00 34.88 ? 49   THR A CA    1 
ATOM   378  C  C     . THR A 1 52  ? -16.130 5.627   10.872  1.00 34.97 ? 49   THR A C     1 
ATOM   379  O  O     . THR A 1 52  ? -16.461 4.462   11.090  1.00 40.18 ? 49   THR A O     1 
ATOM   380  C  CB    . THR A 1 52  ? -14.489 6.039   12.790  1.00 37.32 ? 49   THR A CB    1 
ATOM   381  O  OG1   . THR A 1 52  ? -15.021 7.205   13.419  1.00 37.01 ? 49   THR A OG1   1 
ATOM   382  C  CG2   . THR A 1 52  ? -12.994 5.969   13.091  1.00 37.71 ? 49   THR A CG2   1 
ATOM   383  N  N     . GLU A 1 53  ? -16.933 6.502   10.261  1.00 33.87 ? 50   GLU A N     1 
ATOM   384  C  CA    . GLU A 1 53  ? -18.270 6.126   9.779   1.00 35.26 ? 50   GLU A CA    1 
ATOM   385  C  C     . GLU A 1 53  ? -18.208 5.668   8.324   1.00 30.48 ? 50   GLU A C     1 
ATOM   386  O  O     . GLU A 1 53  ? -18.861 6.221   7.433   1.00 30.26 ? 50   GLU A O     1 
ATOM   387  C  CB    . GLU A 1 53  ? -19.274 7.275   9.969   1.00 39.60 ? 50   GLU A CB    1 
ATOM   388  C  CG    . GLU A 1 53  ? -19.821 7.371   11.386  1.00 44.54 ? 50   GLU A CG    1 
ATOM   389  C  CD    . GLU A 1 53  ? -18.727 7.383   12.435  1.00 49.67 ? 50   GLU A CD    1 
ATOM   390  O  OE1   . GLU A 1 53  ? -17.977 8.383   12.500  1.00 56.04 ? 50   GLU A OE1   1 
ATOM   391  O  OE2   . GLU A 1 53  ? -18.611 6.390   13.190  1.00 53.32 ? 50   GLU A OE2   1 
ATOM   392  N  N     . GLN A 1 54  ? -17.378 4.660   8.091   1.00 27.02 ? 51   GLN A N     1 
ATOM   393  C  CA    . GLN A 1 54  ? -17.240 4.062   6.779   1.00 23.87 ? 51   GLN A CA    1 
ATOM   394  C  C     . GLN A 1 54  ? -16.863 2.608   6.994   1.00 21.63 ? 51   GLN A C     1 
ATOM   395  O  O     . GLN A 1 54  ? -16.592 2.212   8.124   1.00 22.39 ? 51   GLN A O     1 
ATOM   396  C  CB    . GLN A 1 54  ? -16.187 4.800   5.940   1.00 22.95 ? 51   GLN A CB    1 
ATOM   397  C  CG    . GLN A 1 54  ? -14.771 4.683   6.470   1.00 21.87 ? 51   GLN A CG    1 
ATOM   398  C  CD    . GLN A 1 54  ? -13.749 5.297   5.526   1.00 22.61 ? 51   GLN A CD    1 
ATOM   399  O  OE1   . GLN A 1 54  ? -13.802 5.097   4.303   1.00 20.48 ? 51   GLN A OE1   1 
ATOM   400  N  NE2   . GLN A 1 54  ? -12.797 6.028   6.088   1.00 22.99 ? 51   GLN A NE2   1 
ATOM   401  N  N     . PRO A 1 55  ? -16.881 1.801   5.926   1.00 20.39 ? 52   PRO A N     1 
ATOM   402  C  CA    . PRO A 1 55  ? -16.703 0.362   6.141   1.00 20.41 ? 52   PRO A CA    1 
ATOM   403  C  C     . PRO A 1 55  ? -15.290 -0.059  6.550   1.00 19.62 ? 52   PRO A C     1 
ATOM   404  O  O     . PRO A 1 55  ? -14.313 0.616   6.225   1.00 20.32 ? 52   PRO A O     1 
ATOM   405  C  CB    . PRO A 1 55  ? -17.052 -0.247  4.777   1.00 20.26 ? 52   PRO A CB    1 
ATOM   406  C  CG    . PRO A 1 55  ? -17.890 0.775   4.095   1.00 21.30 ? 52   PRO A CG    1 
ATOM   407  C  CD    . PRO A 1 55  ? -17.345 2.094   4.559   1.00 20.77 ? 52   PRO A CD    1 
ATOM   408  N  N     . ASN A 1 56  ? -15.206 -1.184  7.250   1.00 19.40 ? 53   ASN A N     1 
ATOM   409  C  CA    . ASN A 1 56  ? -13.934 -1.832  7.554   1.00 19.28 ? 53   ASN A CA    1 
ATOM   410  C  C     . ASN A 1 56  ? -13.163 -2.134  6.283   1.00 18.92 ? 53   ASN A C     1 
ATOM   411  O  O     . ASN A 1 56  ? -13.747 -2.501  5.243   1.00 17.19 ? 53   ASN A O     1 
ATOM   412  C  CB    . ASN A 1 56  ? -14.163 -3.140  8.314   1.00 20.98 ? 53   ASN A CB    1 
ATOM   413  C  CG    . ASN A 1 56  ? -14.890 -2.926  9.617   1.00 22.24 ? 53   ASN A CG    1 
ATOM   414  O  OD1   . ASN A 1 56  ? -14.694 -1.910  10.273  1.00 22.48 ? 53   ASN A OD1   1 
ATOM   415  N  ND2   . ASN A 1 56  ? -15.740 -3.871  9.996   1.00 22.61 ? 53   ASN A ND2   1 
ATOM   416  N  N     . PHE A 1 57  ? -11.849 -1.993  6.379   1.00 17.91 ? 54   PHE A N     1 
ATOM   417  C  CA    . PHE A 1 57  ? -10.977 -2.207  5.247   1.00 18.61 ? 54   PHE A CA    1 
ATOM   418  C  C     . PHE A 1 57  ? -10.426 -3.624  5.233   1.00 17.49 ? 54   PHE A C     1 
ATOM   419  O  O     . PHE A 1 57  ? -10.297 -4.273  6.270   1.00 16.92 ? 54   PHE A O     1 
ATOM   420  C  CB    . PHE A 1 57  ? -9.780  -1.255  5.320   1.00 18.40 ? 54   PHE A CB    1 
ATOM   421  C  CG    . PHE A 1 57  ? -10.070 0.153   4.882   1.00 19.15 ? 54   PHE A CG    1 
ATOM   422  C  CD1   . PHE A 1 57  ? -10.712 1.047   5.735   1.00 18.62 ? 54   PHE A CD1   1 
ATOM   423  C  CD2   . PHE A 1 57  ? -9.662  0.601   3.625   1.00 19.13 ? 54   PHE A CD2   1 
ATOM   424  C  CE1   . PHE A 1 57  ? -10.954 2.350   5.340   1.00 18.12 ? 54   PHE A CE1   1 
ATOM   425  C  CE2   . PHE A 1 57  ? -9.904  1.907   3.226   1.00 17.99 ? 54   PHE A CE2   1 
ATOM   426  C  CZ    . PHE A 1 57  ? -10.543 2.782   4.083   1.00 18.72 ? 54   PHE A CZ    1 
ATOM   427  N  N     . LEU A 1 58  ? -10.080 -4.074  4.039   1.00 16.69 ? 55   LEU A N     1 
ATOM   428  C  CA    . LEU A 1 58  ? -9.045  -5.069  3.875   1.00 17.19 ? 55   LEU A CA    1 
ATOM   429  C  C     . LEU A 1 58  ? -7.792  -4.353  3.398   1.00 17.25 ? 55   LEU A C     1 
ATOM   430  O  O     . LEU A 1 58  ? -7.843  -3.517  2.480   1.00 17.30 ? 55   LEU A O     1 
ATOM   431  C  CB    . LEU A 1 58  ? -9.446  -6.154  2.866   1.00 17.36 ? 55   LEU A CB    1 
ATOM   432  C  CG    . LEU A 1 58  ? -10.608 -7.057  3.286   1.00 18.35 ? 55   LEU A CG    1 
ATOM   433  C  CD1   . LEU A 1 58  ? -10.735 -8.240  2.334   1.00 19.15 ? 55   LEU A CD1   1 
ATOM   434  C  CD2   . LEU A 1 58  ? -10.483 -7.555  4.728   1.00 18.58 ? 55   LEU A CD2   1 
ATOM   435  N  N     . ASN A 1 59  ? -6.671  -4.685  4.029   1.00 17.90 ? 56   ASN A N     1 
ATOM   436  C  CA    . ASN A 1 59  ? -5.375  -4.089  3.695   1.00 18.25 ? 56   ASN A CA    1 
ATOM   437  C  C     . ASN A 1 59  ? -4.317  -5.175  3.509   1.00 18.66 ? 56   ASN A C     1 
ATOM   438  O  O     . ASN A 1 59  ? -4.318  -6.201  4.203   1.00 18.78 ? 56   ASN A O     1 
ATOM   439  C  CB    . ASN A 1 59  ? -4.909  -3.134  4.810   1.00 17.19 ? 56   ASN A CB    1 
ATOM   440  C  CG    . ASN A 1 59  ? -5.608  -1.786  4.780   1.00 17.10 ? 56   ASN A CG    1 
ATOM   441  O  OD1   . ASN A 1 59  ? -6.350  -1.432  5.699   1.00 16.04 ? 56   ASN A OD1   1 
ATOM   442  N  ND2   . ASN A 1 59  ? -5.361  -1.015  3.726   1.00 18.22 ? 56   ASN A ND2   1 
ATOM   443  N  N     . LEU A 1 60  ? -3.409  -4.932  2.570   1.00 18.92 ? 57   LEU A N     1 
ATOM   444  C  CA    . LEU A 1 60  ? -2.205  -5.730  2.422   1.00 19.68 ? 57   LEU A CA    1 
ATOM   445  C  C     . LEU A 1 60  ? -1.078  -4.855  1.895   1.00 19.50 ? 57   LEU A C     1 
ATOM   446  O  O     . LEU A 1 60  ? -1.288  -3.678  1.555   1.00 20.03 ? 57   LEU A O     1 
ATOM   447  C  CB    . LEU A 1 60  ? -2.444  -6.927  1.482   1.00 20.84 ? 57   LEU A CB    1 
ATOM   448  C  CG    . LEU A 1 60  ? -2.838  -6.584  0.047   1.00 24.81 ? 57   LEU A CG    1 
ATOM   449  C  CD1   . LEU A 1 60  ? -1.620  -6.376  -0.841  1.00 27.11 ? 57   LEU A CD1   1 
ATOM   450  C  CD2   . LEU A 1 60  ? -3.725  -7.653  -0.565  1.00 28.72 ? 57   LEU A CD2   1 
ATOM   451  N  N     . CYS A 1 61  ? 0.117   -5.439  1.851   1.00 19.29 ? 58   CYS A N     1 
ATOM   452  C  CA    . CYS A 1 61  ? 1.278   -4.838  1.185   1.00 19.91 ? 58   CYS A CA    1 
ATOM   453  C  C     . CYS A 1 61  ? 1.840   -5.805  0.174   1.00 19.09 ? 58   CYS A C     1 
ATOM   454  O  O     . CYS A 1 61  ? 1.753   -7.015  0.365   1.00 20.55 ? 58   CYS A O     1 
ATOM   455  C  CB    . CYS A 1 61  ? 2.370   -4.498  2.205   1.00 19.11 ? 58   CYS A CB    1 
ATOM   456  S  SG    . CYS A 1 61  ? 1.859   -3.230  3.369   1.00 22.53 ? 58   CYS A SG    1 
ATOM   457  N  N     . VAL A 1 62  ? 2.402   -5.270  -0.906  1.00 19.18 ? 59   VAL A N     1 
ATOM   458  C  CA    . VAL A 1 62  ? 3.140   -6.067  -1.874  1.00 21.08 ? 59   VAL A CA    1 
ATOM   459  C  C     . VAL A 1 62  ? 4.497   -5.452  -2.156  1.00 21.36 ? 59   VAL A C     1 
ATOM   460  O  O     . VAL A 1 62  ? 4.675   -4.233  -2.112  1.00 21.50 ? 59   VAL A O     1 
ATOM   461  C  CB    . VAL A 1 62  ? 2.391   -6.267  -3.220  1.00 22.23 ? 59   VAL A CB    1 
ATOM   462  C  CG1   . VAL A 1 62  ? 1.090   -7.009  -2.978  1.00 24.17 ? 59   VAL A CG1   1 
ATOM   463  C  CG2   . VAL A 1 62  ? 2.118   -4.950  -3.917  1.00 22.36 ? 59   VAL A CG2   1 
ATOM   464  N  N     . GLU A 1 63  ? 5.456   -6.321  -2.421  1.00 21.23 ? 60   GLU A N     1 
ATOM   465  C  CA    . GLU A 1 63  ? 6.747   -5.905  -2.919  1.00 20.88 ? 60   GLU A CA    1 
ATOM   466  C  C     . GLU A 1 63  ? 6.663   -6.039  -4.416  1.00 21.41 ? 60   GLU A C     1 
ATOM   467  O  O     . GLU A 1 63  ? 6.105   -7.021  -4.916  1.00 20.14 ? 60   GLU A O     1 
ATOM   468  C  CB    . GLU A 1 63  ? 7.822   -6.829  -2.386  1.00 21.33 ? 60   GLU A CB    1 
ATOM   469  C  CG    . GLU A 1 63  ? 9.243   -6.511  -2.808  1.00 22.49 ? 60   GLU A CG    1 
ATOM   470  C  CD    . GLU A 1 63  ? 10.178  -7.644  -2.434  1.00 24.76 ? 60   GLU A CD    1 
ATOM   471  O  OE1   . GLU A 1 63  ? 10.210  -8.667  -3.159  1.00 26.64 ? 60   GLU A OE1   1 
ATOM   472  O  OE2   . GLU A 1 63  ? 10.859  -7.522  -1.405  1.00 25.62 ? 60   GLU A OE2   1 
ATOM   473  N  N     . ILE A 1 64  ? 7.212   -5.058  -5.123  1.00 19.82 ? 61   ILE A N     1 
ATOM   474  C  CA    . ILE A 1 64  ? 7.371   -5.157  -6.556  1.00 21.65 ? 61   ILE A CA    1 
ATOM   475  C  C     . ILE A 1 64  ? 8.838   -4.953  -6.931  1.00 23.59 ? 61   ILE A C     1 
ATOM   476  O  O     . ILE A 1 64  ? 9.605   -4.303  -6.194  1.00 22.84 ? 61   ILE A O     1 
ATOM   477  C  CB    . ILE A 1 64  ? 6.510   -4.134  -7.315  1.00 21.34 ? 61   ILE A CB    1 
ATOM   478  C  CG1   . ILE A 1 64  ? 6.903   -2.695  -6.945  1.00 21.89 ? 61   ILE A CG1   1 
ATOM   479  C  CG2   . ILE A 1 64  ? 5.034   -4.412  -7.074  1.00 21.24 ? 61   ILE A CG2   1 
ATOM   480  C  CD1   . ILE A 1 64  ? 6.148   -1.628  -7.700  1.00 21.92 ? 61   ILE A CD1   1 
ATOM   481  N  N     . GLN A 1 65  ? 9.220   -5.554  -8.049  1.00 24.23 ? 62   GLN A N     1 
ATOM   482  C  CA    . GLN A 1 65  ? 10.458  -5.211  -8.746  1.00 27.65 ? 62   GLN A CA    1 
ATOM   483  C  C     . GLN A 1 65  ? 10.044  -4.369  -9.950  1.00 28.91 ? 62   GLN A C     1 
ATOM   484  O  O     . GLN A 1 65  ? 9.142   -4.756  -10.706 1.00 29.53 ? 62   GLN A O     1 
ATOM   485  C  CB    . GLN A 1 65  ? 11.208  -6.465  -9.203  1.00 29.53 ? 62   GLN A CB    1 
ATOM   486  C  CG    . GLN A 1 65  ? 11.467  -7.487  -8.106  1.00 31.33 ? 62   GLN A CG    1 
ATOM   487  C  CD    . GLN A 1 65  ? 12.235  -6.904  -6.937  1.00 35.87 ? 62   GLN A CD    1 
ATOM   488  O  OE1   . GLN A 1 65  ? 13.216  -6.179  -7.128  1.00 39.47 ? 62   GLN A OE1   1 
ATOM   489  N  NE2   . GLN A 1 65  ? 11.792  -7.207  -5.716  1.00 37.20 ? 62   GLN A NE2   1 
ATOM   490  N  N     . THR A 1 66  ? 10.671  -3.210  -10.118 1.00 27.99 ? 63   THR A N     1 
ATOM   491  C  CA    . THR A 1 66  ? 10.235  -2.288  -11.154 1.00 28.20 ? 63   THR A CA    1 
ATOM   492  C  C     . THR A 1 66  ? 11.386  -1.566  -11.828 1.00 28.49 ? 63   THR A C     1 
ATOM   493  O  O     . THR A 1 66  ? 12.428  -1.325  -11.223 1.00 28.14 ? 63   THR A O     1 
ATOM   494  C  CB    . THR A 1 66  ? 9.183   -1.279  -10.626 1.00 27.65 ? 63   THR A CB    1 
ATOM   495  O  OG1   . THR A 1 66  ? 8.608   -0.569  -11.722 1.00 27.85 ? 63   THR A OG1   1 
ATOM   496  C  CG2   . THR A 1 66  ? 9.773   -0.270  -9.626  1.00 28.12 ? 63   THR A CG2   1 
ATOM   497  N  N     . THR A 1 67  ? 11.179  -1.269  -13.109 1.00 30.88 ? 64   THR A N     1 
ATOM   498  C  CA    . THR A 1 67  ? 12.092  -0.449  -13.901 1.00 30.98 ? 64   THR A CA    1 
ATOM   499  C  C     . THR A 1 67  ? 11.472  0.921   -14.128 1.00 31.37 ? 64   THR A C     1 
ATOM   500  O  O     . THR A 1 67  ? 12.042  1.764   -14.813 1.00 29.69 ? 64   THR A O     1 
ATOM   501  C  CB    . THR A 1 67  ? 12.348  -1.086  -15.281 1.00 30.26 ? 64   THR A CB    1 
ATOM   502  O  OG1   . THR A 1 67  ? 11.095  -1.289  -15.937 1.00 31.35 ? 64   THR A OG1   1 
ATOM   503  C  CG2   . THR A 1 67  ? 13.070  -2.411  -15.141 1.00 30.82 ? 64   THR A CG2   1 
ATOM   504  N  N     . LEU A 1 68  ? 10.294  1.142   -13.553 1.00 30.35 ? 65   LEU A N     1 
ATOM   505  C  CA    . LEU A 1 68  ? 9.605   2.402   -13.722 1.00 29.01 ? 65   LEU A CA    1 
ATOM   506  C  C     . LEU A 1 68  ? 10.153  3.438   -12.765 1.00 27.98 ? 65   LEU A C     1 
ATOM   507  O  O     . LEU A 1 68  ? 10.636  3.108   -11.677 1.00 26.73 ? 65   LEU A O     1 
ATOM   508  C  CB    . LEU A 1 68  ? 8.107   2.232   -13.477 1.00 30.54 ? 65   LEU A CB    1 
ATOM   509  C  CG    . LEU A 1 68  ? 7.390   1.296   -14.451 1.00 31.28 ? 65   LEU A CG    1 
ATOM   510  C  CD1   . LEU A 1 68  ? 5.932   1.179   -14.050 1.00 32.42 ? 65   LEU A CD1   1 
ATOM   511  C  CD2   . LEU A 1 68  ? 7.516   1.790   -15.888 1.00 32.54 ? 65   LEU A CD2   1 
ATOM   512  N  N     . THR A 1 69  ? 10.060  4.695   -13.176 1.00 27.72 ? 66   THR A N     1 
ATOM   513  C  CA    . THR A 1 69  ? 10.333  5.804   -12.275 1.00 28.33 ? 66   THR A CA    1 
ATOM   514  C  C     . THR A 1 69  ? 9.195   5.896   -11.266 1.00 26.94 ? 66   THR A C     1 
ATOM   515  O  O     . THR A 1 69  ? 8.113   5.338   -11.466 1.00 25.18 ? 66   THR A O     1 
ATOM   516  C  CB    . THR A 1 69  ? 10.416  7.144   -13.012 1.00 27.58 ? 66   THR A CB    1 
ATOM   517  O  OG1   . THR A 1 69  ? 9.155   7.418   -13.628 1.00 26.86 ? 66   THR A OG1   1 
ATOM   518  C  CG2   . THR A 1 69  ? 11.520  7.127   -14.068 1.00 28.22 ? 66   THR A CG2   1 
ATOM   519  N  N     . VAL A 1 70  ? 9.436   6.629   -10.192 1.00 25.72 ? 67   VAL A N     1 
ATOM   520  C  CA    . VAL A 1 70  ? 8.456   6.734   -9.128  1.00 26.09 ? 67   VAL A CA    1 
ATOM   521  C  C     . VAL A 1 70  ? 7.178   7.430   -9.615  1.00 26.27 ? 67   VAL A C     1 
ATOM   522  O  O     . VAL A 1 70  ? 6.089   7.073   -9.189  1.00 23.31 ? 67   VAL A O     1 
ATOM   523  C  CB    . VAL A 1 70  ? 9.063   7.388   -7.857  1.00 26.37 ? 67   VAL A CB    1 
ATOM   524  C  CG1   . VAL A 1 70  ? 9.275   8.888   -8.035  1.00 25.79 ? 67   VAL A CG1   1 
ATOM   525  C  CG2   . VAL A 1 70  ? 8.197   7.092   -6.642  1.00 27.33 ? 67   VAL A CG2   1 
ATOM   526  N  N     . LEU A 1 71  ? 7.297   8.386   -10.537 1.00 26.06 ? 68   LEU A N     1 
ATOM   527  C  CA    . LEU A 1 71  ? 6.103   9.029   -11.093 1.00 28.60 ? 68   LEU A CA    1 
ATOM   528  C  C     . LEU A 1 71  ? 5.324   8.115   -12.048 1.00 26.94 ? 68   LEU A C     1 
ATOM   529  O  O     . LEU A 1 71  ? 4.100   8.151   -12.060 1.00 26.55 ? 68   LEU A O     1 
ATOM   530  C  CB    . LEU A 1 71  ? 6.434   10.364  -11.768 1.00 33.24 ? 68   LEU A CB    1 
ATOM   531  C  CG    . LEU A 1 71  ? 6.925   11.480  -10.826 1.00 37.29 ? 68   LEU A CG    1 
ATOM   532  C  CD1   . LEU A 1 71  ? 7.471   12.656  -11.631 1.00 37.36 ? 68   LEU A CD1   1 
ATOM   533  C  CD2   . LEU A 1 71  ? 5.832   11.938  -9.863  1.00 37.41 ? 68   LEU A CD2   1 
ATOM   534  N  N     . GLN A 1 72  ? 6.026   7.301   -12.830 1.00 26.91 ? 69   GLN A N     1 
ATOM   535  C  CA    . GLN A 1 72  ? 5.373   6.294   -13.675 1.00 27.51 ? 69   GLN A CA    1 
ATOM   536  C  C     . GLN A 1 72  ? 4.681   5.246   -12.816 1.00 27.60 ? 69   GLN A C     1 
ATOM   537  O  O     . GLN A 1 72  ? 3.565   4.828   -13.106 1.00 28.19 ? 69   GLN A O     1 
ATOM   538  C  CB    . GLN A 1 72  ? 6.388   5.598   -14.556 1.00 28.91 ? 69   GLN A CB    1 
ATOM   539  C  CG    . GLN A 1 72  ? 6.910   6.475   -15.674 1.00 30.30 ? 69   GLN A CG    1 
ATOM   540  C  CD    . GLN A 1 72  ? 8.127   5.883   -16.341 1.00 31.36 ? 69   GLN A CD    1 
ATOM   541  O  OE1   . GLN A 1 72  ? 8.821   5.036   -15.775 1.00 31.79 ? 69   GLN A OE1   1 
ATOM   542  N  NE2   . GLN A 1 72  ? 8.394   6.325   -17.564 1.00 36.37 ? 69   GLN A NE2   1 
ATOM   543  N  N     . LEU A 1 73  ? 5.360   4.826   -11.757 1.00 26.53 ? 70   LEU A N     1 
ATOM   544  C  CA    . LEU A 1 73  ? 4.768   3.926   -10.792 1.00 26.09 ? 70   LEU A CA    1 
ATOM   545  C  C     . LEU A 1 73  ? 3.473   4.526   -10.241 1.00 25.57 ? 70   LEU A C     1 
ATOM   546  O  O     . LEU A 1 73  ? 2.444   3.844   -10.202 1.00 26.25 ? 70   LEU A O     1 
ATOM   547  C  CB    . LEU A 1 73  ? 5.754   3.614   -9.668  1.00 24.71 ? 70   LEU A CB    1 
ATOM   548  C  CG    . LEU A 1 73  ? 5.262   2.647   -8.591  1.00 24.12 ? 70   LEU A CG    1 
ATOM   549  C  CD1   . LEU A 1 73  ? 4.785   1.344   -9.216  1.00 23.77 ? 70   LEU A CD1   1 
ATOM   550  C  CD2   . LEU A 1 73  ? 6.384   2.410   -7.587  1.00 24.23 ? 70   LEU A CD2   1 
ATOM   551  N  N     . LEU A 1 74  ? 3.513   5.802   -9.854  1.00 25.69 ? 71   LEU A N     1 
ATOM   552  C  CA    . LEU A 1 74  ? 2.318   6.478   -9.347  1.00 27.38 ? 71   LEU A CA    1 
ATOM   553  C  C     . LEU A 1 74  ? 1.170   6.449   -10.357 1.00 29.38 ? 71   LEU A C     1 
ATOM   554  O  O     . LEU A 1 74  ? 0.028   6.149   -9.984  1.00 27.80 ? 71   LEU A O     1 
ATOM   555  C  CB    . LEU A 1 74  ? 2.604   7.922   -8.922  1.00 27.71 ? 71   LEU A CB    1 
ATOM   556  C  CG    . LEU A 1 74  ? 1.388   8.700   -8.401  1.00 29.35 ? 71   LEU A CG    1 
ATOM   557  C  CD1   . LEU A 1 74  ? 0.840   8.080   -7.118  1.00 30.11 ? 71   LEU A CD1   1 
ATOM   558  C  CD2   . LEU A 1 74  ? 1.712   10.168  -8.164  1.00 29.17 ? 71   LEU A CD2   1 
ATOM   559  N  N     A GLU A 1 75  ? 1.468   6.763   -11.622 0.50 29.35 ? 72   GLU A N     1 
ATOM   560  N  N     B GLU A 1 75  ? 1.473   6.780   -11.611 0.50 29.51 ? 72   GLU A N     1 
ATOM   561  C  CA    A GLU A 1 75  ? 0.482   6.665   -12.708 0.50 30.99 ? 72   GLU A CA    1 
ATOM   562  C  CA    B GLU A 1 75  ? 0.498   6.685   -12.691 0.50 31.82 ? 72   GLU A CA    1 
ATOM   563  C  C     A GLU A 1 75  ? -0.159  5.283   -12.758 0.50 30.18 ? 72   GLU A C     1 
ATOM   564  C  C     B GLU A 1 75  ? -0.148  5.296   -12.755 0.50 30.55 ? 72   GLU A C     1 
ATOM   565  O  O     A GLU A 1 75  ? -1.378  5.161   -12.895 0.50 29.75 ? 72   GLU A O     1 
ATOM   566  O  O     B GLU A 1 75  ? -1.369  5.185   -12.880 0.50 30.04 ? 72   GLU A O     1 
ATOM   567  C  CB    A GLU A 1 75  ? 1.125   6.943   -14.071 0.50 33.56 ? 72   GLU A CB    1 
ATOM   568  C  CB    B GLU A 1 75  ? 1.151   7.021   -14.035 0.50 35.45 ? 72   GLU A CB    1 
ATOM   569  C  CG    A GLU A 1 75  ? 1.561   8.378   -14.294 0.50 35.71 ? 72   GLU A CG    1 
ATOM   570  C  CG    B GLU A 1 75  ? 0.177   6.983   -15.199 0.50 39.56 ? 72   GLU A CG    1 
ATOM   571  C  CD    A GLU A 1 75  ? 2.527   8.518   -15.461 0.50 39.68 ? 72   GLU A CD    1 
ATOM   572  C  CD    B GLU A 1 75  ? 0.827   7.304   -16.533 0.50 44.66 ? 72   GLU A CD    1 
ATOM   573  O  OE1   A GLU A 1 75  ? 2.340   7.824   -16.484 0.50 43.04 ? 72   GLU A OE1   1 
ATOM   574  O  OE1   B GLU A 1 75  ? 2.062   7.497   -16.573 0.50 48.98 ? 72   GLU A OE1   1 
ATOM   575  O  OE2   A GLU A 1 75  ? 3.474   9.325   -15.354 0.50 41.65 ? 72   GLU A OE2   1 
ATOM   576  O  OE2   B GLU A 1 75  ? 0.097   7.364   -17.546 0.50 47.51 ? 72   GLU A OE2   1 
ATOM   577  N  N     . CYS A 1 76  ? 0.668   4.246   -12.663 1.00 30.63 ? 73   CYS A N     1 
ATOM   578  C  CA    . CYS A 1 76  ? 0.172   2.860   -12.703 1.00 31.14 ? 73   CYS A CA    1 
ATOM   579  C  C     . CYS A 1 76  ? -0.702  2.524   -11.497 1.00 30.77 ? 73   CYS A C     1 
ATOM   580  O  O     . CYS A 1 76  ? -1.685  1.795   -11.629 1.00 29.94 ? 73   CYS A O     1 
ATOM   581  C  CB    . CYS A 1 76  ? 1.320   1.854   -12.798 1.00 33.59 ? 73   CYS A CB    1 
ATOM   582  S  SG    . CYS A 1 76  ? 2.239   1.907   -14.359 1.00 38.24 ? 73   CYS A SG    1 
ATOM   583  N  N     . CYS A 1 77  ? -0.334  3.048   -10.329 1.00 28.76 ? 74   CYS A N     1 
ATOM   584  C  CA    . CYS A 1 77  ? -1.158  2.922   -9.130  1.00 27.99 ? 74   CYS A CA    1 
ATOM   585  C  C     . CYS A 1 77  ? -2.534  3.566   -9.323  1.00 29.33 ? 74   CYS A C     1 
ATOM   586  O  O     . CYS A 1 77  ? -3.569  2.956   -9.000  1.00 26.95 ? 74   CYS A O     1 
ATOM   587  C  CB    . CYS A 1 77  ? -0.439  3.523   -7.916  1.00 28.38 ? 74   CYS A CB    1 
ATOM   588  S  SG    . CYS A 1 77  ? 1.030   2.582   -7.414  1.00 30.83 ? 74   CYS A SG    1 
ATOM   589  N  N     . LEU A 1 78  ? -2.546  4.778   -9.871  1.00 27.46 ? 75   LEU A N     1 
ATOM   590  C  CA    . LEU A 1 78  ? -3.788  5.520   -10.082 1.00 29.26 ? 75   LEU A CA    1 
ATOM   591  C  C     . LEU A 1 78  ? -4.635  4.899   -11.190 1.00 28.98 ? 75   LEU A C     1 
ATOM   592  O  O     . LEU A 1 78  ? -5.854  4.818   -11.049 1.00 27.20 ? 75   LEU A O     1 
ATOM   593  C  CB    . LEU A 1 78  ? -3.510  6.997   -10.384 1.00 30.61 ? 75   LEU A CB    1 
ATOM   594  C  CG    . LEU A 1 78  ? -2.791  7.753   -9.261  1.00 32.76 ? 75   LEU A CG    1 
ATOM   595  C  CD1   . LEU A 1 78  ? -2.460  9.169   -9.704  1.00 33.38 ? 75   LEU A CD1   1 
ATOM   596  C  CD2   . LEU A 1 78  ? -3.601  7.767   -7.973  1.00 33.32 ? 75   LEU A CD2   1 
ATOM   597  N  N     . LYS A 1 79  ? -3.992  4.464   -12.275 1.00 28.89 ? 76   LYS A N     1 
ATOM   598  C  CA    . LYS A 1 79  ? -4.685  3.704   -13.330 1.00 30.62 ? 76   LYS A CA    1 
ATOM   599  C  C     . LYS A 1 79  ? -5.331  2.413   -12.809 1.00 28.32 ? 76   LYS A C     1 
ATOM   600  O  O     . LYS A 1 79  ? -6.402  2.029   -13.270 1.00 29.98 ? 76   LYS A O     1 
ATOM   601  C  CB    . LYS A 1 79  ? -3.739  3.350   -14.481 1.00 32.96 ? 76   LYS A CB    1 
ATOM   602  C  CG    . LYS A 1 79  ? -3.676  4.394   -15.588 1.00 40.15 ? 76   LYS A CG    1 
ATOM   603  C  CD    . LYS A 1 79  ? -2.937  3.876   -16.824 1.00 43.45 ? 76   LYS A CD    1 
ATOM   604  C  CE    . LYS A 1 79  ? -1.423  3.962   -16.673 1.00 44.80 ? 76   LYS A CE    1 
ATOM   605  N  NZ    . LYS A 1 79  ? -0.683  3.193   -17.715 1.00 46.51 ? 76   LYS A NZ    1 
ATOM   606  N  N     . THR A 1 80  ? -4.669  1.729   -11.884 1.00 26.53 ? 77   THR A N     1 
ATOM   607  C  CA    . THR A 1 80  ? -5.219  0.495   -11.307 1.00 26.66 ? 77   THR A CA    1 
ATOM   608  C  C     . THR A 1 80  ? -6.494  0.809   -10.519 1.00 27.32 ? 77   THR A C     1 
ATOM   609  O  O     . THR A 1 80  ? -7.493  0.086   -10.616 1.00 25.74 ? 77   THR A O     1 
ATOM   610  C  CB    . THR A 1 80  ? -4.186  -0.242  -10.428 1.00 25.82 ? 77   THR A CB    1 
ATOM   611  O  OG1   . THR A 1 80  ? -3.035  -0.552  -11.213 1.00 26.78 ? 77   THR A OG1   1 
ATOM   612  C  CG2   . THR A 1 80  ? -4.736  -1.554  -9.876  1.00 25.12 ? 77   THR A CG2   1 
ATOM   613  N  N     . GLU A 1 81  ? -6.470  1.902   -9.760  1.00 26.38 ? 78   GLU A N     1 
ATOM   614  C  CA    . GLU A 1 81  ? -7.660  2.355   -9.043  1.00 26.43 ? 78   GLU A CA    1 
ATOM   615  C  C     . GLU A 1 81  ? -8.825  2.640   -10.012 1.00 27.92 ? 78   GLU A C     1 
ATOM   616  O  O     . GLU A 1 81  ? -9.980  2.281   -9.739  1.00 24.65 ? 78   GLU A O     1 
ATOM   617  C  CB    . GLU A 1 81  ? -7.343  3.601   -8.211  1.00 26.29 ? 78   GLU A CB    1 
ATOM   618  C  CG    . GLU A 1 81  ? -6.402  3.336   -7.051  1.00 26.42 ? 78   GLU A CG    1 
ATOM   619  C  CD    . GLU A 1 81  ? -6.053  4.602   -6.283  1.00 28.25 ? 78   GLU A CD    1 
ATOM   620  O  OE1   . GLU A 1 81  ? -6.657  5.664   -6.542  1.00 29.20 ? 78   GLU A OE1   1 
ATOM   621  O  OE2   . GLU A 1 81  ? -5.174  4.536   -5.408  1.00 30.94 ? 78   GLU A OE2   1 
ATOM   622  N  N     . GLU A 1 82  ? -8.521  3.278   -11.138 1.00 28.83 ? 79   GLU A N     1 
ATOM   623  C  CA    . GLU A 1 82  ? -9.540  3.546   -12.155 1.00 32.18 ? 79   GLU A CA    1 
ATOM   624  C  C     . GLU A 1 82  ? -10.110 2.238   -12.702 1.00 30.53 ? 79   GLU A C     1 
ATOM   625  O  O     . GLU A 1 82  ? -11.316 2.109   -12.864 1.00 30.04 ? 79   GLU A O     1 
ATOM   626  C  CB    . GLU A 1 82  ? -8.965  4.355   -13.321 1.00 36.76 ? 79   GLU A CB    1 
ATOM   627  C  CG    . GLU A 1 82  ? -8.466  5.751   -12.986 1.00 41.74 ? 79   GLU A CG    1 
ATOM   628  C  CD    . GLU A 1 82  ? -7.619  6.331   -14.114 1.00 51.31 ? 79   GLU A CD    1 
ATOM   629  O  OE1   . GLU A 1 82  ? -7.934  6.055   -15.295 1.00 52.79 ? 79   GLU A OE1   1 
ATOM   630  O  OE2   . GLU A 1 82  ? -6.634  7.054   -13.827 1.00 57.33 ? 79   GLU A OE2   1 
ATOM   631  N  N     . CYS A 1 83  ? -9.240  1.274   -12.986 1.00 31.41 ? 80   CYS A N     1 
ATOM   632  C  CA    . CYS A 1 83  ? -9.669  -0.037  -13.467 1.00 33.90 ? 80   CYS A CA    1 
ATOM   633  C  C     . CYS A 1 83  ? -10.622 -0.715  -12.492 1.00 33.79 ? 80   CYS A C     1 
ATOM   634  O  O     . CYS A 1 83  ? -11.531 -1.424  -12.912 1.00 30.10 ? 80   CYS A O     1 
ATOM   635  C  CB    . CYS A 1 83  ? -8.474  -0.957  -13.704 1.00 36.51 ? 80   CYS A CB    1 
ATOM   636  S  SG    . CYS A 1 83  ? -7.399  -0.427  -15.055 1.00 43.81 ? 80   CYS A SG    1 
ATOM   637  N  N     . LEU A 1 84  ? -10.421 -0.496  -11.193 1.00 30.67 ? 81   LEU A N     1 
ATOM   638  C  CA    . LEU A 1 84  ? -11.303 -1.084  -10.179 1.00 29.95 ? 81   LEU A CA    1 
ATOM   639  C  C     . LEU A 1 84  ? -12.457 -0.145  -9.808  1.00 28.29 ? 81   LEU A C     1 
ATOM   640  O  O     . LEU A 1 84  ? -13.110 -0.316  -8.773  1.00 30.11 ? 81   LEU A O     1 
ATOM   641  C  CB    . LEU A 1 84  ? -10.501 -1.523  -8.943  1.00 30.22 ? 81   LEU A CB    1 
ATOM   642  C  CG    . LEU A 1 84  ? -9.939  -2.959  -8.919  1.00 32.60 ? 81   LEU A CG    1 
ATOM   643  C  CD1   . LEU A 1 84  ? -11.025 -4.015  -9.097  1.00 33.00 ? 81   LEU A CD1   1 
ATOM   644  C  CD2   . LEU A 1 84  ? -8.841  -3.168  -9.949  1.00 32.10 ? 81   LEU A CD2   1 
ATOM   645  N  N     . HIS A 1 85  ? -12.705 0.838   -10.672 1.00 28.02 ? 82   HIS A N     1 
ATOM   646  C  CA    . HIS A 1 85  ? -13.897 1.688   -10.614 1.00 30.14 ? 82   HIS A CA    1 
ATOM   647  C  C     . HIS A 1 85  ? -13.950 2.535   -9.358  1.00 29.73 ? 82   HIS A C     1 
ATOM   648  O  O     . HIS A 1 85  ? -15.017 2.717   -8.772  1.00 29.24 ? 82   HIS A O     1 
ATOM   649  C  CB    . HIS A 1 85  ? -15.178 0.851   -10.766 1.00 33.15 ? 82   HIS A CB    1 
ATOM   650  C  CG    . HIS A 1 85  ? -15.124 -0.110  -11.908 1.00 36.94 ? 82   HIS A CG    1 
ATOM   651  N  ND1   . HIS A 1 85  ? -15.098 0.306   -13.223 1.00 39.61 ? 82   HIS A ND1   1 
ATOM   652  C  CD2   . HIS A 1 85  ? -15.062 -1.462  -11.939 1.00 40.63 ? 82   HIS A CD2   1 
ATOM   653  C  CE1   . HIS A 1 85  ? -15.034 -0.749  -14.016 1.00 40.33 ? 82   HIS A CE1   1 
ATOM   654  N  NE2   . HIS A 1 85  ? -15.011 -1.834  -13.262 1.00 43.97 ? 82   HIS A NE2   1 
ATOM   655  N  N     . ARG A 1 86  ? -12.796 3.049   -8.936  1.00 28.63 ? 83   ARG A N     1 
ATOM   656  C  CA    . ARG A 1 86  ? -12.785 4.013   -7.855  1.00 28.32 ? 83   ARG A CA    1 
ATOM   657  C  C     . ARG A 1 86  ? -13.377 5.302   -8.385  1.00 30.22 ? 83   ARG A C     1 
ATOM   658  O  O     . ARG A 1 86  ? -12.770 5.984   -9.212  1.00 29.22 ? 83   ARG A O     1 
ATOM   659  C  CB    . ARG A 1 86  ? -11.389 4.271   -7.293  1.00 26.62 ? 83   ARG A CB    1 
ATOM   660  C  CG    . ARG A 1 86  ? -11.434 5.257   -6.140  1.00 26.13 ? 83   ARG A CG    1 
ATOM   661  C  CD    . ARG A 1 86  ? -10.079 5.528   -5.542  1.00 25.36 ? 83   ARG A CD    1 
ATOM   662  N  NE    . ARG A 1 86  ? -10.178 6.467   -4.431  1.00 26.02 ? 83   ARG A NE    1 
ATOM   663  C  CZ    . ARG A 1 86  ? -9.156  6.839   -3.660  1.00 26.89 ? 83   ARG A CZ    1 
ATOM   664  N  NH1   . ARG A 1 86  ? -7.934  6.357   -3.872  1.00 26.00 ? 83   ARG A NH1   1 
ATOM   665  N  NH2   . ARG A 1 86  ? -9.354  7.708   -2.676  1.00 27.74 ? 83   ARG A NH2   1 
ATOM   666  N  N     . ILE A 1 87  ? -14.569 5.625   -7.903  1.00 32.09 ? 84   ILE A N     1 
ATOM   667  C  CA    . ILE A 1 87  ? -15.287 6.811   -8.351  1.00 35.87 ? 84   ILE A CA    1 
ATOM   668  C  C     . ILE A 1 87  ? -15.126 7.906   -7.313  1.00 35.86 ? 84   ILE A C     1 
ATOM   669  O  O     . ILE A 1 87  ? -14.850 9.047   -7.655  1.00 35.61 ? 84   ILE A O     1 
ATOM   670  C  CB    . ILE A 1 87  ? -16.776 6.498   -8.614  1.00 39.16 ? 84   ILE A CB    1 
ATOM   671  C  CG1   . ILE A 1 87  ? -16.893 5.536   -9.805  1.00 42.22 ? 84   ILE A CG1   1 
ATOM   672  C  CG2   . ILE A 1 87  ? -17.551 7.778   -8.915  1.00 42.04 ? 84   ILE A CG2   1 
ATOM   673  C  CD1   . ILE A 1 87  ? -18.269 4.934   -10.006 1.00 45.55 ? 84   ILE A CD1   1 
ATOM   674  N  N     . ARG A 1 88  ? -15.293 7.554   -6.045  1.00 35.28 ? 85   ARG A N     1 
ATOM   675  C  CA    . ARG A 1 88  ? -15.069 8.501   -4.962  1.00 35.33 ? 85   ARG A CA    1 
ATOM   676  C  C     . ARG A 1 88  ? -13.626 8.996   -4.968  1.00 39.11 ? 85   ARG A C     1 
ATOM   677  O  O     . ARG A 1 88  ? -12.692 8.193   -5.052  1.00 38.12 ? 85   ARG A O     1 
ATOM   678  C  CB    . ARG A 1 88  ? -15.354 7.849   -3.614  1.00 34.95 ? 85   ARG A CB    1 
ATOM   679  C  CG    . ARG A 1 88  ? -16.801 7.448   -3.388  1.00 34.56 ? 85   ARG A CG    1 
ATOM   680  C  CD    . ARG A 1 88  ? -16.914 6.687   -2.076  1.00 33.58 ? 85   ARG A CD    1 
ATOM   681  N  NE    . ARG A 1 88  ? -18.296 6.548   -1.650  1.00 30.94 ? 85   ARG A NE    1 
ATOM   682  C  CZ    . ARG A 1 88  ? -19.092 5.529   -1.948  1.00 28.76 ? 85   ARG A CZ    1 
ATOM   683  N  NH1   . ARG A 1 88  ? -18.667 4.515   -2.690  1.00 29.51 ? 85   ARG A NH1   1 
ATOM   684  N  NH2   . ARG A 1 88  ? -20.338 5.539   -1.497  1.00 28.26 ? 85   ARG A NH2   1 
ATOM   685  N  N     . LYS A 1 89  ? -13.448 10.311  -4.863  1.00 41.42 ? 86   LYS A N     1 
ATOM   686  C  CA    . LYS A 1 89  ? -12.112 10.899  -4.746  1.00 45.21 ? 86   LYS A CA    1 
ATOM   687  C  C     . LYS A 1 89  ? -11.916 11.720  -3.456  1.00 44.58 ? 86   LYS A C     1 
ATOM   688  O  O     . LYS A 1 89  ? -10.899 12.404  -3.303  1.00 44.00 ? 86   LYS A O     1 
ATOM   689  C  CB    . LYS A 1 89  ? -11.797 11.736  -5.993  1.00 47.67 ? 86   LYS A CB    1 
ATOM   690  C  CG    . LYS A 1 89  ? -11.841 10.953  -7.310  1.00 50.29 ? 86   LYS A CG    1 
ATOM   691  C  CD    . LYS A 1 89  ? -10.927 9.724   -7.347  1.00 55.12 ? 86   LYS A CD    1 
ATOM   692  C  CE    . LYS A 1 89  ? -9.480  10.045  -6.983  1.00 60.40 ? 86   LYS A CE    1 
ATOM   693  N  NZ    . LYS A 1 89  ? -8.524  8.992   -7.438  1.00 62.82 ? 86   LYS A NZ    1 
ATOM   694  N  N     . GLU A 1 90  ? -12.863 11.630  -2.521  1.00 39.59 ? 87   GLU A N     1 
ATOM   695  C  CA    . GLU A 1 90  ? -12.698 12.268  -1.215  1.00 38.52 ? 87   GLU A CA    1 
ATOM   696  C  C     . GLU A 1 90  ? -11.661 11.451  -0.458  1.00 36.55 ? 87   GLU A C     1 
ATOM   697  O  O     . GLU A 1 90  ? -11.862 10.254  -0.205  1.00 34.20 ? 87   GLU A O     1 
ATOM   698  C  CB    . GLU A 1 90  ? -14.009 12.326  -0.420  1.00 39.70 ? 87   GLU A CB    1 
ATOM   699  C  CG    . GLU A 1 90  ? -15.108 13.153  -1.074  1.00 40.41 ? 87   GLU A CG    1 
ATOM   700  C  CD    . GLU A 1 90  ? -15.749 12.464  -2.275  1.00 43.13 ? 87   GLU A CD    1 
ATOM   701  O  OE1   . GLU A 1 90  ? -15.752 11.211  -2.333  1.00 41.39 ? 87   GLU A OE1   1 
ATOM   702  O  OE2   . GLU A 1 90  ? -16.248 13.176  -3.175  1.00 47.06 ? 87   GLU A OE2   1 
ATOM   703  N  N     . ARG A 1 91  ? -10.550 12.097  -0.111  1.00 32.17 ? 88   ARG A N     1 
ATOM   704  C  CA    . ARG A 1 91  ? -9.424  11.425  0.531   1.00 32.30 ? 88   ARG A CA    1 
ATOM   705  C  C     . ARG A 1 91  ? -9.842  10.716  1.815   1.00 29.33 ? 88   ARG A C     1 
ATOM   706  O  O     . ARG A 1 91  ? -9.335  9.647   2.140   1.00 30.13 ? 88   ARG A O     1 
ATOM   707  C  CB    . ARG A 1 91  ? -8.313  12.438  0.850   1.00 35.13 ? 88   ARG A CB    1 
ATOM   708  C  CG    . ARG A 1 91  ? -7.666  13.073  -0.378  1.00 38.26 ? 88   ARG A CG    1 
ATOM   709  C  CD    . ARG A 1 91  ? -6.660  14.134  0.045   1.00 38.50 ? 88   ARG A CD    1 
ATOM   710  N  NE    . ARG A 1 91  ? -5.562  13.540  0.804   1.00 38.05 ? 88   ARG A NE    1 
ATOM   711  C  CZ    . ARG A 1 91  ? -4.379  13.194  0.299   1.00 41.08 ? 88   ARG A CZ    1 
ATOM   712  N  NH1   . ARG A 1 91  ? -4.099  13.386  -0.991  1.00 41.54 ? 88   ARG A NH1   1 
ATOM   713  N  NH2   . ARG A 1 91  ? -3.457  12.653  1.093   1.00 41.16 ? 88   ARG A NH2   1 
ATOM   714  N  N     . TRP A 1 92  ? -10.760 11.337  2.547   1.00 27.99 ? 89   TRP A N     1 
ATOM   715  C  CA    . TRP A 1 92  ? -11.233 10.797  3.826   1.00 28.79 ? 89   TRP A CA    1 
ATOM   716  C  C     . TRP A 1 92  ? -12.273 9.681   3.668   1.00 27.57 ? 89   TRP A C     1 
ATOM   717  O  O     . TRP A 1 92  ? -12.569 8.973   4.630   1.00 29.21 ? 89   TRP A O     1 
ATOM   718  C  CB    . TRP A 1 92  ? -11.820 11.921  4.695   1.00 28.51 ? 89   TRP A CB    1 
ATOM   719  C  CG    . TRP A 1 92  ? -12.871 12.759  4.006   1.00 29.56 ? 89   TRP A CG    1 
ATOM   720  C  CD1   . TRP A 1 92  ? -12.681 13.965  3.383   1.00 30.34 ? 89   TRP A CD1   1 
ATOM   721  C  CD2   . TRP A 1 92  ? -14.266 12.452  3.868   1.00 30.42 ? 89   TRP A CD2   1 
ATOM   722  N  NE1   . TRP A 1 92  ? -13.865 14.420  2.864   1.00 32.25 ? 89   TRP A NE1   1 
ATOM   723  C  CE2   . TRP A 1 92  ? -14.857 13.514  3.149   1.00 32.57 ? 89   TRP A CE2   1 
ATOM   724  C  CE3   . TRP A 1 92  ? -15.074 11.378  4.278   1.00 31.81 ? 89   TRP A CE3   1 
ATOM   725  C  CZ2   . TRP A 1 92  ? -16.223 13.539  2.833   1.00 33.94 ? 89   TRP A CZ2   1 
ATOM   726  C  CZ3   . TRP A 1 92  ? -16.431 11.401  3.962   1.00 31.87 ? 89   TRP A CZ3   1 
ATOM   727  C  CH2   . TRP A 1 92  ? -16.990 12.473  3.246   1.00 33.58 ? 89   TRP A CH2   1 
ATOM   728  N  N     . GLY A 1 93  ? -12.822 9.539   2.461   1.00 25.24 ? 90   GLY A N     1 
ATOM   729  C  CA    . GLY A 1 93  ? -13.988 8.698   2.226   1.00 25.61 ? 90   GLY A CA    1 
ATOM   730  C  C     . GLY A 1 93  ? -13.641 7.302   1.747   1.00 24.70 ? 90   GLY A C     1 
ATOM   731  O  O     . GLY A 1 93  ? -12.484 7.003   1.496   1.00 25.46 ? 90   GLY A O     1 
ATOM   732  N  N     . PRO A 1 94  ? -14.659 6.436   1.606   1.00 24.52 ? 91   PRO A N     1 
ATOM   733  C  CA    . PRO A 1 94  ? -14.420 5.043   1.203   1.00 24.10 ? 91   PRO A CA    1 
ATOM   734  C  C     . PRO A 1 94  ? -13.982 4.897   -0.247  1.00 22.83 ? 91   PRO A C     1 
ATOM   735  O  O     . PRO A 1 94  ? -14.132 5.828   -1.039  1.00 25.15 ? 91   PRO A O     1 
ATOM   736  C  CB    . PRO A 1 94  ? -15.773 4.360   1.432   1.00 24.02 ? 91   PRO A CB    1 
ATOM   737  C  CG    . PRO A 1 94  ? -16.777 5.452   1.550   1.00 25.06 ? 91   PRO A CG    1 
ATOM   738  C  CD    . PRO A 1 94  ? -16.057 6.685   2.006   1.00 23.90 ? 91   PRO A CD    1 
ATOM   739  N  N     . ARG A 1 95  ? -13.446 3.726   -0.581  1.00 22.04 ? 92   ARG A N     1 
ATOM   740  C  CA    . ARG A 1 95  ? -12.973 3.452   -1.936  1.00 21.51 ? 92   ARG A CA    1 
ATOM   741  C  C     . ARG A 1 95  ? -12.913 1.955   -2.254  1.00 20.47 ? 92   ARG A C     1 
ATOM   742  O  O     . ARG A 1 95  ? -12.582 1.121   -1.393  1.00 20.26 ? 92   ARG A O     1 
ATOM   743  C  CB    . ARG A 1 95  ? -11.606 4.122   -2.200  1.00 21.28 ? 92   ARG A CB    1 
ATOM   744  C  CG    . ARG A 1 95  ? -10.404 3.506   -1.491  1.00 20.72 ? 92   ARG A CG    1 
ATOM   745  C  CD    . ARG A 1 95  ? -10.410 3.717   0.019   1.00 21.12 ? 92   ARG A CD    1 
ATOM   746  N  NE    . ARG A 1 95  ? -10.538 5.134   0.351   1.00 22.50 ? 92   ARG A NE    1 
ATOM   747  C  CZ    . ARG A 1 95  ? -9.521  5.992   0.486   1.00 23.04 ? 92   ARG A CZ    1 
ATOM   748  N  NH1   . ARG A 1 95  ? -8.259  5.594   0.343   1.00 23.08 ? 92   ARG A NH1   1 
ATOM   749  N  NH2   . ARG A 1 95  ? -9.774  7.267   0.764   1.00 22.04 ? 92   ARG A NH2   1 
ATOM   750  N  N     . THR A 1 96  ? -13.235 1.628   -3.502  1.00 21.67 ? 93   THR A N     1 
ATOM   751  C  CA    . THR A 1 96  ? -13.123 0.251   -4.004  1.00 22.67 ? 93   THR A CA    1 
ATOM   752  C  C     . THR A 1 96  ? -11.684 -0.257  -3.976  1.00 22.28 ? 93   THR A C     1 
ATOM   753  O  O     . THR A 1 96  ? -11.436 -1.436  -3.726  1.00 22.05 ? 93   THR A O     1 
ATOM   754  C  CB    . THR A 1 96  ? -13.635 0.121   -5.454  1.00 22.92 ? 93   THR A CB    1 
ATOM   755  O  OG1   . THR A 1 96  ? -12.921 1.033   -6.301  1.00 24.30 ? 93   THR A OG1   1 
ATOM   756  C  CG2   . THR A 1 96  ? -15.128 0.407   -5.543  1.00 23.59 ? 93   THR A CG2   1 
ATOM   757  N  N     . LEU A 1 97  ? -10.741 0.634   -4.269  1.00 22.03 ? 94   LEU A N     1 
ATOM   758  C  CA    . LEU A 1 97  ? -9.332  0.294   -4.254  1.00 20.55 ? 94   LEU A CA    1 
ATOM   759  C  C     . LEU A 1 97  ? -8.475  1.537   -4.018  1.00 20.49 ? 94   LEU A C     1 
ATOM   760  O  O     . LEU A 1 97  ? -8.743  2.606   -4.568  1.00 22.38 ? 94   LEU A O     1 
ATOM   761  C  CB    . LEU A 1 97  ? -8.907  -0.379  -5.569  1.00 20.56 ? 94   LEU A CB    1 
ATOM   762  C  CG    . LEU A 1 97  ? -7.440  -0.821  -5.607  1.00 20.51 ? 94   LEU A CG    1 
ATOM   763  C  CD1   . LEU A 1 97  ? -7.204  -2.014  -4.698  1.00 20.29 ? 94   LEU A CD1   1 
ATOM   764  C  CD2   . LEU A 1 97  ? -6.949  -1.115  -7.025  1.00 22.47 ? 94   LEU A CD2   1 
ATOM   765  N  N     . ASP A 1 98  ? -7.443  1.360   -3.205  1.00 19.54 ? 95   ASP A N     1 
ATOM   766  C  CA    . ASP A 1 98  ? -6.438  2.387   -2.919  1.00 18.93 ? 95   ASP A CA    1 
ATOM   767  C  C     . ASP A 1 98  ? -5.079  1.718   -3.067  1.00 18.23 ? 95   ASP A C     1 
ATOM   768  O  O     . ASP A 1 98  ? -4.845  0.667   -2.486  1.00 18.78 ? 95   ASP A O     1 
ATOM   769  C  CB    . ASP A 1 98  ? -6.619  2.902   -1.490  1.00 18.30 ? 95   ASP A CB    1 
ATOM   770  C  CG    . ASP A 1 98  ? -5.660  4.032   -1.145  1.00 18.43 ? 95   ASP A CG    1 
ATOM   771  O  OD1   . ASP A 1 98  ? -5.348  4.849   -2.027  1.00 17.20 ? 95   ASP A OD1   1 
ATOM   772  O  OD2   . ASP A 1 98  ? -5.215  4.098   0.021   1.00 19.14 ? 95   ASP A OD2   1 
ATOM   773  N  N     . VAL A 1 99  ? -4.213  2.297   -3.893  1.00 18.12 ? 96   VAL A N     1 
ATOM   774  C  CA    . VAL A 1 99  ? -2.863  1.790   -4.089  1.00 17.74 ? 96   VAL A CA    1 
ATOM   775  C  C     . VAL A 1 99  ? -1.880  2.910   -3.767  1.00 18.12 ? 96   VAL A C     1 
ATOM   776  O  O     . VAL A 1 99  ? -1.787  3.899   -4.500  1.00 18.96 ? 96   VAL A O     1 
ATOM   777  C  CB    . VAL A 1 99  ? -2.634  1.320   -5.539  1.00 18.45 ? 96   VAL A CB    1 
ATOM   778  C  CG1   . VAL A 1 99  ? -1.255  0.692   -5.701  1.00 18.83 ? 96   VAL A CG1   1 
ATOM   779  C  CG2   . VAL A 1 99  ? -3.710  0.324   -5.944  1.00 19.29 ? 96   VAL A CG2   1 
ATOM   780  N  N     . ASP A 1 100 ? -1.140  2.729   -2.681  1.00 18.12 ? 97   ASP A N     1 
ATOM   781  C  CA    . ASP A 1 100 ? -0.233  3.744   -2.159  1.00 18.01 ? 97   ASP A CA    1 
ATOM   782  C  C     . ASP A 1 100 ? 1.201   3.269   -2.308  1.00 18.29 ? 97   ASP A C     1 
ATOM   783  O  O     . ASP A 1 100 ? 1.503   2.107   -2.043  1.00 17.76 ? 97   ASP A O     1 
ATOM   784  C  CB    . ASP A 1 100 ? -0.545  4.013   -0.681  1.00 18.04 ? 97   ASP A CB    1 
ATOM   785  C  CG    . ASP A 1 100 ? -1.887  4.698   -0.476  1.00 17.05 ? 97   ASP A CG    1 
ATOM   786  O  OD1   . ASP A 1 100 ? -2.439  5.262   -1.437  1.00 16.24 ? 97   ASP A OD1   1 
ATOM   787  O  OD2   . ASP A 1 100 ? -2.424  4.673   0.654   1.00 17.49 ? 97   ASP A OD2   1 
ATOM   788  N  N     . ILE A 1 101 ? 2.087   4.158   -2.752  1.00 17.98 ? 98   ILE A N     1 
ATOM   789  C  CA    . ILE A 1 101 ? 3.506   3.841   -2.763  1.00 18.21 ? 98   ILE A CA    1 
ATOM   790  C  C     . ILE A 1 101 ? 4.069   4.076   -1.369  1.00 18.38 ? 98   ILE A C     1 
ATOM   791  O  O     . ILE A 1 101 ? 4.061   5.208   -0.876  1.00 19.82 ? 98   ILE A O     1 
ATOM   792  C  CB    . ILE A 1 101 ? 4.305   4.685   -3.773  1.00 18.97 ? 98   ILE A CB    1 
ATOM   793  C  CG1   . ILE A 1 101 ? 3.777   4.460   -5.200  1.00 20.35 ? 98   ILE A CG1   1 
ATOM   794  C  CG2   . ILE A 1 101 ? 5.778   4.300   -3.694  1.00 17.82 ? 98   ILE A CG2   1 
ATOM   795  C  CD1   . ILE A 1 101 ? 4.272   5.483   -6.209  1.00 21.75 ? 98   ILE A CD1   1 
ATOM   796  N  N     . LEU A 1 102 ? 4.563   3.014   -0.741  1.00 18.14 ? 99   LEU A N     1 
ATOM   797  C  CA    . LEU A 1 102 ? 5.078   3.090   0.618   1.00 18.48 ? 99   LEU A CA    1 
ATOM   798  C  C     . LEU A 1 102 ? 6.568   3.384   0.648   1.00 18.29 ? 99   LEU A C     1 
ATOM   799  O  O     . LEU A 1 102 ? 7.017   4.225   1.421   1.00 18.49 ? 99   LEU A O     1 
ATOM   800  C  CB    . LEU A 1 102 ? 4.799   1.786   1.364   1.00 18.89 ? 99   LEU A CB    1 
ATOM   801  C  CG    . LEU A 1 102 ? 3.329   1.417   1.490   1.00 19.61 ? 99   LEU A CG    1 
ATOM   802  C  CD1   . LEU A 1 102 ? 3.195   0.068   2.177   1.00 21.05 ? 99   LEU A CD1   1 
ATOM   803  C  CD2   . LEU A 1 102 ? 2.554   2.482   2.250   1.00 20.02 ? 99   LEU A CD2   1 
ATOM   804  N  N     . LEU A 1 103 ? 7.313   2.648   -0.172  1.00 18.35 ? 100  LEU A N     1 
ATOM   805  C  CA    . LEU A 1 103 ? 8.768   2.728   -0.247  1.00 19.01 ? 100  LEU A CA    1 
ATOM   806  C  C     . LEU A 1 103 ? 9.176   2.535   -1.694  1.00 20.13 ? 100  LEU A C     1 
ATOM   807  O  O     . LEU A 1 103 ? 8.558   1.742   -2.434  1.00 18.76 ? 100  LEU A O     1 
ATOM   808  C  CB    . LEU A 1 103 ? 9.422   1.636   0.603   1.00 20.11 ? 100  LEU A CB    1 
ATOM   809  C  CG    . LEU A 1 103 ? 9.158   1.663   2.111   1.00 21.59 ? 100  LEU A CG    1 
ATOM   810  C  CD1   . LEU A 1 103 ? 9.593   0.365   2.765   1.00 21.87 ? 100  LEU A CD1   1 
ATOM   811  C  CD2   . LEU A 1 103 ? 9.877   2.852   2.748   1.00 21.73 ? 100  LEU A CD2   1 
ATOM   812  N  N     . TYR A 1 104 ? 10.204  3.271   -2.104  1.00 20.16 ? 101  TYR A N     1 
ATOM   813  C  CA    . TYR A 1 104 ? 10.782  3.138   -3.435  1.00 22.26 ? 101  TYR A CA    1 
ATOM   814  C  C     . TYR A 1 104 ? 12.303  3.076   -3.244  1.00 23.23 ? 101  TYR A C     1 
ATOM   815  O  O     . TYR A 1 104 ? 12.981  4.102   -3.148  1.00 22.77 ? 101  TYR A O     1 
ATOM   816  C  CB    . TYR A 1 104 ? 10.337  4.306   -4.313  1.00 22.37 ? 101  TYR A CB    1 
ATOM   817  C  CG    . TYR A 1 104 ? 10.783  4.219   -5.755  1.00 23.03 ? 101  TYR A CG    1 
ATOM   818  C  CD1   . TYR A 1 104 ? 12.012  4.738   -6.151  1.00 24.97 ? 101  TYR A CD1   1 
ATOM   819  C  CD2   . TYR A 1 104 ? 9.971   3.643   -6.726  1.00 23.31 ? 101  TYR A CD2   1 
ATOM   820  C  CE1   . TYR A 1 104 ? 12.428  4.677   -7.472  1.00 24.80 ? 101  TYR A CE1   1 
ATOM   821  C  CE2   . TYR A 1 104 ? 10.373  3.577   -8.054  1.00 23.72 ? 101  TYR A CE2   1 
ATOM   822  C  CZ    . TYR A 1 104 ? 11.606  4.098   -8.422  1.00 25.25 ? 101  TYR A CZ    1 
ATOM   823  O  OH    . TYR A 1 104 ? 12.033  4.048   -9.734  1.00 23.09 ? 101  TYR A OH    1 
ATOM   824  N  N     . GLY A 1 105 ? 12.820  1.852   -3.129  1.00 23.64 ? 102  GLY A N     1 
ATOM   825  C  CA    . GLY A 1 105 ? 14.172  1.626   -2.625  1.00 24.24 ? 102  GLY A CA    1 
ATOM   826  C  C     . GLY A 1 105 ? 14.367  2.369   -1.310  1.00 24.19 ? 102  GLY A C     1 
ATOM   827  O  O     . GLY A 1 105 ? 13.480  2.383   -0.457  1.00 23.33 ? 102  GLY A O     1 
ATOM   828  N  N     . GLU A 1 106 ? 15.513  3.025   -1.154  1.00 23.78 ? 103  GLU A N     1 
ATOM   829  C  CA    . GLU A 1 106 ? 15.763  3.858   0.027   1.00 24.62 ? 103  GLU A CA    1 
ATOM   830  C  C     . GLU A 1 106 ? 15.610  5.337   -0.304  1.00 23.00 ? 103  GLU A C     1 
ATOM   831  O  O     . GLU A 1 106 ? 16.060  6.192   0.450   1.00 22.91 ? 103  GLU A O     1 
ATOM   832  C  CB    . GLU A 1 106 ? 17.163  3.567   0.586   1.00 25.86 ? 103  GLU A CB    1 
ATOM   833  C  CG    . GLU A 1 106 ? 17.272  2.196   1.233   1.00 28.51 ? 103  GLU A CG    1 
ATOM   834  C  CD    . GLU A 1 106 ? 16.455  2.100   2.510   1.00 29.52 ? 103  GLU A CD    1 
ATOM   835  O  OE1   . GLU A 1 106 ? 16.591  3.010   3.364   1.00 31.23 ? 103  GLU A OE1   1 
ATOM   836  O  OE2   . GLU A 1 106 ? 15.684  1.123   2.660   1.00 29.95 ? 103  GLU A OE2   1 
ATOM   837  N  N     . GLU A 1 107 ? 14.952  5.636   -1.420  1.00 23.02 ? 104  GLU A N     1 
ATOM   838  C  CA    . GLU A 1 107 ? 14.802  7.011   -1.867  1.00 23.88 ? 104  GLU A CA    1 
ATOM   839  C  C     . GLU A 1 107 ? 13.749  7.763   -1.052  1.00 24.47 ? 104  GLU A C     1 
ATOM   840  O  O     . GLU A 1 107 ? 12.795  7.172   -0.547  1.00 20.83 ? 104  GLU A O     1 
ATOM   841  C  CB    . GLU A 1 107 ? 14.444  7.065   -3.357  1.00 24.06 ? 104  GLU A CB    1 
ATOM   842  C  CG    . GLU A 1 107 ? 15.510  6.469   -4.275  1.00 25.21 ? 104  GLU A CG    1 
ATOM   843  C  CD    . GLU A 1 107 ? 16.768  7.330   -4.411  1.00 26.54 ? 104  GLU A CD    1 
ATOM   844  O  OE1   . GLU A 1 107 ? 16.856  8.410   -3.789  1.00 26.40 ? 104  GLU A OE1   1 
ATOM   845  O  OE2   . GLU A 1 107 ? 17.676  6.935   -5.163  1.00 27.62 ? 104  GLU A OE2   1 
ATOM   846  N  N     . MET A 1 108 ? 13.945  9.073   -0.938  1.00 23.91 ? 105  MET A N     1 
ATOM   847  C  CA    . MET A 1 108 ? 13.002  9.958   -0.270  1.00 24.35 ? 105  MET A CA    1 
ATOM   848  C  C     . MET A 1 108 ? 12.654  11.119  -1.190  1.00 24.60 ? 105  MET A C     1 
ATOM   849  O  O     . MET A 1 108 ? 13.528  11.673  -1.875  1.00 25.43 ? 105  MET A O     1 
ATOM   850  C  CB    . MET A 1 108 ? 13.603  10.516  1.019   1.00 26.74 ? 105  MET A CB    1 
ATOM   851  C  CG    . MET A 1 108 ? 13.948  9.469   2.057   1.00 29.84 ? 105  MET A CG    1 
ATOM   852  S  SD    . MET A 1 108 ? 14.626  10.188  3.570   1.00 34.90 ? 105  MET A SD    1 
ATOM   853  C  CE    . MET A 1 108 ? 16.110  10.957  2.931   1.00 36.23 ? 105  MET A CE    1 
ATOM   854  N  N     . ILE A 1 109 ? 11.375  11.479  -1.204  1.00 22.92 ? 106  ILE A N     1 
ATOM   855  C  CA    . ILE A 1 109 ? 10.892  12.611  -1.984  1.00 24.72 ? 106  ILE A CA    1 
ATOM   856  C  C     . ILE A 1 109 ? 9.634   13.171  -1.318  1.00 24.53 ? 106  ILE A C     1 
ATOM   857  O  O     . ILE A 1 109 ? 8.791   12.414  -0.816  1.00 22.42 ? 106  ILE A O     1 
ATOM   858  C  CB    . ILE A 1 109 ? 10.654  12.220  -3.468  1.00 25.28 ? 106  ILE A CB    1 
ATOM   859  C  CG1   . ILE A 1 109 ? 10.496  13.468  -4.337  1.00 28.85 ? 106  ILE A CG1   1 
ATOM   860  C  CG2   . ILE A 1 109 ? 9.449   11.305  -3.631  1.00 25.61 ? 106  ILE A CG2   1 
ATOM   861  C  CD1   . ILE A 1 109 ? 10.531  13.191  -5.827  1.00 29.79 ? 106  ILE A CD1   1 
ATOM   862  N  N     . ASP A 1 110 ? 9.537   14.495  -1.282  1.00 24.36 ? 107  ASP A N     1 
ATOM   863  C  CA    . ASP A 1 110 ? 8.380   15.183  -0.728  1.00 25.65 ? 107  ASP A CA    1 
ATOM   864  C  C     . ASP A 1 110 ? 7.936   16.292  -1.664  1.00 26.93 ? 107  ASP A C     1 
ATOM   865  O  O     . ASP A 1 110 ? 8.071   17.474  -1.347  1.00 25.90 ? 107  ASP A O     1 
ATOM   866  C  CB    . ASP A 1 110 ? 8.706   15.752  0.657   1.00 27.42 ? 107  ASP A CB    1 
ATOM   867  C  CG    . ASP A 1 110 ? 8.704   14.688  1.727   1.00 30.52 ? 107  ASP A CG    1 
ATOM   868  O  OD1   . ASP A 1 110 ? 7.624   14.115  2.001   1.00 32.27 ? 107  ASP A OD1   1 
ATOM   869  O  OD2   . ASP A 1 110 ? 9.781   14.423  2.296   1.00 30.30 ? 107  ASP A OD2   1 
ATOM   870  N  N     . LEU A 1 111 ? 7.435   15.888  -2.830  1.00 27.17 ? 108  LEU A N     1 
ATOM   871  C  CA    . LEU A 1 111 ? 6.775   16.791  -3.768  1.00 28.29 ? 108  LEU A CA    1 
ATOM   872  C  C     . LEU A 1 111 ? 5.415   17.149  -3.201  1.00 29.60 ? 108  LEU A C     1 
ATOM   873  O  O     . LEU A 1 111 ? 4.842   16.369  -2.440  1.00 25.83 ? 108  LEU A O     1 
ATOM   874  C  CB    . LEU A 1 111 ? 6.572   16.110  -5.121  1.00 28.29 ? 108  LEU A CB    1 
ATOM   875  C  CG    . LEU A 1 111 ? 7.794   16.051  -6.034  1.00 31.18 ? 108  LEU A CG    1 
ATOM   876  C  CD1   . LEU A 1 111 ? 7.618   14.969  -7.089  1.00 30.46 ? 108  LEU A CD1   1 
ATOM   877  C  CD2   . LEU A 1 111 ? 8.028   17.407  -6.689  1.00 32.71 ? 108  LEU A CD2   1 
ATOM   878  N  N     . PRO A 1 112 ? 4.873   18.323  -3.576  1.00 32.57 ? 109  PRO A N     1 
ATOM   879  C  CA    . PRO A 1 112 ? 3.556   18.700  -3.066  1.00 32.68 ? 109  PRO A CA    1 
ATOM   880  C  C     . PRO A 1 112 ? 2.497   17.598  -3.198  1.00 32.50 ? 109  PRO A C     1 
ATOM   881  O  O     . PRO A 1 112 ? 1.653   17.476  -2.329  1.00 34.84 ? 109  PRO A O     1 
ATOM   882  C  CB    . PRO A 1 112 ? 3.192   19.919  -3.921  1.00 35.14 ? 109  PRO A CB    1 
ATOM   883  C  CG    . PRO A 1 112 ? 4.508   20.549  -4.238  1.00 35.42 ? 109  PRO A CG    1 
ATOM   884  C  CD    . PRO A 1 112 ? 5.491   19.409  -4.363  1.00 34.74 ? 109  PRO A CD    1 
ATOM   885  N  N     . LYS A 1 113 ? 2.561   16.794  -4.256  1.00 34.73 ? 110  LYS A N     1 
ATOM   886  C  CA    . LYS A 1 113 ? 1.579   15.737  -4.499  1.00 35.68 ? 110  LYS A CA    1 
ATOM   887  C  C     . LYS A 1 113 ? 2.156   14.320  -4.416  1.00 33.62 ? 110  LYS A C     1 
ATOM   888  O  O     . LYS A 1 113 ? 1.508   13.365  -4.839  1.00 33.20 ? 110  LYS A O     1 
ATOM   889  C  CB    . LYS A 1 113 ? 0.970   15.928  -5.886  1.00 42.96 ? 110  LYS A CB    1 
ATOM   890  C  CG    . LYS A 1 113 ? 0.043   17.124  -6.010  1.00 49.70 ? 110  LYS A CG    1 
ATOM   891  C  CD    . LYS A 1 113 ? -0.419  17.285  -7.451  1.00 54.90 ? 110  LYS A CD    1 
ATOM   892  C  CE    . LYS A 1 113 ? -1.716  18.070  -7.555  1.00 59.49 ? 110  LYS A CE    1 
ATOM   893  N  NZ    . LYS A 1 113 ? -2.221  18.081  -8.957  1.00 62.33 ? 110  LYS A NZ    1 
ATOM   894  N  N     . LEU A 1 114 ? 3.373   14.172  -3.900  1.00 30.82 ? 111  LEU A N     1 
ATOM   895  C  CA    . LEU A 1 114 ? 3.985   12.839  -3.804  1.00 28.50 ? 111  LEU A CA    1 
ATOM   896  C  C     . LEU A 1 114 ? 5.056   12.810  -2.734  1.00 26.54 ? 111  LEU A C     1 
ATOM   897  O  O     . LEU A 1 114 ? 6.094   13.474  -2.864  1.00 23.34 ? 111  LEU A O     1 
ATOM   898  C  CB    . LEU A 1 114 ? 4.567   12.395  -5.147  1.00 28.64 ? 111  LEU A CB    1 
ATOM   899  C  CG    . LEU A 1 114 ? 5.221   11.002  -5.175  1.00 30.62 ? 111  LEU A CG    1 
ATOM   900  C  CD1   . LEU A 1 114 ? 4.238   9.901   -4.782  1.00 30.81 ? 111  LEU A CD1   1 
ATOM   901  C  CD2   . LEU A 1 114 ? 5.791   10.709  -6.549  1.00 32.70 ? 111  LEU A CD2   1 
ATOM   902  N  N     . SER A 1 115 ? 4.766   12.074  -1.660  1.00 23.98 ? 112  SER A N     1 
ATOM   903  C  CA    . SER A 1 115 ? 5.724   11.816  -0.607  1.00 23.84 ? 112  SER A CA    1 
ATOM   904  C  C     . SER A 1 115 ? 6.008   10.311  -0.521  1.00 22.55 ? 112  SER A C     1 
ATOM   905  O  O     . SER A 1 115 ? 5.095   9.505   -0.328  1.00 19.91 ? 112  SER A O     1 
ATOM   906  C  CB    . SER A 1 115 ? 5.215   12.341  0.741   1.00 26.55 ? 112  SER A CB    1 
ATOM   907  O  OG    . SER A 1 115 ? 5.393   13.745  0.858   1.00 29.76 ? 112  SER A OG    1 
ATOM   908  N  N     . VAL A 1 116 ? 7.283   9.962   -0.676  1.00 21.39 ? 113  VAL A N     1 
ATOM   909  C  CA    . VAL A 1 116 ? 7.793   8.610   -0.492  1.00 21.95 ? 113  VAL A CA    1 
ATOM   910  C  C     . VAL A 1 116 ? 9.092   8.743   0.304   1.00 21.72 ? 113  VAL A C     1 
ATOM   911  O  O     . VAL A 1 116 ? 9.917   9.589   -0.032  1.00 21.76 ? 113  VAL A O     1 
ATOM   912  C  CB    . VAL A 1 116 ? 8.126   7.934   -1.834  1.00 22.17 ? 113  VAL A CB    1 
ATOM   913  C  CG1   . VAL A 1 116 ? 8.636   6.511   -1.595  1.00 21.65 ? 113  VAL A CG1   1 
ATOM   914  C  CG2   . VAL A 1 116 ? 6.918   7.933   -2.764  1.00 22.18 ? 113  VAL A CG2   1 
ATOM   915  N  N     . PRO A 1 117 ? 9.279   7.940   1.368   1.00 20.85 ? 114  PRO A N     1 
ATOM   916  C  CA    . PRO A 1 117 ? 8.330   6.992   1.936   1.00 21.31 ? 114  PRO A CA    1 
ATOM   917  C  C     . PRO A 1 117 ? 7.021   7.658   2.281   1.00 21.12 ? 114  PRO A C     1 
ATOM   918  O  O     . PRO A 1 117 ? 6.987   8.863   2.591   1.00 19.79 ? 114  PRO A O     1 
ATOM   919  C  CB    . PRO A 1 117 ? 9.013   6.521   3.221   1.00 20.70 ? 114  PRO A CB    1 
ATOM   920  C  CG    . PRO A 1 117 ? 10.450  6.722   2.974   1.00 21.94 ? 114  PRO A CG    1 
ATOM   921  C  CD    . PRO A 1 117 ? 10.543  7.951   2.122   1.00 21.63 ? 114  PRO A CD    1 
ATOM   922  N  N     . HIS A 1 118 ? 5.950   6.875   2.226   1.00 21.82 ? 115  HIS A N     1 
ATOM   923  C  CA    . HIS A 1 118 ? 4.643   7.383   2.528   1.00 21.10 ? 115  HIS A CA    1 
ATOM   924  C  C     . HIS A 1 118 ? 4.721   8.018   3.910   1.00 21.38 ? 115  HIS A C     1 
ATOM   925  O  O     . HIS A 1 118 ? 5.092   7.360   4.882   1.00 22.13 ? 115  HIS A O     1 
ATOM   926  C  CB    . HIS A 1 118 ? 3.595   6.272   2.498   1.00 21.18 ? 115  HIS A CB    1 
ATOM   927  C  CG    . HIS A 1 118 ? 2.198   6.788   2.439   1.00 21.10 ? 115  HIS A CG    1 
ATOM   928  N  ND1   . HIS A 1 118 ? 1.549   7.290   3.543   1.00 21.59 ? 115  HIS A ND1   1 
ATOM   929  C  CD2   . HIS A 1 118 ? 1.335   6.908   1.405   1.00 21.62 ? 115  HIS A CD2   1 
ATOM   930  C  CE1   . HIS A 1 118 ? 0.337   7.684   3.197   1.00 22.26 ? 115  HIS A CE1   1 
ATOM   931  N  NE2   . HIS A 1 118 ? 0.186   7.471   1.901   1.00 21.89 ? 115  HIS A NE2   1 
ATOM   932  N  N     . PRO A 1 119 ? 4.389   9.310   4.002   1.00 22.77 ? 116  PRO A N     1 
ATOM   933  C  CA    . PRO A 1 119 ? 4.711   10.040  5.226   1.00 22.32 ? 116  PRO A CA    1 
ATOM   934  C  C     . PRO A 1 119 ? 3.843   9.660   6.430   1.00 23.18 ? 116  PRO A C     1 
ATOM   935  O  O     . PRO A 1 119 ? 4.147   10.058  7.544   1.00 21.80 ? 116  PRO A O     1 
ATOM   936  C  CB    . PRO A 1 119 ? 4.498   11.501  4.826   1.00 24.00 ? 116  PRO A CB    1 
ATOM   937  C  CG    . PRO A 1 119 ? 3.521   11.465  3.714   1.00 24.97 ? 116  PRO A CG    1 
ATOM   938  C  CD    . PRO A 1 119 ? 3.637   10.129  3.036   1.00 23.37 ? 116  PRO A CD    1 
ATOM   939  N  N     . ARG A 1 120 ? 2.780   8.888   6.213   1.00 21.83 ? 117  ARG A N     1 
ATOM   940  C  CA    . ARG A 1 120 ? 1.909   8.471   7.307   1.00 22.17 ? 117  ARG A CA    1 
ATOM   941  C  C     . ARG A 1 120 ? 2.065   7.002   7.694   1.00 21.67 ? 117  ARG A C     1 
ATOM   942  O  O     . ARG A 1 120 ? 1.419   6.532   8.638   1.00 22.17 ? 117  ARG A O     1 
ATOM   943  C  CB    . ARG A 1 120 ? 0.459   8.799   6.953   1.00 23.30 ? 117  ARG A CB    1 
ATOM   944  C  CG    . ARG A 1 120 ? 0.189   10.295  6.979   1.00 25.37 ? 117  ARG A CG    1 
ATOM   945  C  CD    . ARG A 1 120 ? -1.075  10.677  6.225   1.00 27.24 ? 117  ARG A CD    1 
ATOM   946  N  NE    . ARG A 1 120 ? -0.881  10.803  4.788   1.00 29.42 ? 117  ARG A NE    1 
ATOM   947  C  CZ    . ARG A 1 120 ? -0.294  11.838  4.191   1.00 33.04 ? 117  ARG A CZ    1 
ATOM   948  N  NH1   . ARG A 1 120 ? 0.210   12.851  4.903   1.00 34.07 ? 117  ARG A NH1   1 
ATOM   949  N  NH2   . ARG A 1 120 ? -0.188  11.850  2.869   1.00 34.16 ? 117  ARG A NH2   1 
ATOM   950  N  N     . MET A 1 121 ? 2.940   6.283   7.005   1.00 21.23 ? 118  MET A N     1 
ATOM   951  C  CA    . MET A 1 121 ? 3.038   4.845   7.214   1.00 21.27 ? 118  MET A CA    1 
ATOM   952  C  C     . MET A 1 121 ? 3.459   4.454   8.629   1.00 20.85 ? 118  MET A C     1 
ATOM   953  O  O     . MET A 1 121 ? 2.977   3.459   9.148   1.00 19.76 ? 118  MET A O     1 
ATOM   954  C  CB    . MET A 1 121 ? 3.950   4.194   6.175   1.00 23.20 ? 118  MET A CB    1 
ATOM   955  C  CG    . MET A 1 121 ? 5.430   4.481   6.319   1.00 25.08 ? 118  MET A CG    1 
ATOM   956  S  SD    . MET A 1 121 ? 6.372   3.839   4.915   1.00 28.37 ? 118  MET A SD    1 
ATOM   957  C  CE    . MET A 1 121 ? 6.414   2.110   5.347   1.00 27.52 ? 118  MET A CE    1 
ATOM   958  N  N     . ASN A 1 122 ? 4.316   5.247   9.271   1.00 21.10 ? 119  ASN A N     1 
ATOM   959  C  CA    . ASN A 1 122 ? 4.875   4.848   10.556  1.00 22.16 ? 119  ASN A CA    1 
ATOM   960  C  C     . ASN A 1 122 ? 3.916   4.849   11.743  1.00 22.03 ? 119  ASN A C     1 
ATOM   961  O  O     . ASN A 1 122 ? 4.244   4.275   12.782  1.00 22.66 ? 119  ASN A O     1 
ATOM   962  C  CB    . ASN A 1 122 ? 6.144   5.656   10.882  1.00 25.70 ? 119  ASN A CB    1 
ATOM   963  C  CG    . ASN A 1 122 ? 7.316   5.297   9.982   1.00 27.13 ? 119  ASN A CG    1 
ATOM   964  O  OD1   . ASN A 1 122 ? 7.198   4.458   9.083   1.00 29.33 ? 119  ASN A OD1   1 
ATOM   965  N  ND2   . ASN A 1 122 ? 8.459   5.932   10.217  1.00 27.68 ? 119  ASN A ND2   1 
ATOM   966  N  N     A GLU A 1 123 ? 2.752   5.477   11.604  0.50 22.00 ? 120  GLU A N     1 
ATOM   967  N  N     B GLU A 1 123 ? 2.747   5.478   11.599  0.50 22.07 ? 120  GLU A N     1 
ATOM   968  C  CA    A GLU A 1 123 ? 1.737   5.434   12.658  0.50 22.45 ? 120  GLU A CA    1 
ATOM   969  C  CA    B GLU A 1 123 ? 1.727   5.452   12.655  0.50 22.57 ? 120  GLU A CA    1 
ATOM   970  C  C     A GLU A 1 123 ? 0.470   4.727   12.187  0.50 22.31 ? 120  GLU A C     1 
ATOM   971  C  C     B GLU A 1 123 ? 0.541   4.557   12.310  0.50 22.41 ? 120  GLU A C     1 
ATOM   972  O  O     A GLU A 1 123 ? -0.611  4.962   12.732  0.50 22.58 ? 120  GLU A O     1 
ATOM   973  O  O     B GLU A 1 123 ? -0.405  4.465   13.094  0.50 22.86 ? 120  GLU A O     1 
ATOM   974  C  CB    A GLU A 1 123 ? 1.402   6.848   13.132  0.50 23.53 ? 120  GLU A CB    1 
ATOM   975  C  CB    B GLU A 1 123 ? 1.200   6.858   12.951  0.50 23.68 ? 120  GLU A CB    1 
ATOM   976  C  CG    A GLU A 1 123 ? 2.603   7.612   13.674  0.50 23.59 ? 120  GLU A CG    1 
ATOM   977  C  CG    B GLU A 1 123 ? 1.996   7.989   12.326  0.50 24.34 ? 120  GLU A CG    1 
ATOM   978  C  CD    A GLU A 1 123 ? 3.090   7.078   15.005  0.50 24.36 ? 120  GLU A CD    1 
ATOM   979  C  CD    B GLU A 1 123 ? 1.160   8.823   11.376  0.50 24.24 ? 120  GLU A CD    1 
ATOM   980  O  OE1   A GLU A 1 123 ? 2.316   6.380   15.694  0.50 25.08 ? 120  GLU A OE1   1 
ATOM   981  O  OE1   B GLU A 1 123 ? 0.254   8.257   10.720  0.50 23.13 ? 120  GLU A OE1   1 
ATOM   982  O  OE2   A GLU A 1 123 ? 4.256   7.353   15.359  0.50 27.16 ? 120  GLU A OE2   1 
ATOM   983  O  OE2   B GLU A 1 123 ? 1.409   10.045  11.294  0.50 20.11 ? 120  GLU A OE2   1 
ATOM   984  N  N     . ARG A 1 124 ? 0.595   3.884   11.162  1.00 20.85 ? 121  ARG A N     1 
ATOM   985  C  CA    . ARG A 1 124 ? -0.541  3.084   10.683  1.00 20.69 ? 121  ARG A CA    1 
ATOM   986  C  C     . ARG A 1 124 ? -0.266  1.600   10.823  1.00 19.63 ? 121  ARG A C     1 
ATOM   987  O  O     . ARG A 1 124 ? 0.518   1.039   10.076  1.00 18.52 ? 121  ARG A O     1 
ATOM   988  C  CB    . ARG A 1 124 ? -0.844  3.414   9.236   1.00 20.19 ? 121  ARG A CB    1 
ATOM   989  C  CG    . ARG A 1 124 ? -1.403  4.807   9.042   1.00 20.75 ? 121  ARG A CG    1 
ATOM   990  C  CD    . ARG A 1 124 ? -1.470  5.132   7.566   1.00 20.52 ? 121  ARG A CD    1 
ATOM   991  N  NE    . ARG A 1 124 ? -2.192  6.371   7.300   1.00 20.66 ? 121  ARG A NE    1 
ATOM   992  C  CZ    . ARG A 1 124 ? -2.488  6.818   6.087   1.00 20.89 ? 121  ARG A CZ    1 
ATOM   993  N  NH1   . ARG A 1 124 ? -2.148  6.125   5.003   1.00 20.10 ? 121  ARG A NH1   1 
ATOM   994  N  NH2   . ARG A 1 124 ? -3.133  7.966   5.957   1.00 23.29 ? 121  ARG A NH2   1 
ATOM   995  N  N     . ALA A 1 125 ? -0.925  0.969   11.788  1.00 19.50 ? 122  ALA A N     1 
ATOM   996  C  CA    . ALA A 1 125 ? -0.786  -0.469  11.971  1.00 19.95 ? 122  ALA A CA    1 
ATOM   997  C  C     . ALA A 1 125 ? -1.246  -1.230  10.722  1.00 17.97 ? 122  ALA A C     1 
ATOM   998  O  O     . ALA A 1 125 ? -0.671  -2.260  10.366  1.00 17.11 ? 122  ALA A O     1 
ATOM   999  C  CB    . ALA A 1 125 ? -1.559  -0.920  13.198  1.00 20.10 ? 122  ALA A CB    1 
ATOM   1000 N  N     . PHE A 1 126 ? -2.252  -0.702  10.036  1.00 17.28 ? 123  PHE A N     1 
ATOM   1001 C  CA    . PHE A 1 126 ? -2.774  -1.363  8.830   1.00 18.21 ? 123  PHE A CA    1 
ATOM   1002 C  C     . PHE A 1 126 ? -1.781  -1.345  7.667   1.00 19.46 ? 123  PHE A C     1 
ATOM   1003 O  O     . PHE A 1 126 ? -1.980  -2.038  6.668   1.00 19.16 ? 123  PHE A O     1 
ATOM   1004 C  CB    . PHE A 1 126 ? -4.159  -0.799  8.426   1.00 18.33 ? 123  PHE A CB    1 
ATOM   1005 C  CG    . PHE A 1 126 ? -4.139  0.599   7.851   1.00 18.85 ? 123  PHE A CG    1 
ATOM   1006 C  CD1   . PHE A 1 126 ? -3.727  0.828   6.544   1.00 18.58 ? 123  PHE A CD1   1 
ATOM   1007 C  CD2   . PHE A 1 126 ? -4.587  1.677   8.601   1.00 19.22 ? 123  PHE A CD2   1 
ATOM   1008 C  CE1   . PHE A 1 126 ? -3.721  2.101   6.012   1.00 18.07 ? 123  PHE A CE1   1 
ATOM   1009 C  CE2   . PHE A 1 126 ? -4.607  2.952   8.063   1.00 19.85 ? 123  PHE A CE2   1 
ATOM   1010 C  CZ    . PHE A 1 126 ? -4.179  3.159   6.763   1.00 19.39 ? 123  PHE A CZ    1 
ATOM   1011 N  N     . VAL A 1 127 ? -0.725  -0.540  7.790   1.00 18.81 ? 124  VAL A N     1 
ATOM   1012 C  CA    . VAL A 1 127 ? 0.401   -0.618  6.874   1.00 19.71 ? 124  VAL A CA    1 
ATOM   1013 C  C     . VAL A 1 127 ? 1.524   -1.467  7.460   1.00 20.55 ? 124  VAL A C     1 
ATOM   1014 O  O     . VAL A 1 127 ? 2.001   -2.392  6.822   1.00 21.35 ? 124  VAL A O     1 
ATOM   1015 C  CB    . VAL A 1 127 ? 0.957   0.781   6.552   1.00 18.87 ? 124  VAL A CB    1 
ATOM   1016 C  CG1   . VAL A 1 127 ? 2.243   0.685   5.752   1.00 19.39 ? 124  VAL A CG1   1 
ATOM   1017 C  CG2   . VAL A 1 127 ? -0.074  1.595   5.808   1.00 19.35 ? 124  VAL A CG2   1 
ATOM   1018 N  N     . LEU A 1 128 ? 1.950   -1.135  8.673   1.00 20.48 ? 125  LEU A N     1 
ATOM   1019 C  CA    . LEU A 1 128 ? 3.170   -1.704  9.237   1.00 19.89 ? 125  LEU A CA    1 
ATOM   1020 C  C     . LEU A 1 128 ? 3.090   -3.186  9.544   1.00 18.89 ? 125  LEU A C     1 
ATOM   1021 O  O     . LEU A 1 128 ? 4.073   -3.891  9.418   1.00 18.05 ? 125  LEU A O     1 
ATOM   1022 C  CB    . LEU A 1 128 ? 3.570   -0.959  10.508  1.00 20.05 ? 125  LEU A CB    1 
ATOM   1023 C  CG    . LEU A 1 128 ? 4.066   0.477   10.335  1.00 20.87 ? 125  LEU A CG    1 
ATOM   1024 C  CD1   . LEU A 1 128 ? 4.465   1.050   11.686  1.00 21.29 ? 125  LEU A CD1   1 
ATOM   1025 C  CD2   . LEU A 1 128 ? 5.235   0.557   9.383   1.00 21.86 ? 125  LEU A CD2   1 
ATOM   1026 N  N     . ILE A 1 129 ? 1.925   -3.653  9.967   1.00 19.74 ? 126  ILE A N     1 
ATOM   1027 C  CA    . ILE A 1 129 ? 1.763   -5.068  10.270  1.00 19.91 ? 126  ILE A CA    1 
ATOM   1028 C  C     . ILE A 1 129 ? 1.967   -5.918  9.011   1.00 19.34 ? 126  ILE A C     1 
ATOM   1029 O  O     . ILE A 1 129 ? 2.874   -6.749  8.987   1.00 19.73 ? 126  ILE A O     1 
ATOM   1030 C  CB    . ILE A 1 129 ? 0.456   -5.332  11.038  1.00 19.95 ? 126  ILE A CB    1 
ATOM   1031 C  CG1   . ILE A 1 129 ? 0.628   -4.747  12.456  1.00 20.28 ? 126  ILE A CG1   1 
ATOM   1032 C  CG2   . ILE A 1 129 ? 0.146   -6.823  11.099  1.00 20.82 ? 126  ILE A CG2   1 
ATOM   1033 C  CD1   . ILE A 1 129 ? -0.597  -4.825  13.342  1.00 21.72 ? 126  ILE A CD1   1 
ATOM   1034 N  N     . PRO A 1 130 ? 1.179   -5.686  7.949   1.00 20.56 ? 127  PRO A N     1 
ATOM   1035 C  CA    . PRO A 1 130 ? 1.479   -6.437  6.719   1.00 20.48 ? 127  PRO A CA    1 
ATOM   1036 C  C     . PRO A 1 130 ? 2.843   -6.117  6.094   1.00 20.43 ? 127  PRO A C     1 
ATOM   1037 O  O     . PRO A 1 130 ? 3.436   -6.987  5.458   1.00 19.88 ? 127  PRO A O     1 
ATOM   1038 C  CB    . PRO A 1 130 ? 0.350   -6.039  5.763   1.00 20.35 ? 127  PRO A CB    1 
ATOM   1039 C  CG    . PRO A 1 130 ? -0.264  -4.815  6.353   1.00 20.43 ? 127  PRO A CG    1 
ATOM   1040 C  CD    . PRO A 1 130 ? -0.074  -4.922  7.833   1.00 20.29 ? 127  PRO A CD    1 
ATOM   1041 N  N     . LEU A 1 131 ? 3.343   -4.893  6.264   1.00 20.54 ? 128  LEU A N     1 
ATOM   1042 C  CA    . LEU A 1 131 ? 4.664   -4.566  5.735   1.00 19.85 ? 128  LEU A CA    1 
ATOM   1043 C  C     . LEU A 1 131 ? 5.730   -5.383  6.447   1.00 20.39 ? 128  LEU A C     1 
ATOM   1044 O  O     . LEU A 1 131 ? 6.622   -5.937  5.816   1.00 20.96 ? 128  LEU A O     1 
ATOM   1045 C  CB    . LEU A 1 131 ? 4.977   -3.070  5.876   1.00 20.95 ? 128  LEU A CB    1 
ATOM   1046 C  CG    . LEU A 1 131 ? 6.228   -2.614  5.124   1.00 21.24 ? 128  LEU A CG    1 
ATOM   1047 C  CD1   . LEU A 1 131 ? 6.155   -2.999  3.657   1.00 20.15 ? 128  LEU A CD1   1 
ATOM   1048 C  CD2   . LEU A 1 131 ? 6.449   -1.114  5.286   1.00 22.03 ? 128  LEU A CD2   1 
ATOM   1049 N  N     . ASN A 1 132 ? 5.636   -5.446  7.771   1.00 21.35 ? 129  ASN A N     1 
ATOM   1050 C  CA    . ASN A 1 132 ? 6.571   -6.227  8.571   1.00 22.30 ? 129  ASN A CA    1 
ATOM   1051 C  C     . ASN A 1 132 ? 6.550   -7.704  8.194   1.00 22.89 ? 129  ASN A C     1 
ATOM   1052 O  O     . ASN A 1 132 ? 7.577   -8.374  8.249   1.00 22.96 ? 129  ASN A O     1 
ATOM   1053 C  CB    . ASN A 1 132 ? 6.264   -6.076  10.062  1.00 23.11 ? 129  ASN A CB    1 
ATOM   1054 C  CG    . ASN A 1 132 ? 7.250   -6.822  10.939  1.00 23.49 ? 129  ASN A CG    1 
ATOM   1055 O  OD1   . ASN A 1 132 ? 8.432   -6.488  10.988  1.00 23.49 ? 129  ASN A OD1   1 
ATOM   1056 N  ND2   . ASN A 1 132 ? 6.769   -7.848  11.625  1.00 23.56 ? 129  ASN A ND2   1 
ATOM   1057 N  N     . ASP A 1 133 ? 5.383   -8.202  7.797   1.00 22.74 ? 130  ASP A N     1 
ATOM   1058 C  CA    . ASP A 1 133 ? 5.269   -9.590  7.366   1.00 23.66 ? 130  ASP A CA    1 
ATOM   1059 C  C     . ASP A 1 133 ? 6.181   -9.908  6.201   1.00 22.67 ? 130  ASP A C     1 
ATOM   1060 O  O     . ASP A 1 133 ? 6.662   -11.035 6.113   1.00 23.05 ? 130  ASP A O     1 
ATOM   1061 C  CB    . ASP A 1 133 ? 3.835   -9.934  6.972   1.00 23.47 ? 130  ASP A CB    1 
ATOM   1062 C  CG    . ASP A 1 133 ? 2.905   -10.037 8.157   1.00 24.14 ? 130  ASP A CG    1 
ATOM   1063 O  OD1   . ASP A 1 133 ? 3.373   -10.271 9.291   1.00 26.58 ? 130  ASP A OD1   1 
ATOM   1064 O  OD2   . ASP A 1 133 ? 1.686   -9.905  7.945   1.00 24.56 ? 130  ASP A OD2   1 
ATOM   1065 N  N     . ILE A 1 134 ? 6.389   -8.938  5.303   1.00 20.76 ? 131  ILE A N     1 
ATOM   1066 C  CA    . ILE A 1 134 ? 7.218   -9.149  4.100   1.00 21.03 ? 131  ILE A CA    1 
ATOM   1067 C  C     . ILE A 1 134 ? 8.527   -8.365  4.042   1.00 21.83 ? 131  ILE A C     1 
ATOM   1068 O  O     . ILE A 1 134 ? 9.345   -8.617  3.162   1.00 22.94 ? 131  ILE A O     1 
ATOM   1069 C  CB    . ILE A 1 134 ? 6.450   -8.826  2.782   1.00 20.89 ? 131  ILE A CB    1 
ATOM   1070 C  CG1   . ILE A 1 134 ? 5.979   -7.367  2.747   1.00 20.69 ? 131  ILE A CG1   1 
ATOM   1071 C  CG2   . ILE A 1 134 ? 5.274   -9.773  2.617   1.00 20.57 ? 131  ILE A CG2   1 
ATOM   1072 C  CD1   . ILE A 1 134 ? 5.446   -6.920  1.399   1.00 20.97 ? 131  ILE A CD1   1 
ATOM   1073 N  N     . ALA A 1 135 ? 8.721   -7.397  4.933   1.00 21.21 ? 132  ALA A N     1 
ATOM   1074 C  CA    . ALA A 1 135 ? 9.845   -6.483  4.797   1.00 20.54 ? 132  ALA A CA    1 
ATOM   1075 C  C     . ALA A 1 135 ? 10.423  -6.083  6.151   1.00 20.95 ? 132  ALA A C     1 
ATOM   1076 O  O     . ALA A 1 135 ? 10.913  -4.975  6.305   1.00 20.04 ? 132  ALA A O     1 
ATOM   1077 C  CB    . ALA A 1 135 ? 9.407   -5.254  4.023   1.00 21.30 ? 132  ALA A CB    1 
ATOM   1078 N  N     . ALA A 1 136 ? 10.411  -7.020  7.099   1.00 20.12 ? 133  ALA A N     1 
ATOM   1079 C  CA    . ALA A 1 136 ? 10.834  -6.763  8.485   1.00 20.54 ? 133  ALA A CA    1 
ATOM   1080 C  C     . ALA A 1 136 ? 12.216  -6.107  8.608   1.00 21.13 ? 133  ALA A C     1 
ATOM   1081 O  O     . ALA A 1 136 ? 12.427  -5.260  9.475   1.00 19.94 ? 133  ALA A O     1 
ATOM   1082 C  CB    . ALA A 1 136 ? 10.809  -8.060  9.274   1.00 20.44 ? 133  ALA A CB    1 
ATOM   1083 N  N     . ASN A 1 137 ? 13.143  -6.501  7.740   1.00 21.21 ? 134  ASN A N     1 
ATOM   1084 C  CA    . ASN A 1 137 ? 14.520  -6.008  7.796   1.00 24.90 ? 134  ASN A CA    1 
ATOM   1085 C  C     . ASN A 1 137 ? 14.809  -4.863  6.814   1.00 24.49 ? 134  ASN A C     1 
ATOM   1086 O  O     . ASN A 1 137 ? 15.951  -4.422  6.704   1.00 24.39 ? 134  ASN A O     1 
ATOM   1087 C  CB    . ASN A 1 137 ? 15.503  -7.162  7.553   1.00 26.01 ? 134  ASN A CB    1 
ATOM   1088 C  CG    . ASN A 1 137 ? 15.463  -8.203  8.658   1.00 28.65 ? 134  ASN A CG    1 
ATOM   1089 O  OD1   . ASN A 1 137 ? 15.523  -7.870  9.840   1.00 32.70 ? 134  ASN A OD1   1 
ATOM   1090 N  ND2   . ASN A 1 137 ? 15.371  -9.468  8.278   1.00 29.53 ? 134  ASN A ND2   1 
ATOM   1091 N  N     . VAL A 1 138 ? 13.791  -4.379  6.107   1.00 22.22 ? 135  VAL A N     1 
ATOM   1092 C  CA    . VAL A 1 138 ? 13.982  -3.244  5.207   1.00 22.89 ? 135  VAL A CA    1 
ATOM   1093 C  C     . VAL A 1 138 ? 14.056  -1.955  6.029   1.00 23.37 ? 135  VAL A C     1 
ATOM   1094 O  O     . VAL A 1 138 ? 13.314  -1.779  7.001   1.00 21.47 ? 135  VAL A O     1 
ATOM   1095 C  CB    . VAL A 1 138 ? 12.879  -3.170  4.136   1.00 23.08 ? 135  VAL A CB    1 
ATOM   1096 C  CG1   . VAL A 1 138 ? 13.012  -1.910  3.271   1.00 23.60 ? 135  VAL A CG1   1 
ATOM   1097 C  CG2   . VAL A 1 138 ? 12.938  -4.422  3.267   1.00 23.60 ? 135  VAL A CG2   1 
ATOM   1098 N  N     . VAL A 1 139 ? 14.960  -1.059  5.640   1.00 23.93 ? 136  VAL A N     1 
ATOM   1099 C  CA    . VAL A 1 139 ? 15.141  0.203   6.367   1.00 24.41 ? 136  VAL A CA    1 
ATOM   1100 C  C     . VAL A 1 139 ? 14.175  1.264   5.841   1.00 23.85 ? 136  VAL A C     1 
ATOM   1101 O  O     . VAL A 1 139 ? 14.116  1.510   4.645   1.00 25.02 ? 136  VAL A O     1 
ATOM   1102 C  CB    . VAL A 1 139 ? 16.589  0.734   6.239   1.00 25.59 ? 136  VAL A CB    1 
ATOM   1103 C  CG1   . VAL A 1 139 ? 16.713  2.132   6.836   1.00 26.09 ? 136  VAL A CG1   1 
ATOM   1104 C  CG2   . VAL A 1 139 ? 17.559  -0.208  6.931   1.00 27.01 ? 136  VAL A CG2   1 
ATOM   1105 N  N     . GLU A 1 140 ? 13.422  1.884   6.746   1.00 22.15 ? 137  GLU A N     1 
ATOM   1106 C  CA    . GLU A 1 140 ? 12.556  3.003   6.405   1.00 22.28 ? 137  GLU A CA    1 
ATOM   1107 C  C     . GLU A 1 140 ? 13.453  4.261   6.429   1.00 21.72 ? 137  GLU A C     1 
ATOM   1108 O  O     . GLU A 1 140 ? 13.983  4.601   7.477   1.00 21.49 ? 137  GLU A O     1 
ATOM   1109 C  CB    . GLU A 1 140 ? 11.408  3.085   7.413   1.00 23.08 ? 137  GLU A CB    1 
ATOM   1110 C  CG    . GLU A 1 140 ? 10.278  4.031   7.049   1.00 25.18 ? 137  GLU A CG    1 
ATOM   1111 C  CD    . GLU A 1 140 ? 10.675  5.477   7.241   1.00 27.31 ? 137  GLU A CD    1 
ATOM   1112 O  OE1   . GLU A 1 140 ? 10.891  5.883   8.409   1.00 28.86 ? 137  GLU A OE1   1 
ATOM   1113 O  OE2   . GLU A 1 140 ? 10.807  6.187   6.220   1.00 27.16 ? 137  GLU A OE2   1 
ATOM   1114 N  N     . PRO A 1 141 ? 13.663  4.913   5.269   1.00 21.59 ? 138  PRO A N     1 
ATOM   1115 C  CA    . PRO A 1 141 ? 14.744  5.915   5.185   1.00 22.77 ? 138  PRO A CA    1 
ATOM   1116 C  C     . PRO A 1 141 ? 14.564  7.211   5.958   1.00 24.00 ? 138  PRO A C     1 
ATOM   1117 O  O     . PRO A 1 141 ? 15.558  7.892   6.189   1.00 26.21 ? 138  PRO A O     1 
ATOM   1118 C  CB    . PRO A 1 141 ? 14.852  6.233   3.686   1.00 22.83 ? 138  PRO A CB    1 
ATOM   1119 C  CG    . PRO A 1 141 ? 13.702  5.598   3.028   1.00 21.90 ? 138  PRO A CG    1 
ATOM   1120 C  CD    . PRO A 1 141 ? 13.113  4.571   3.948   1.00 21.23 ? 138  PRO A CD    1 
ATOM   1121 N  N     . ARG A 1 142 ? 13.337  7.572   6.319   1.00 25.20 ? 139  ARG A N     1 
ATOM   1122 C  CA    . ARG A 1 142 ? 13.106  8.803   7.090   1.00 27.71 ? 139  ARG A CA    1 
ATOM   1123 C  C     . ARG A 1 142 ? 13.575  8.611   8.526   1.00 27.58 ? 139  ARG A C     1 
ATOM   1124 O  O     . ARG A 1 142 ? 14.409  9.356   9.018   1.00 27.78 ? 139  ARG A O     1 
ATOM   1125 C  CB    . ARG A 1 142 ? 11.628  9.198   7.082   1.00 29.40 ? 139  ARG A CB    1 
ATOM   1126 C  CG    . ARG A 1 142 ? 11.057  9.564   5.712   1.00 28.91 ? 139  ARG A CG    1 
ATOM   1127 C  CD    . ARG A 1 142 ? 9.673   10.199  5.878   1.00 29.60 ? 139  ARG A CD    1 
ATOM   1128 N  NE    . ARG A 1 142 ? 8.937   10.276  4.615   1.00 29.73 ? 139  ARG A NE    1 
ATOM   1129 C  CZ    . ARG A 1 142 ? 9.062   11.259  3.729   1.00 28.54 ? 139  ARG A CZ    1 
ATOM   1130 N  NH1   . ARG A 1 142 ? 9.892   12.270  3.965   1.00 28.69 ? 139  ARG A NH1   1 
ATOM   1131 N  NH2   . ARG A 1 142 ? 8.355   11.242  2.609   1.00 27.32 ? 139  ARG A NH2   1 
ATOM   1132 N  N     . SER A 1 143 ? 13.055  7.581   9.183   1.00 27.19 ? 140  SER A N     1 
ATOM   1133 C  CA    . SER A 1 143 ? 13.462  7.261   10.543  1.00 26.59 ? 140  SER A CA    1 
ATOM   1134 C  C     . SER A 1 143 ? 14.815  6.528   10.605  1.00 26.10 ? 140  SER A C     1 
ATOM   1135 O  O     . SER A 1 143 ? 15.462  6.525   11.645  1.00 24.90 ? 140  SER A O     1 
ATOM   1136 C  CB    . SER A 1 143 ? 12.387  6.408   11.209  1.00 26.82 ? 140  SER A CB    1 
ATOM   1137 O  OG    . SER A 1 143 ? 12.332  5.123   10.620  1.00 27.95 ? 140  SER A OG    1 
ATOM   1138 N  N     . LYS A 1 144 ? 15.212  5.897   9.496   1.00 24.09 ? 141  LYS A N     1 
ATOM   1139 C  CA    . LYS A 1 144 ? 16.396  5.031   9.421   1.00 24.96 ? 141  LYS A CA    1 
ATOM   1140 C  C     . LYS A 1 144 ? 16.307  3.808   10.339  1.00 25.79 ? 141  LYS A C     1 
ATOM   1141 O  O     . LYS A 1 144 ? 17.321  3.240   10.747  1.00 27.77 ? 141  LYS A O     1 
ATOM   1142 C  CB    . LYS A 1 144 ? 17.687  5.828   9.665   1.00 27.00 ? 141  LYS A CB    1 
ATOM   1143 C  CG    . LYS A 1 144 ? 17.804  7.028   8.735   1.00 27.35 ? 141  LYS A CG    1 
ATOM   1144 C  CD    . LYS A 1 144 ? 19.117  7.764   8.877   1.00 29.24 ? 141  LYS A CD    1 
ATOM   1145 C  CE    . LYS A 1 144 ? 19.192  8.888   7.851   1.00 29.53 ? 141  LYS A CE    1 
ATOM   1146 N  NZ    . LYS A 1 144 ? 20.523  9.548   7.853   1.00 31.74 ? 141  LYS A NZ    1 
ATOM   1147 N  N     . LEU A 1 145 ? 15.084  3.398   10.643  1.00 24.84 ? 142  LEU A N     1 
ATOM   1148 C  CA    . LEU A 1 145 ? 14.845  2.211   11.431  1.00 25.29 ? 142  LEU A CA    1 
ATOM   1149 C  C     . LEU A 1 145 ? 14.314  1.115   10.512  1.00 25.79 ? 142  LEU A C     1 
ATOM   1150 O  O     . LEU A 1 145 ? 13.686  1.398   9.486   1.00 23.27 ? 142  LEU A O     1 
ATOM   1151 C  CB    . LEU A 1 145 ? 13.829  2.502   12.526  1.00 26.96 ? 142  LEU A CB    1 
ATOM   1152 C  CG    . LEU A 1 145 ? 14.216  3.576   13.539  1.00 28.13 ? 142  LEU A CG    1 
ATOM   1153 C  CD1   . LEU A 1 145 ? 13.063  3.791   14.501  1.00 28.56 ? 142  LEU A CD1   1 
ATOM   1154 C  CD2   . LEU A 1 145 ? 15.483  3.201   14.297  1.00 28.96 ? 142  LEU A CD2   1 
ATOM   1155 N  N     . LYS A 1 146 ? 14.584  -0.132  10.872  1.00 26.27 ? 143  LYS A N     1 
ATOM   1156 C  CA    . LYS A 1 146 ? 13.996  -1.261  10.159  1.00 25.81 ? 143  LYS A CA    1 
ATOM   1157 C  C     . LYS A 1 146 ? 12.517  -1.338  10.484  1.00 23.23 ? 143  LYS A C     1 
ATOM   1158 O  O     . LYS A 1 146 ? 12.089  -0.952  11.571  1.00 22.61 ? 143  LYS A O     1 
ATOM   1159 C  CB    . LYS A 1 146 ? 14.698  -2.569  10.515  1.00 28.09 ? 143  LYS A CB    1 
ATOM   1160 C  CG    . LYS A 1 146 ? 16.130  -2.618  10.015  1.00 30.74 ? 143  LYS A CG    1 
ATOM   1161 C  CD    . LYS A 1 146 ? 16.835  -3.907  10.388  1.00 34.78 ? 143  LYS A CD    1 
ATOM   1162 C  CE    . LYS A 1 146 ? 18.181  -4.002  9.682   1.00 38.88 ? 143  LYS A CE    1 
ATOM   1163 N  NZ    . LYS A 1 146 ? 18.888  -5.276  9.999   1.00 43.31 ? 143  LYS A NZ    1 
ATOM   1164 N  N     . VAL A 1 147 ? 11.741  -1.845  9.533   1.00 22.92 ? 144  VAL A N     1 
ATOM   1165 C  CA    . VAL A 1 147 ? 10.306  -1.989  9.708   1.00 21.68 ? 144  VAL A CA    1 
ATOM   1166 C  C     . VAL A 1 147 ? 10.000  -2.746  11.002  1.00 21.36 ? 144  VAL A C     1 
ATOM   1167 O  O     . VAL A 1 147 ? 9.093   -2.361  11.739  1.00 20.08 ? 144  VAL A O     1 
ATOM   1168 C  CB    . VAL A 1 147 ? 9.665   -2.711  8.506   1.00 22.30 ? 144  VAL A CB    1 
ATOM   1169 C  CG1   . VAL A 1 147 ? 8.211   -3.060  8.797   1.00 22.31 ? 144  VAL A CG1   1 
ATOM   1170 C  CG2   . VAL A 1 147 ? 9.772   -1.843  7.256   1.00 21.31 ? 144  VAL A CG2   1 
ATOM   1171 N  N     . LYS A 1 148 ? 10.771  -3.789  11.298  1.00 22.13 ? 145  LYS A N     1 
ATOM   1172 C  CA    . LYS A 1 148 ? 10.550  -4.574  12.519  1.00 24.29 ? 145  LYS A CA    1 
ATOM   1173 C  C     . LYS A 1 148 ? 10.750  -3.747  13.798  1.00 24.90 ? 145  LYS A C     1 
ATOM   1174 O  O     . LYS A 1 148 ? 10.233  -4.108  14.849  1.00 23.87 ? 145  LYS A O     1 
ATOM   1175 C  CB    . LYS A 1 148 ? 11.452  -5.808  12.550  1.00 26.34 ? 145  LYS A CB    1 
ATOM   1176 C  CG    . LYS A 1 148 ? 12.917  -5.514  12.834  1.00 28.74 ? 145  LYS A CG    1 
ATOM   1177 C  CD    . LYS A 1 148 ? 13.793  -6.693  12.482  1.00 30.13 ? 145  LYS A CD    1 
ATOM   1178 C  CE    . LYS A 1 148 ? 15.248  -6.412  12.819  1.00 31.36 ? 145  LYS A CE    1 
ATOM   1179 N  NZ    . LYS A 1 148 ? 16.121  -7.536  12.383  1.00 32.25 ? 145  LYS A NZ    1 
ATOM   1180 N  N     . ASP A 1 149 ? 11.479  -2.638  13.702  1.00 24.93 ? 146  ASP A N     1 
ATOM   1181 C  CA    . ASP A 1 149 ? 11.653  -1.733  14.850  1.00 26.08 ? 146  ASP A CA    1 
ATOM   1182 C  C     . ASP A 1 149 ? 10.623  -0.603  14.879  1.00 26.17 ? 146  ASP A C     1 
ATOM   1183 O  O     . ASP A 1 149 ? 10.586  0.181   15.820  1.00 26.86 ? 146  ASP A O     1 
ATOM   1184 C  CB    . ASP A 1 149 ? 13.078  -1.184  14.878  1.00 28.40 ? 146  ASP A CB    1 
ATOM   1185 C  CG    . ASP A 1 149 ? 14.112  -2.286  15.076  1.00 30.94 ? 146  ASP A CG    1 
ATOM   1186 O  OD1   . ASP A 1 149 ? 13.887  -3.167  15.945  1.00 27.94 ? 146  ASP A OD1   1 
ATOM   1187 O  OD2   . ASP A 1 149 ? 15.134  -2.293  14.345  1.00 34.68 ? 146  ASP A OD2   1 
ATOM   1188 N  N     . LEU A 1 150 ? 9.772   -0.545  13.856  1.00 24.26 ? 147  LEU A N     1 
ATOM   1189 C  CA    . LEU A 1 150 ? 8.670   0.413   13.802  1.00 22.57 ? 147  LEU A CA    1 
ATOM   1190 C  C     . LEU A 1 150 ? 7.327   -0.224  14.151  1.00 21.60 ? 147  LEU A C     1 
ATOM   1191 O  O     . LEU A 1 150 ? 6.476   0.418   14.764  1.00 20.75 ? 147  LEU A O     1 
ATOM   1192 C  CB    . LEU A 1 150 ? 8.592   1.036   12.412  1.00 22.10 ? 147  LEU A CB    1 
ATOM   1193 C  CG    . LEU A 1 150 ? 9.762   1.968   12.064  1.00 23.19 ? 147  LEU A CG    1 
ATOM   1194 C  CD1   . LEU A 1 150 ? 9.806   2.243   10.567  1.00 23.06 ? 147  LEU A CD1   1 
ATOM   1195 C  CD2   . LEU A 1 150 ? 9.679   3.272   12.854  1.00 23.58 ? 147  LEU A CD2   1 
ATOM   1196 N  N     . VAL A 1 151 ? 7.132   -1.483  13.754  1.00 21.67 ? 148  VAL A N     1 
ATOM   1197 C  CA    . VAL A 1 151 ? 5.835   -2.128  13.877  1.00 21.96 ? 148  VAL A CA    1 
ATOM   1198 C  C     . VAL A 1 151 ? 5.394   -2.201  15.335  1.00 22.96 ? 148  VAL A C     1 
ATOM   1199 O  O     . VAL A 1 151 ? 6.230   -2.328  16.233  1.00 24.12 ? 148  VAL A O     1 
ATOM   1200 C  CB    . VAL A 1 151 ? 5.839   -3.536  13.216  1.00 23.52 ? 148  VAL A CB    1 
ATOM   1201 C  CG1   . VAL A 1 151 ? 6.720   -4.511  13.982  1.00 23.16 ? 148  VAL A CG1   1 
ATOM   1202 C  CG2   . VAL A 1 151 ? 4.419   -4.072  13.067  1.00 22.66 ? 148  VAL A CG2   1 
ATOM   1203 N  N     . PHE A 1 152 ? 4.085   -2.094  15.555  1.00 24.09 ? 149  PHE A N     1 
ATOM   1204 C  CA    . PHE A 1 152 ? 3.499   -2.186  16.893  1.00 24.48 ? 149  PHE A CA    1 
ATOM   1205 C  C     . PHE A 1 152 ? 2.195   -2.965  16.886  1.00 24.80 ? 149  PHE A C     1 
ATOM   1206 O  O     . PHE A 1 152 ? 1.531   -3.082  15.852  1.00 23.75 ? 149  PHE A O     1 
ATOM   1207 C  CB    . PHE A 1 152 ? 3.273   -0.781  17.492  1.00 23.70 ? 149  PHE A CB    1 
ATOM   1208 C  CG    . PHE A 1 152 ? 2.456   0.145   16.616  1.00 23.35 ? 149  PHE A CG    1 
ATOM   1209 C  CD1   . PHE A 1 152 ? 1.071   0.158   16.687  1.00 23.19 ? 149  PHE A CD1   1 
ATOM   1210 C  CD2   . PHE A 1 152 ? 3.080   1.018   15.730  1.00 23.74 ? 149  PHE A CD2   1 
ATOM   1211 C  CE1   . PHE A 1 152 ? 0.321   1.007   15.884  1.00 23.20 ? 149  PHE A CE1   1 
ATOM   1212 C  CE2   . PHE A 1 152 ? 2.336   1.867   14.917  1.00 23.12 ? 149  PHE A CE2   1 
ATOM   1213 C  CZ    . PHE A 1 152 ? 0.955   1.867   15.002  1.00 23.48 ? 149  PHE A CZ    1 
ATOM   1214 N  N     . VAL A 1 153 ? 1.829   -3.484  18.060  1.00 27.80 ? 150  VAL A N     1 
ATOM   1215 C  CA    . VAL A 1 153 ? 0.573   -4.221  18.252  1.00 28.74 ? 150  VAL A CA    1 
ATOM   1216 C  C     . VAL A 1 153 ? -0.635  -3.300  18.094  1.00 29.20 ? 150  VAL A C     1 
ATOM   1217 O  O     . VAL A 1 153 ? -0.622  -2.176  18.568  1.00 30.91 ? 150  VAL A O     1 
ATOM   1218 C  CB    . VAL A 1 153 ? 0.520   -4.882  19.659  1.00 30.23 ? 150  VAL A CB    1 
ATOM   1219 C  CG1   . VAL A 1 153 ? -0.887  -5.345  20.004  1.00 30.26 ? 150  VAL A CG1   1 
ATOM   1220 C  CG2   . VAL A 1 153 ? 1.501   -6.041  19.738  1.00 31.68 ? 150  VAL A CG2   1 
ATOM   1221 N  N     . ASP A 1 154 ? -1.678  -3.786  17.429  1.00 30.69 ? 151  ASP A N     1 
ATOM   1222 C  CA    . ASP A 1 154 ? -2.915  -3.027  17.277  1.00 31.26 ? 151  ASP A CA    1 
ATOM   1223 C  C     . ASP A 1 154 ? -4.080  -3.991  17.088  1.00 31.81 ? 151  ASP A C     1 
ATOM   1224 O  O     . ASP A 1 154 ? -4.183  -4.665  16.056  1.00 29.03 ? 151  ASP A O     1 
ATOM   1225 C  CB    . ASP A 1 154 ? -2.815  -2.070  16.087  1.00 32.05 ? 151  ASP A CB    1 
ATOM   1226 C  CG    . ASP A 1 154 ? -3.918  -1.012  16.079  1.00 33.59 ? 151  ASP A CG    1 
ATOM   1227 O  OD1   . ASP A 1 154 ? -5.087  -1.313  16.411  1.00 34.89 ? 151  ASP A OD1   1 
ATOM   1228 O  OD2   . ASP A 1 154 ? -3.614  0.137   15.717  1.00 37.54 ? 151  ASP A OD2   1 
ATOM   1229 N  N     . ASP A 1 155 ? -4.963  -4.032  18.083  1.00 33.57 ? 152  ASP A N     1 
ATOM   1230 C  CA    . ASP A 1 155 ? -6.090  -4.969  18.092  1.00 36.40 ? 152  ASP A CA    1 
ATOM   1231 C  C     . ASP A 1 155 ? -7.149  -4.679  17.022  1.00 33.79 ? 152  ASP A C     1 
ATOM   1232 O  O     . ASP A 1 155 ? -7.964  -5.543  16.715  1.00 33.14 ? 152  ASP A O     1 
ATOM   1233 C  CB    . ASP A 1 155 ? -6.755  -4.988  19.472  1.00 41.06 ? 152  ASP A CB    1 
ATOM   1234 C  CG    . ASP A 1 155 ? -5.853  -5.569  20.559  1.00 45.92 ? 152  ASP A CG    1 
ATOM   1235 O  OD1   . ASP A 1 155 ? -4.865  -6.268  20.232  1.00 47.07 ? 152  ASP A OD1   1 
ATOM   1236 O  OD2   . ASP A 1 155 ? -6.143  -5.327  21.750  1.00 53.64 ? 152  ASP A OD2   1 
ATOM   1237 N  N     . SER A 1 156 ? -7.140  -3.476  16.456  1.00 30.43 ? 153  SER A N     1 
ATOM   1238 C  CA    . SER A 1 156 ? -8.058  -3.150  15.367  1.00 31.88 ? 153  SER A CA    1 
ATOM   1239 C  C     . SER A 1 156 ? -7.627  -3.763  14.032  1.00 29.38 ? 153  SER A C     1 
ATOM   1240 O  O     . SER A 1 156 ? -8.324  -3.608  13.037  1.00 30.52 ? 153  SER A O     1 
ATOM   1241 C  CB    . SER A 1 156 ? -8.185  -1.636  15.202  1.00 32.81 ? 153  SER A CB    1 
ATOM   1242 O  OG    . SER A 1 156 ? -7.087  -1.113  14.469  1.00 34.32 ? 153  SER A OG    1 
ATOM   1243 N  N     . VAL A 1 157 ? -6.468  -4.420  14.007  1.00 27.28 ? 154  VAL A N     1 
ATOM   1244 C  CA    . VAL A 1 157 ? -5.946  -5.047  12.802  1.00 26.61 ? 154  VAL A CA    1 
ATOM   1245 C  C     . VAL A 1 157 ? -6.017  -6.550  13.004  1.00 27.65 ? 154  VAL A C     1 
ATOM   1246 O  O     . VAL A 1 157 ? -5.350  -7.080  13.875  1.00 29.35 ? 154  VAL A O     1 
ATOM   1247 C  CB    . VAL A 1 157 ? -4.493  -4.615  12.535  1.00 25.38 ? 154  VAL A CB    1 
ATOM   1248 C  CG1   . VAL A 1 157 ? -3.873  -5.420  11.407  1.00 24.72 ? 154  VAL A CG1   1 
ATOM   1249 C  CG2   . VAL A 1 157 ? -4.447  -3.130  12.201  1.00 26.05 ? 154  VAL A CG2   1 
ATOM   1250 N  N     . LYS A 1 158 ? -6.823  -7.226  12.195  1.00 27.75 ? 155  LYS A N     1 
ATOM   1251 C  CA    . LYS A 1 158 ? -7.069  -8.646  12.389  1.00 29.98 ? 155  LYS A CA    1 
ATOM   1252 C  C     . LYS A 1 158 ? -6.681  -9.452  11.176  1.00 27.91 ? 155  LYS A C     1 
ATOM   1253 O  O     . LYS A 1 158 ? -6.959  -9.069  10.045  1.00 23.85 ? 155  LYS A O     1 
ATOM   1254 C  CB    . LYS A 1 158 ? -8.540  -8.885  12.725  1.00 30.85 ? 155  LYS A CB    1 
ATOM   1255 C  CG    . LYS A 1 158 ? -8.926  -8.292  14.066  1.00 36.14 ? 155  LYS A CG    1 
ATOM   1256 C  CD    . LYS A 1 158 ? -10.401 -8.459  14.375  1.00 38.88 ? 155  LYS A CD    1 
ATOM   1257 C  CE    . LYS A 1 158 ? -10.827 -7.529  15.502  1.00 43.08 ? 155  LYS A CE    1 
ATOM   1258 N  NZ    . LYS A 1 158 ? -10.044 -7.754  16.751  1.00 47.12 ? 155  LYS A NZ    1 
ATOM   1259 N  N     . ARG A 1 159 ? -6.035  -10.583 11.431  1.00 28.72 ? 156  ARG A N     1 
ATOM   1260 C  CA    . ARG A 1 159 ? -5.791  -11.585 10.406  1.00 30.19 ? 156  ARG A CA    1 
ATOM   1261 C  C     . ARG A 1 159 ? -7.084  -11.919 9.670   1.00 29.22 ? 156  ARG A C     1 
ATOM   1262 O  O     . ARG A 1 159 ? -8.116  -12.162 10.287  1.00 26.91 ? 156  ARG A O     1 
ATOM   1263 C  CB    . ARG A 1 159 ? -5.231  -12.858 11.045  1.00 36.14 ? 156  ARG A CB    1 
ATOM   1264 C  CG    . ARG A 1 159 ? -3.716  -12.896 11.145  1.00 39.29 ? 156  ARG A CG    1 
ATOM   1265 C  CD    . ARG A 1 159 ? -3.227  -13.254 12.538  1.00 42.97 ? 156  ARG A CD    1 
ATOM   1266 N  NE    . ARG A 1 159 ? -4.040  -14.291 13.184  1.00 45.05 ? 156  ARG A NE    1 
ATOM   1267 C  CZ    . ARG A 1 159 ? -4.284  -14.359 14.493  1.00 46.26 ? 156  ARG A CZ    1 
ATOM   1268 N  NH1   . ARG A 1 159 ? -3.785  -13.459 15.337  1.00 48.07 ? 156  ARG A NH1   1 
ATOM   1269 N  NH2   . ARG A 1 159 ? -5.041  -15.338 14.968  1.00 50.91 ? 156  ARG A NH2   1 
ATOM   1270 N  N     . TYR A 1 160 ? -7.014  -11.899 8.348   1.00 29.17 ? 157  TYR A N     1 
ATOM   1271 C  CA    . TYR A 1 160 ? -8.135  -12.245 7.495   1.00 33.95 ? 157  TYR A CA    1 
ATOM   1272 C  C     . TYR A 1 160 ? -7.740  -13.408 6.594   1.00 38.50 ? 157  TYR A C     1 
ATOM   1273 O  O     . TYR A 1 160 ? -8.454  -14.405 6.522   1.00 42.36 ? 157  TYR A O     1 
ATOM   1274 C  CB    . TYR A 1 160 ? -8.515  -11.033 6.652   1.00 33.37 ? 157  TYR A CB    1 
ATOM   1275 C  CG    . TYR A 1 160 ? -9.774  -11.181 5.832   1.00 31.76 ? 157  TYR A CG    1 
ATOM   1276 C  CD1   . TYR A 1 160 ? -11.022 -10.897 6.381   1.00 33.03 ? 157  TYR A CD1   1 
ATOM   1277 C  CD2   . TYR A 1 160 ? -9.717  -11.569 4.502   1.00 33.46 ? 157  TYR A CD2   1 
ATOM   1278 C  CE1   . TYR A 1 160 ? -12.179 -11.010 5.629   1.00 34.77 ? 157  TYR A CE1   1 
ATOM   1279 C  CE2   . TYR A 1 160 ? -10.866 -11.695 3.743   1.00 34.05 ? 157  TYR A CE2   1 
ATOM   1280 C  CZ    . TYR A 1 160 ? -12.093 -11.414 4.308   1.00 36.41 ? 157  TYR A CZ    1 
ATOM   1281 O  OH    . TYR A 1 160 ? -13.236 -11.533 3.551   1.00 41.60 ? 157  TYR A OH    1 
ATOM   1282 N  N     . LYS A 1 161 ? -6.602  -13.272 5.906   1.00 43.25 ? 158  LYS A N     1 
ATOM   1283 C  CA    . LYS A 1 161 ? -6.143  -14.277 4.935   1.00 47.84 ? 158  LYS A CA    1 
ATOM   1284 C  C     . LYS A 1 161 ? -4.644  -14.136 4.587   1.00 47.64 ? 158  LYS A C     1 
ATOM   1285 O  O     . LYS A 1 161 ? -4.231  -13.416 3.672   1.00 43.37 ? 158  LYS A O     1 
ATOM   1286 C  CB    . LYS A 1 161 ? -7.002  -14.197 3.664   1.00 48.41 ? 158  LYS A CB    1 
ATOM   1287 C  CG    . LYS A 1 161 ? -7.094  -15.504 2.898   1.00 53.58 ? 158  LYS A CG    1 
ATOM   1288 C  CD    . LYS A 1 161 ? -7.985  -15.360 1.678   1.00 54.27 ? 158  LYS A CD    1 
ATOM   1289 C  CE    . LYS A 1 161 ? -8.259  -16.707 1.029   1.00 56.86 ? 158  LYS A CE    1 
ATOM   1290 N  NZ    . LYS A 1 161 ? -9.371  -16.629 0.043   1.00 58.13 ? 158  LYS A NZ    1 
ATOM   1291 O  OXT   . LYS A 1 161 ? -3.785  -14.756 5.214   1.00 52.08 ? 158  LYS A OXT   1 
HETATM 1292 P  PG    . APC B 2 .   ? -3.083  8.265   2.190   1.00 19.11 ? 1159 APC A PG    1 
HETATM 1293 O  O1G   . APC B 2 .   ? -3.252  6.815   2.598   1.00 19.40 ? 1159 APC A O1G   1 
HETATM 1294 O  O2G   . APC B 2 .   ? -2.658  9.143   3.365   1.00 19.09 ? 1159 APC A O2G   1 
HETATM 1295 O  O3G   . APC B 2 .   ? -2.254  8.458   0.962   1.00 21.18 ? 1159 APC A O3G   1 
HETATM 1296 P  PB    . APC B 2 .   ? -5.312  8.249   0.476   1.00 20.62 ? 1159 APC A PB    1 
HETATM 1297 O  O1B   . APC B 2 .   ? -4.662  6.996   -0.015  1.00 17.88 ? 1159 APC A O1B   1 
HETATM 1298 O  O2B   . APC B 2 .   ? -6.814  8.016   0.936   1.00 19.25 ? 1159 APC A O2B   1 
HETATM 1299 O  O3B   . APC B 2 .   ? -4.550  8.783   1.805   1.00 19.88 ? 1159 APC A O3B   1 
HETATM 1300 P  PA    . APC B 2 .   ? -5.849  9.222   -2.319  1.00 20.87 ? 1159 APC A PA    1 
HETATM 1301 O  O1A   . APC B 2 .   ? -5.490  7.826   -2.664  1.00 20.66 ? 1159 APC A O1A   1 
HETATM 1302 O  O2A   . APC B 2 .   ? -7.392  9.550   -2.431  1.00 20.17 ? 1159 APC A O2A   1 
HETATM 1303 C  C3A   . APC B 2 .   ? -5.234  9.631   -0.675  1.00 19.67 ? 1159 APC A C3A   1 
HETATM 1304 O  "O5'" . APC B 2 .   ? -5.161  10.258  -3.316  1.00 23.46 ? 1159 APC A "O5'" 1 
HETATM 1305 C  "C5'" . APC B 2 .   ? -4.099  9.884   -4.140  1.00 25.46 ? 1159 APC A "C5'" 1 
HETATM 1306 C  "C4'" . APC B 2 .   ? -3.207  11.101  -4.265  1.00 25.34 ? 1159 APC A "C4'" 1 
HETATM 1307 O  "O4'" . APC B 2 .   ? -2.337  11.262  -3.143  1.00 25.04 ? 1159 APC A "O4'" 1 
HETATM 1308 C  "C3'" . APC B 2 .   ? -2.357  10.875  -5.473  1.00 26.37 ? 1159 APC A "C3'" 1 
HETATM 1309 O  "O3'" . APC B 2 .   ? -3.067  11.425  -6.583  1.00 27.35 ? 1159 APC A "O3'" 1 
HETATM 1310 C  "C2'" . APC B 2 .   ? -1.034  11.529  -5.120  1.00 26.98 ? 1159 APC A "C2'" 1 
HETATM 1311 O  "O2'" . APC B 2 .   ? -0.916  12.806  -5.765  1.00 28.17 ? 1159 APC A "O2'" 1 
HETATM 1312 C  "C1'" . APC B 2 .   ? -1.063  11.685  -3.598  1.00 25.55 ? 1159 APC A "C1'" 1 
HETATM 1313 N  N9    . APC B 2 .   ? 0.044   10.918  -2.971  1.00 25.00 ? 1159 APC A N9    1 
HETATM 1314 C  C8    . APC B 2 .   ? 1.002   11.485  -2.213  1.00 25.19 ? 1159 APC A C8    1 
HETATM 1315 N  N7    . APC B 2 .   ? 1.899   10.564  -1.791  1.00 23.52 ? 1159 APC A N7    1 
HETATM 1316 C  C5    . APC B 2 .   ? 1.504   9.376   -2.293  1.00 22.21 ? 1159 APC A C5    1 
HETATM 1317 C  C6    . APC B 2 .   ? 2.002   7.985   -2.221  1.00 21.15 ? 1159 APC A C6    1 
HETATM 1318 N  N6    . APC B 2 .   ? 3.129   7.734   -1.514  1.00 19.92 ? 1159 APC A N6    1 
HETATM 1319 N  N1    . APC B 2 .   ? 1.301   7.010   -2.875  1.00 19.81 ? 1159 APC A N1    1 
HETATM 1320 C  C2    . APC B 2 .   ? 0.181   7.295   -3.573  1.00 20.83 ? 1159 APC A C2    1 
HETATM 1321 N  N3    . APC B 2 .   ? -0.325  8.545   -3.673  1.00 22.31 ? 1159 APC A N3    1 
HETATM 1322 C  C4    . APC B 2 .   ? 0.279   9.607   -3.065  1.00 22.94 ? 1159 APC A C4    1 
HETATM 1323 MG MG    . MG  C 3 .   ? -4.035  6.546   -1.921  1.00 18.91 ? 1160 MG  A MG    1 
HETATM 1324 MG MG    . MG  D 3 .   ? -4.183  5.410   1.403   1.00 18.83 ? 1161 MG  A MG    1 
HETATM 1325 N  N     . NO3 E 4 .   ? -15.521 4.232   -4.813  1.00 34.06 ? 1162 NO3 A N     1 
HETATM 1326 O  O1    . NO3 E 4 .   ? -16.059 3.705   -3.639  1.00 33.90 ? 1162 NO3 A O1    1 
HETATM 1327 O  O2    . NO3 E 4 .   ? -16.218 4.840   -5.614  1.00 38.98 ? 1162 NO3 A O2    1 
HETATM 1328 O  O3    . NO3 E 4 .   ? -14.172 4.050   -5.067  1.00 34.20 ? 1162 NO3 A O3    1 
HETATM 1329 C  C1    . YH5 F 5 .   ? -6.905  2.202   5.095   1.00 19.57 ? 1163 YH5 A C1    1 
HETATM 1330 O  O1    . YH5 F 5 .   ? -6.261  1.839   3.947   1.00 19.65 ? 1163 YH5 A O1    1 
HETATM 1331 N  N1    . YH5 F 5 .   ? -7.274  4.612   4.519   1.00 22.23 ? 1163 YH5 A N1    1 
HETATM 1332 S  S1    . YH5 F 5 .   ? -8.088  7.201   4.803   1.00 29.73 ? 1163 YH5 A S1    1 
HETATM 1333 C  C10   . YH5 F 5 .   ? -6.897  10.550  8.579   1.00 37.04 ? 1163 YH5 A C10   1 
HETATM 1334 C  C11   . YH5 F 5 .   ? -6.454  10.195  9.840   1.00 39.07 ? 1163 YH5 A C11   1 
HETATM 1335 C  C12   . YH5 F 5 .   ? -5.910  8.953   10.042  1.00 38.53 ? 1163 YH5 A C12   1 
HETATM 1336 C  C13   . YH5 F 5 .   ? -5.800  8.062   9.002   1.00 38.92 ? 1163 YH5 A C13   1 
HETATM 1337 C  C14   . YH5 F 5 .   ? -7.143  12.225  10.749  1.00 39.53 ? 1163 YH5 A C14   1 
HETATM 1338 N  N2    . YH5 F 5 .   ? -8.309  5.066   6.450   1.00 21.50 ? 1163 YH5 A N2    1 
HETATM 1339 C  C2    . YH5 F 5 .   ? -7.344  3.491   5.298   1.00 21.14 ? 1163 YH5 A C2    1 
HETATM 1340 O  O2    . YH5 F 5 .   ? -5.683  6.296   7.064   1.00 39.97 ? 1163 YH5 A O2    1 
HETATM 1341 N  N3    . YH5 F 5 .   ? -8.213  2.882   7.457   1.00 18.72 ? 1163 YH5 A N3    1 
HETATM 1342 C  C3    . YH5 F 5 .   ? -7.870  5.532   5.245   1.00 24.71 ? 1163 YH5 A C3    1 
HETATM 1343 O  O3    . YH5 F 5 .   ? -6.498  10.985  10.986  1.00 39.25 ? 1163 YH5 A O3    1 
HETATM 1344 C  C4    . YH5 F 5 .   ? -7.976  3.751   6.485   1.00 20.62 ? 1163 YH5 A C4    1 
HETATM 1345 N  N4    . YH5 F 5 .   ? -7.100  1.290   6.046   1.00 19.46 ? 1163 YH5 A N4    1 
HETATM 1346 C  C5    . YH5 F 5 .   ? -7.735  1.670   7.161   1.00 18.58 ? 1163 YH5 A C5    1 
HETATM 1347 N  N5    . YH5 F 5 .   ? -7.924  0.691   8.113   1.00 18.38 ? 1163 YH5 A N5    1 
HETATM 1348 C  C6    . YH5 F 5 .   ? -6.400  7.689   5.253   1.00 34.07 ? 1163 YH5 A C6    1 
HETATM 1349 C  C7    . YH5 F 5 .   ? -6.090  7.392   6.700   1.00 37.27 ? 1163 YH5 A C7    1 
HETATM 1350 C  C8    . YH5 F 5 .   ? -6.242  8.415   7.747   1.00 39.06 ? 1163 YH5 A C8    1 
HETATM 1351 C  C9    . YH5 F 5 .   ? -6.792  9.661   7.528   1.00 37.22 ? 1163 YH5 A C9    1 
HETATM 1352 O  O     . HOH G 6 .   ? 20.516  -2.865  -16.153 1.00 40.47 ? 2001 HOH A O     1 
HETATM 1353 O  O     . HOH G 6 .   ? -1.990  0.871   2.532   1.00 21.95 ? 2002 HOH A O     1 
HETATM 1354 O  O     . HOH G 6 .   ? 16.068  -1.795  -4.465  1.00 46.07 ? 2003 HOH A O     1 
HETATM 1355 O  O     . HOH G 6 .   ? 13.834  -2.163  -0.952  1.00 47.09 ? 2004 HOH A O     1 
HETATM 1356 O  O     . HOH G 6 .   ? 11.990  -0.166  -0.880  1.00 41.93 ? 2005 HOH A O     1 
HETATM 1357 O  O     . HOH G 6 .   ? 9.432   -8.642  0.493   1.00 33.49 ? 2006 HOH A O     1 
HETATM 1358 O  O     . HOH G 6 .   ? -3.884  1.454   0.742   1.00 24.63 ? 2007 HOH A O     1 
HETATM 1359 O  O     . HOH G 6 .   ? -18.638 -5.556  1.255   1.00 30.48 ? 2008 HOH A O     1 
HETATM 1360 O  O     . HOH G 6 .   ? -15.439 -7.854  1.374   1.00 21.78 ? 2009 HOH A O     1 
HETATM 1361 O  O     . HOH G 6 .   ? -17.456 -5.466  -5.534  1.00 35.41 ? 2010 HOH A O     1 
HETATM 1362 O  O     . HOH G 6 .   ? -14.202 -9.762  0.144   1.00 30.85 ? 2011 HOH A O     1 
HETATM 1363 O  O     . HOH G 6 .   ? -17.095 -9.680  -7.110  1.00 47.49 ? 2012 HOH A O     1 
HETATM 1364 O  O     . HOH G 6 .   ? -17.290 -6.225  5.222   1.00 40.91 ? 2013 HOH A O     1 
HETATM 1365 O  O     . HOH G 6 .   ? -14.472 -2.630  -8.298  1.00 38.13 ? 2014 HOH A O     1 
HETATM 1366 O  O     . HOH G 6 .   ? -0.760  -10.672 -13.612 1.00 39.25 ? 2015 HOH A O     1 
HETATM 1367 O  O     . HOH G 6 .   ? 4.835   -7.100  -15.869 1.00 34.50 ? 2016 HOH A O     1 
HETATM 1368 O  O     . HOH G 6 .   ? 3.822   -7.322  -18.243 1.00 50.48 ? 2017 HOH A O     1 
HETATM 1369 O  O     . HOH G 6 .   ? 8.805   -12.967 2.828   1.00 21.41 ? 2018 HOH A O     1 
HETATM 1370 O  O     . HOH G 6 .   ? -3.775  -12.401 7.751   1.00 33.50 ? 2019 HOH A O     1 
HETATM 1371 O  O     . HOH G 6 .   ? 1.829   -11.510 11.113  1.00 32.66 ? 2020 HOH A O     1 
HETATM 1372 O  O     . HOH G 6 .   ? -16.168 -6.215  8.414   1.00 31.45 ? 2021 HOH A O     1 
HETATM 1373 O  O     . HOH G 6 .   ? -7.008  -0.315  11.801  1.00 22.57 ? 2022 HOH A O     1 
HETATM 1374 O  O     . HOH G 6 .   ? -10.547 8.743   6.744   1.00 25.57 ? 2023 HOH A O     1 
HETATM 1375 O  O     . HOH G 6 .   ? -9.383  6.622   13.430  1.00 35.35 ? 2024 HOH A O     1 
HETATM 1376 O  O     . HOH G 6 .   ? -21.387 6.627   6.988   1.00 35.37 ? 2025 HOH A O     1 
HETATM 1377 O  O     . HOH G 6 .   ? -16.324 2.061   12.112  1.00 30.40 ? 2026 HOH A O     1 
HETATM 1378 O  O     . HOH G 6 .   ? -13.606 7.300   16.264  1.00 36.90 ? 2027 HOH A O     1 
HETATM 1379 O  O     . HOH G 6 .   ? -16.819 0.445   10.023  1.00 23.67 ? 2028 HOH A O     1 
HETATM 1380 O  O     . HOH G 6 .   ? -1.852  -1.691  3.843   1.00 24.13 ? 2029 HOH A O     1 
HETATM 1381 O  O     . HOH G 6 .   ? 11.787  -10.840 -2.664  1.00 35.02 ? 2030 HOH A O     1 
HETATM 1382 O  O     . HOH G 6 .   ? 9.678   10.045  -11.434 1.00 33.05 ? 2031 HOH A O     1 
HETATM 1383 O  O     . HOH G 6 .   ? 12.247  7.538   -9.761  1.00 35.03 ? 2032 HOH A O     1 
HETATM 1384 O  O     . HOH G 6 .   ? -5.934  7.765   -5.464  1.00 37.91 ? 2033 HOH A O     1 
HETATM 1385 O  O     . HOH G 6 .   ? -3.520  6.192   -3.921  1.00 19.19 ? 2034 HOH A O     1 
HETATM 1386 O  O     . HOH G 6 .   ? -12.421 8.136   -2.035  1.00 31.53 ? 2035 HOH A O     1 
HETATM 1387 O  O     . HOH G 6 .   ? -19.063 9.236   -0.137  1.00 43.43 ? 2036 HOH A O     1 
HETATM 1388 O  O     . HOH G 6 .   ? -16.575 9.854   -0.019  1.00 37.72 ? 2037 HOH A O     1 
HETATM 1389 O  O     . HOH G 6 .   ? -10.508 15.016  -0.690  1.00 46.78 ? 2038 HOH A O     1 
HETATM 1390 O  O     . HOH G 6 .   ? -6.857  10.087  3.292   1.00 27.26 ? 2039 HOH A O     1 
HETATM 1391 O  O     . HOH G 6 .   ? -1.542  10.833  0.247   1.00 44.56 ? 2040 HOH A O     1 
HETATM 1392 O  O     . HOH G 6 .   ? -4.309  11.411  3.579   1.00 29.04 ? 2041 HOH A O     1 
HETATM 1393 O  O     . HOH G 6 .   ? -8.062  12.117  4.620   1.00 32.23 ? 2042 HOH A O     1 
HETATM 1394 O  O     . HOH G 6 .   ? -9.567  14.526  3.793   1.00 28.72 ? 2043 HOH A O     1 
HETATM 1395 O  O     . HOH G 6 .   ? -7.303  2.864   1.611   1.00 24.26 ? 2044 HOH A O     1 
HETATM 1396 O  O     . HOH G 6 .   ? -6.005  5.838   2.382   1.00 19.92 ? 2045 HOH A O     1 
HETATM 1397 O  O     . HOH G 6 .   ? -4.038  3.793   2.810   1.00 19.97 ? 2046 HOH A O     1 
HETATM 1398 O  O     . HOH G 6 .   ? -2.616  8.026   -1.678  1.00 14.19 ? 2047 HOH A O     1 
HETATM 1399 O  O     . HOH G 6 .   ? -1.140  3.562   2.995   1.00 21.79 ? 2048 HOH A O     1 
HETATM 1400 O  O     . HOH G 6 .   ? 11.617  4.675   -0.144  1.00 17.81 ? 2049 HOH A O     1 
HETATM 1401 O  O     . HOH G 6 .   ? 18.454  4.785   4.945   1.00 32.38 ? 2050 HOH A O     1 
HETATM 1402 O  O     . HOH G 6 .   ? 16.956  -1.689  3.722   1.00 24.52 ? 2051 HOH A O     1 
HETATM 1403 O  O     . HOH G 6 .   ? 16.095  10.453  -2.323  1.00 22.91 ? 2052 HOH A O     1 
HETATM 1404 O  O     . HOH G 6 .   ? 16.530  5.502   -7.700  1.00 44.34 ? 2053 HOH A O     1 
HETATM 1405 O  O     . HOH G 6 .   ? 16.375  10.411  6.770   1.00 37.20 ? 2054 HOH A O     1 
HETATM 1406 O  O     . HOH G 6 .   ? 6.815   14.749  4.623   1.00 32.23 ? 2055 HOH A O     1 
HETATM 1407 O  O     . HOH G 6 .   ? 8.842   17.201  4.292   1.00 43.98 ? 2056 HOH A O     1 
HETATM 1408 O  O     . HOH G 6 .   ? 3.906   17.554  -6.920  1.00 32.36 ? 2057 HOH A O     1 
HETATM 1409 O  O     . HOH G 6 .   ? 5.828   7.478   8.193   1.00 33.59 ? 2058 HOH A O     1 
HETATM 1410 O  O     . HOH G 6 .   ? 7.658   7.772   6.366   1.00 29.06 ? 2059 HOH A O     1 
HETATM 1411 O  O     . HOH G 6 .   ? 0.700   4.850   4.587   1.00 22.57 ? 2060 HOH A O     1 
HETATM 1412 O  O     . HOH G 6 .   ? 5.991   3.270   14.552  1.00 26.92 ? 2061 HOH A O     1 
HETATM 1413 O  O     . HOH G 6 .   ? 8.536   7.153   12.857  1.00 40.73 ? 2062 HOH A O     1 
HETATM 1414 O  O     . HOH G 6 .   ? -2.909  2.126   13.704  1.00 32.42 ? 2063 HOH A O     1 
HETATM 1415 O  O     . HOH G 6 .   ? -4.404  0.597   11.724  1.00 25.18 ? 2064 HOH A O     1 
HETATM 1416 O  O     . HOH G 6 .   ? 3.659   -8.251  11.069  1.00 26.89 ? 2065 HOH A O     1 
HETATM 1417 O  O     . HOH G 6 .   ? 9.207   -8.438  13.185  1.00 38.61 ? 2066 HOH A O     1 
HETATM 1418 O  O     . HOH G 6 .   ? 12.907  -8.428  5.427   1.00 32.97 ? 2067 HOH A O     1 
HETATM 1419 O  O     . HOH G 6 .   ? 18.087  7.675   4.612   1.00 27.65 ? 2068 HOH A O     1 
HETATM 1420 O  O     . HOH G 6 .   ? 14.803  7.223   14.034  1.00 40.37 ? 2069 HOH A O     1 
HETATM 1421 O  O     . HOH G 6 .   ? 18.336  0.522   11.558  1.00 37.06 ? 2070 HOH A O     1 
HETATM 1422 O  O     . HOH G 6 .   ? 20.241  11.702  6.204   1.00 40.19 ? 2071 HOH A O     1 
HETATM 1423 O  O     . HOH G 6 .   ? 16.374  -0.534  13.075  1.00 31.31 ? 2072 HOH A O     1 
HETATM 1424 O  O     . HOH G 6 .   ? 9.394   -6.744  15.290  1.00 38.14 ? 2073 HOH A O     1 
HETATM 1425 O  O     . HOH G 6 .   ? 8.747   -2.965  16.739  1.00 33.97 ? 2074 HOH A O     1 
HETATM 1426 O  O     . HOH G 6 .   ? 17.178  -4.063  14.707  1.00 48.75 ? 2075 HOH A O     1 
HETATM 1427 O  O     . HOH G 6 .   ? 2.034   -1.407  13.788  1.00 21.29 ? 2076 HOH A O     1 
HETATM 1428 O  O     . HOH G 6 .   ? 3.660   -2.833  20.301  1.00 41.47 ? 2077 HOH A O     1 
HETATM 1429 O  O     . HOH G 6 .   ? -1.490  -6.510  16.451  1.00 27.80 ? 2078 HOH A O     1 
HETATM 1430 O  O     . HOH G 6 .   ? -4.173  -2.492  20.577  1.00 33.90 ? 2079 HOH A O     1 
HETATM 1431 O  O     . HOH G 6 .   ? -5.782  -8.455  16.414  1.00 41.02 ? 2080 HOH A O     1 
HETATM 1432 O  O     . HOH G 6 .   ? -2.604  -7.761  14.180  1.00 36.94 ? 2081 HOH A O     1 
HETATM 1433 O  O     . HOH G 6 .   ? -5.235  -16.531 11.344  1.00 37.63 ? 2082 HOH A O     1 
HETATM 1434 O  O     . HOH G 6 .   ? -1.731  12.814  -8.486  1.00 44.74 ? 2083 HOH A O     1 
# 
loop_
_pdbx_poly_seq_scheme.asym_id 
_pdbx_poly_seq_scheme.entity_id 
_pdbx_poly_seq_scheme.seq_id 
_pdbx_poly_seq_scheme.mon_id 
_pdbx_poly_seq_scheme.ndb_seq_num 
_pdbx_poly_seq_scheme.pdb_seq_num 
_pdbx_poly_seq_scheme.auth_seq_num 
_pdbx_poly_seq_scheme.pdb_mon_id 
_pdbx_poly_seq_scheme.auth_mon_id 
_pdbx_poly_seq_scheme.pdb_strand_id 
_pdbx_poly_seq_scheme.pdb_ins_code 
_pdbx_poly_seq_scheme.hetero 
A 1 1   GLY 1   -2  ?   ?   ?   A . n 
A 1 2   SER 2   -1  ?   ?   ?   A . n 
A 1 3   HIS 3   0   0   HIS HIS A . n 
A 1 4   MET 4   1   1   MET MET A . n 
A 1 5   ILE 5   2   2   ILE ILE A . n 
A 1 6   GLN 6   3   3   GLN GLN A . n 
A 1 7   ALA 7   4   4   ALA ALA A . n 
A 1 8   TYR 8   5   5   TYR TYR A . n 
A 1 9   LEU 9   6   6   LEU LEU A . n 
A 1 10  GLY 10  7   7   GLY GLY A . n 
A 1 11  LEU 11  8   8   LEU LEU A . n 
A 1 12  GLY 12  9   9   GLY GLY A . n 
A 1 13  SER 13  10  10  SER SER A . n 
A 1 14  ASN 14  11  11  ASN ASN A . n 
A 1 15  ILE 15  12  12  ILE ILE A . n 
A 1 16  GLY 16  13  13  GLY GLY A . n 
A 1 17  ASP 17  14  14  ASP ASP A . n 
A 1 18  ARG 18  15  15  ARG ARG A . n 
A 1 19  GLU 19  16  16  GLU GLU A . n 
A 1 20  SER 20  17  17  SER SER A . n 
A 1 21  GLN 21  18  18  GLN GLN A . n 
A 1 22  LEU 22  19  19  LEU LEU A . n 
A 1 23  ASN 23  20  20  ASN ASN A . n 
A 1 24  ASP 24  21  21  ASP ASP A . n 
A 1 25  ALA 25  22  22  ALA ALA A . n 
A 1 26  ILE 26  23  23  ILE ILE A . n 
A 1 27  LYS 27  24  24  LYS LYS A . n 
A 1 28  ILE 28  25  25  ILE ILE A . n 
A 1 29  LEU 29  26  26  LEU LEU A . n 
A 1 30  ASN 30  27  27  ASN ASN A . n 
A 1 31  GLU 31  28  28  GLU GLU A . n 
A 1 32  TYR 32  29  29  TYR TYR A . n 
A 1 33  ASP 33  30  30  ASP ASP A . n 
A 1 34  GLY 34  31  31  GLY GLY A . n 
A 1 35  ILE 35  32  32  ILE ILE A . n 
A 1 36  SER 36  33  33  SER SER A . n 
A 1 37  VAL 37  34  34  VAL VAL A . n 
A 1 38  SER 38  35  35  SER SER A . n 
A 1 39  ASN 39  36  36  ASN ASN A . n 
A 1 40  ILE 40  37  37  ILE ILE A . n 
A 1 41  SER 41  38  38  SER SER A . n 
A 1 42  PRO 42  39  39  PRO PRO A . n 
A 1 43  ILE 43  40  40  ILE ILE A . n 
A 1 44  TYR 44  41  41  TYR TYR A . n 
A 1 45  GLU 45  42  42  GLU GLU A . n 
A 1 46  THR 46  43  43  THR THR A . n 
A 1 47  ALA 47  44  44  ALA ALA A . n 
A 1 48  PRO 48  45  45  PRO PRO A . n 
A 1 49  VAL 49  46  46  VAL VAL A . n 
A 1 50  GLY 50  47  47  GLY GLY A . n 
A 1 51  TYR 51  48  48  TYR TYR A . n 
A 1 52  THR 52  49  49  THR THR A . n 
A 1 53  GLU 53  50  50  GLU GLU A . n 
A 1 54  GLN 54  51  51  GLN GLN A . n 
A 1 55  PRO 55  52  52  PRO PRO A . n 
A 1 56  ASN 56  53  53  ASN ASN A . n 
A 1 57  PHE 57  54  54  PHE PHE A . n 
A 1 58  LEU 58  55  55  LEU LEU A . n 
A 1 59  ASN 59  56  56  ASN ASN A . n 
A 1 60  LEU 60  57  57  LEU LEU A . n 
A 1 61  CYS 61  58  58  CYS CYS A . n 
A 1 62  VAL 62  59  59  VAL VAL A . n 
A 1 63  GLU 63  60  60  GLU GLU A . n 
A 1 64  ILE 64  61  61  ILE ILE A . n 
A 1 65  GLN 65  62  62  GLN GLN A . n 
A 1 66  THR 66  63  63  THR THR A . n 
A 1 67  THR 67  64  64  THR THR A . n 
A 1 68  LEU 68  65  65  LEU LEU A . n 
A 1 69  THR 69  66  66  THR THR A . n 
A 1 70  VAL 70  67  67  VAL VAL A . n 
A 1 71  LEU 71  68  68  LEU LEU A . n 
A 1 72  GLN 72  69  69  GLN GLN A . n 
A 1 73  LEU 73  70  70  LEU LEU A . n 
A 1 74  LEU 74  71  71  LEU LEU A . n 
A 1 75  GLU 75  72  72  GLU GLU A . n 
A 1 76  CYS 76  73  73  CYS CYS A . n 
A 1 77  CYS 77  74  74  CYS CYS A . n 
A 1 78  LEU 78  75  75  LEU LEU A . n 
A 1 79  LYS 79  76  76  LYS LYS A . n 
A 1 80  THR 80  77  77  THR THR A . n 
A 1 81  GLU 81  78  78  GLU GLU A . n 
A 1 82  GLU 82  79  79  GLU GLU A . n 
A 1 83  CYS 83  80  80  CYS CYS A . n 
A 1 84  LEU 84  81  81  LEU LEU A . n 
A 1 85  HIS 85  82  82  HIS HIS A . n 
A 1 86  ARG 86  83  83  ARG ARG A . n 
A 1 87  ILE 87  84  84  ILE ILE A . n 
A 1 88  ARG 88  85  85  ARG ARG A . n 
A 1 89  LYS 89  86  86  LYS LYS A . n 
A 1 90  GLU 90  87  87  GLU GLU A . n 
A 1 91  ARG 91  88  88  ARG ARG A . n 
A 1 92  TRP 92  89  89  TRP TRP A . n 
A 1 93  GLY 93  90  90  GLY GLY A . n 
A 1 94  PRO 94  91  91  PRO PRO A . n 
A 1 95  ARG 95  92  92  ARG ARG A . n 
A 1 96  THR 96  93  93  THR THR A . n 
A 1 97  LEU 97  94  94  LEU LEU A . n 
A 1 98  ASP 98  95  95  ASP ASP A . n 
A 1 99  VAL 99  96  96  VAL VAL A . n 
A 1 100 ASP 100 97  97  ASP ASP A . n 
A 1 101 ILE 101 98  98  ILE ILE A . n 
A 1 102 LEU 102 99  99  LEU LEU A . n 
A 1 103 LEU 103 100 100 LEU LEU A . n 
A 1 104 TYR 104 101 101 TYR TYR A . n 
A 1 105 GLY 105 102 102 GLY GLY A . n 
A 1 106 GLU 106 103 103 GLU GLU A . n 
A 1 107 GLU 107 104 104 GLU GLU A . n 
A 1 108 MET 108 105 105 MET MET A . n 
A 1 109 ILE 109 106 106 ILE ILE A . n 
A 1 110 ASP 110 107 107 ASP ASP A . n 
A 1 111 LEU 111 108 108 LEU LEU A . n 
A 1 112 PRO 112 109 109 PRO PRO A . n 
A 1 113 LYS 113 110 110 LYS LYS A . n 
A 1 114 LEU 114 111 111 LEU LEU A . n 
A 1 115 SER 115 112 112 SER SER A . n 
A 1 116 VAL 116 113 113 VAL VAL A . n 
A 1 117 PRO 117 114 114 PRO PRO A . n 
A 1 118 HIS 118 115 115 HIS HIS A . n 
A 1 119 PRO 119 116 116 PRO PRO A . n 
A 1 120 ARG 120 117 117 ARG ARG A . n 
A 1 121 MET 121 118 118 MET MET A . n 
A 1 122 ASN 122 119 119 ASN ASN A . n 
A 1 123 GLU 123 120 120 GLU GLU A . n 
A 1 124 ARG 124 121 121 ARG ARG A . n 
A 1 125 ALA 125 122 122 ALA ALA A . n 
A 1 126 PHE 126 123 123 PHE PHE A . n 
A 1 127 VAL 127 124 124 VAL VAL A . n 
A 1 128 LEU 128 125 125 LEU LEU A . n 
A 1 129 ILE 129 126 126 ILE ILE A . n 
A 1 130 PRO 130 127 127 PRO PRO A . n 
A 1 131 LEU 131 128 128 LEU LEU A . n 
A 1 132 ASN 132 129 129 ASN ASN A . n 
A 1 133 ASP 133 130 130 ASP ASP A . n 
A 1 134 ILE 134 131 131 ILE ILE A . n 
A 1 135 ALA 135 132 132 ALA ALA A . n 
A 1 136 ALA 136 133 133 ALA ALA A . n 
A 1 137 ASN 137 134 134 ASN ASN A . n 
A 1 138 VAL 138 135 135 VAL VAL A . n 
A 1 139 VAL 139 136 136 VAL VAL A . n 
A 1 140 GLU 140 137 137 GLU GLU A . n 
A 1 141 PRO 141 138 138 PRO PRO A . n 
A 1 142 ARG 142 139 139 ARG ARG A . n 
A 1 143 SER 143 140 140 SER SER A . n 
A 1 144 LYS 144 141 141 LYS LYS A . n 
A 1 145 LEU 145 142 142 LEU LEU A . n 
A 1 146 LYS 146 143 143 LYS LYS A . n 
A 1 147 VAL 147 144 144 VAL VAL A . n 
A 1 148 LYS 148 145 145 LYS LYS A . n 
A 1 149 ASP 149 146 146 ASP ASP A . n 
A 1 150 LEU 150 147 147 LEU LEU A . n 
A 1 151 VAL 151 148 148 VAL VAL A . n 
A 1 152 PHE 152 149 149 PHE PHE A . n 
A 1 153 VAL 153 150 150 VAL VAL A . n 
A 1 154 ASP 154 151 151 ASP ASP A . n 
A 1 155 ASP 155 152 152 ASP ASP A . n 
A 1 156 SER 156 153 153 SER SER A . n 
A 1 157 VAL 157 154 154 VAL VAL A . n 
A 1 158 LYS 158 155 155 LYS LYS A . n 
A 1 159 ARG 159 156 156 ARG ARG A . n 
A 1 160 TYR 160 157 157 TYR TYR A . n 
A 1 161 LYS 161 158 158 LYS LYS A . n 
# 
loop_
_pdbx_nonpoly_scheme.asym_id 
_pdbx_nonpoly_scheme.entity_id 
_pdbx_nonpoly_scheme.mon_id 
_pdbx_nonpoly_scheme.ndb_seq_num 
_pdbx_nonpoly_scheme.pdb_seq_num 
_pdbx_nonpoly_scheme.auth_seq_num 
_pdbx_nonpoly_scheme.pdb_mon_id 
_pdbx_nonpoly_scheme.auth_mon_id 
_pdbx_nonpoly_scheme.pdb_strand_id 
_pdbx_nonpoly_scheme.pdb_ins_code 
B 2 APC 1  1159 1159 APC APC A . 
C 3 MG  1  1160 1160 MG  MG  A . 
D 3 MG  1  1161 1161 MG  MG  A . 
E 4 NO3 1  1162 1162 NO3 NO3 A . 
F 5 YH5 1  1163 1163 YH5 YH5 A . 
G 6 HOH 1  2001 2001 HOH HOH A . 
G 6 HOH 2  2002 2002 HOH HOH A . 
G 6 HOH 3  2003 2003 HOH HOH A . 
G 6 HOH 4  2004 2004 HOH HOH A . 
G 6 HOH 5  2005 2005 HOH HOH A . 
G 6 HOH 6  2006 2006 HOH HOH A . 
G 6 HOH 7  2007 2007 HOH HOH A . 
G 6 HOH 8  2008 2008 HOH HOH A . 
G 6 HOH 9  2009 2009 HOH HOH A . 
G 6 HOH 10 2010 2010 HOH HOH A . 
G 6 HOH 11 2011 2011 HOH HOH A . 
G 6 HOH 12 2012 2012 HOH HOH A . 
G 6 HOH 13 2013 2013 HOH HOH A . 
G 6 HOH 14 2014 2014 HOH HOH A . 
G 6 HOH 15 2015 2015 HOH HOH A . 
G 6 HOH 16 2016 2016 HOH HOH A . 
G 6 HOH 17 2017 2017 HOH HOH A . 
G 6 HOH 18 2018 2018 HOH HOH A . 
G 6 HOH 19 2019 2019 HOH HOH A . 
G 6 HOH 20 2020 2020 HOH HOH A . 
G 6 HOH 21 2021 2021 HOH HOH A . 
G 6 HOH 22 2022 2022 HOH HOH A . 
G 6 HOH 23 2023 2023 HOH HOH A . 
G 6 HOH 24 2024 2024 HOH HOH A . 
G 6 HOH 25 2025 2025 HOH HOH A . 
G 6 HOH 26 2026 2026 HOH HOH A . 
G 6 HOH 27 2027 2027 HOH HOH A . 
G 6 HOH 28 2028 2028 HOH HOH A . 
G 6 HOH 29 2029 2029 HOH HOH A . 
G 6 HOH 30 2030 2030 HOH HOH A . 
G 6 HOH 31 2031 2031 HOH HOH A . 
G 6 HOH 32 2032 2032 HOH HOH A . 
G 6 HOH 33 2033 2033 HOH HOH A . 
G 6 HOH 34 2034 2034 HOH HOH A . 
G 6 HOH 35 2035 2035 HOH HOH A . 
G 6 HOH 36 2036 2036 HOH HOH A . 
G 6 HOH 37 2037 2037 HOH HOH A . 
G 6 HOH 38 2038 2038 HOH HOH A . 
G 6 HOH 39 2039 2039 HOH HOH A . 
G 6 HOH 40 2040 2040 HOH HOH A . 
G 6 HOH 41 2041 2041 HOH HOH A . 
G 6 HOH 42 2042 2042 HOH HOH A . 
G 6 HOH 43 2043 2043 HOH HOH A . 
G 6 HOH 44 2044 2044 HOH HOH A . 
G 6 HOH 45 2045 2045 HOH HOH A . 
G 6 HOH 46 2046 2046 HOH HOH A . 
G 6 HOH 47 2047 2047 HOH HOH A . 
G 6 HOH 48 2048 2048 HOH HOH A . 
G 6 HOH 49 2049 2049 HOH HOH A . 
G 6 HOH 50 2050 2050 HOH HOH A . 
G 6 HOH 51 2051 2051 HOH HOH A . 
G 6 HOH 52 2052 2052 HOH HOH A . 
G 6 HOH 53 2053 2053 HOH HOH A . 
G 6 HOH 54 2054 2054 HOH HOH A . 
G 6 HOH 55 2055 2055 HOH HOH A . 
G 6 HOH 56 2056 2056 HOH HOH A . 
G 6 HOH 57 2057 2057 HOH HOH A . 
G 6 HOH 58 2058 2058 HOH HOH A . 
G 6 HOH 59 2059 2059 HOH HOH A . 
G 6 HOH 60 2060 2060 HOH HOH A . 
G 6 HOH 61 2061 2061 HOH HOH A . 
G 6 HOH 62 2062 2062 HOH HOH A . 
G 6 HOH 63 2063 2063 HOH HOH A . 
G 6 HOH 64 2064 2064 HOH HOH A . 
G 6 HOH 65 2065 2065 HOH HOH A . 
G 6 HOH 66 2066 2066 HOH HOH A . 
G 6 HOH 67 2067 2067 HOH HOH A . 
G 6 HOH 68 2068 2068 HOH HOH A . 
G 6 HOH 69 2069 2069 HOH HOH A . 
G 6 HOH 70 2070 2070 HOH HOH A . 
G 6 HOH 71 2071 2071 HOH HOH A . 
G 6 HOH 72 2072 2072 HOH HOH A . 
G 6 HOH 73 2073 2073 HOH HOH A . 
G 6 HOH 74 2074 2074 HOH HOH A . 
G 6 HOH 75 2075 2075 HOH HOH A . 
G 6 HOH 76 2076 2076 HOH HOH A . 
G 6 HOH 77 2077 2077 HOH HOH A . 
G 6 HOH 78 2078 2078 HOH HOH A . 
G 6 HOH 79 2079 2079 HOH HOH A . 
G 6 HOH 80 2080 2080 HOH HOH A . 
G 6 HOH 81 2081 2081 HOH HOH A . 
G 6 HOH 82 2082 2082 HOH HOH A . 
G 6 HOH 83 2083 2083 HOH HOH A . 
# 
_pdbx_struct_assembly.id                   1 
_pdbx_struct_assembly.details              author_and_software_defined_assembly 
_pdbx_struct_assembly.method_details       PISA 
_pdbx_struct_assembly.oligomeric_details   monomeric 
_pdbx_struct_assembly.oligomeric_count     1 
# 
_pdbx_struct_assembly_gen.assembly_id       1 
_pdbx_struct_assembly_gen.oper_expression   1 
_pdbx_struct_assembly_gen.asym_id_list      A,B,C,D,E,F,G 
# 
_pdbx_struct_oper_list.id                   1 
_pdbx_struct_oper_list.type                 'identity operation' 
_pdbx_struct_oper_list.name                 1_555 
_pdbx_struct_oper_list.symmetry_operation   x,y,z 
_pdbx_struct_oper_list.matrix[1][1]         1.0000000000 
_pdbx_struct_oper_list.matrix[1][2]         0.0000000000 
_pdbx_struct_oper_list.matrix[1][3]         0.0000000000 
_pdbx_struct_oper_list.vector[1]            0.0000000000 
_pdbx_struct_oper_list.matrix[2][1]         0.0000000000 
_pdbx_struct_oper_list.matrix[2][2]         1.0000000000 
_pdbx_struct_oper_list.matrix[2][3]         0.0000000000 
_pdbx_struct_oper_list.vector[2]            0.0000000000 
_pdbx_struct_oper_list.matrix[3][1]         0.0000000000 
_pdbx_struct_oper_list.matrix[3][2]         0.0000000000 
_pdbx_struct_oper_list.matrix[3][3]         1.0000000000 
_pdbx_struct_oper_list.vector[3]            0.0000000000 
# 
loop_
_pdbx_struct_conn_angle.id 
_pdbx_struct_conn_angle.ptnr1_label_atom_id 
_pdbx_struct_conn_angle.ptnr1_label_alt_id 
_pdbx_struct_conn_angle.ptnr1_label_asym_id 
_pdbx_struct_conn_angle.ptnr1_label_comp_id 
_pdbx_struct_conn_angle.ptnr1_label_seq_id 
_pdbx_struct_conn_angle.ptnr1_auth_atom_id 
_pdbx_struct_conn_angle.ptnr1_auth_asym_id 
_pdbx_struct_conn_angle.ptnr1_auth_comp_id 
_pdbx_struct_conn_angle.ptnr1_auth_seq_id 
_pdbx_struct_conn_angle.ptnr1_PDB_ins_code 
_pdbx_struct_conn_angle.ptnr1_symmetry 
_pdbx_struct_conn_angle.ptnr2_label_atom_id 
_pdbx_struct_conn_angle.ptnr2_label_alt_id 
_pdbx_struct_conn_angle.ptnr2_label_asym_id 
_pdbx_struct_conn_angle.ptnr2_label_comp_id 
_pdbx_struct_conn_angle.ptnr2_label_seq_id 
_pdbx_struct_conn_angle.ptnr2_auth_atom_id 
_pdbx_struct_conn_angle.ptnr2_auth_asym_id 
_pdbx_struct_conn_angle.ptnr2_auth_comp_id 
_pdbx_struct_conn_angle.ptnr2_auth_seq_id 
_pdbx_struct_conn_angle.ptnr2_PDB_ins_code 
_pdbx_struct_conn_angle.ptnr2_symmetry 
_pdbx_struct_conn_angle.ptnr3_label_atom_id 
_pdbx_struct_conn_angle.ptnr3_label_alt_id 
_pdbx_struct_conn_angle.ptnr3_label_asym_id 
_pdbx_struct_conn_angle.ptnr3_label_comp_id 
_pdbx_struct_conn_angle.ptnr3_label_seq_id 
_pdbx_struct_conn_angle.ptnr3_auth_atom_id 
_pdbx_struct_conn_angle.ptnr3_auth_asym_id 
_pdbx_struct_conn_angle.ptnr3_auth_comp_id 
_pdbx_struct_conn_angle.ptnr3_auth_seq_id 
_pdbx_struct_conn_angle.ptnr3_PDB_ins_code 
_pdbx_struct_conn_angle.ptnr3_symmetry 
_pdbx_struct_conn_angle.value 
_pdbx_struct_conn_angle.value_esd 
1  OD1 ? A ASP 98  ? A ASP 95   ? 1_555 MG ? C MG . ? A MG 1160 ? 1_555 OD1 ? A ASP 100 ? A ASP 97   ? 1_555 89.6  ? 
2  OD1 ? A ASP 98  ? A ASP 95   ? 1_555 MG ? C MG . ? A MG 1160 ? 1_555 O1A ? B APC .   ? A APC 1159 ? 1_555 92.4  ? 
3  OD1 ? A ASP 100 ? A ASP 97   ? 1_555 MG ? C MG . ? A MG 1160 ? 1_555 O1A ? B APC .   ? A APC 1159 ? 1_555 171.9 ? 
4  OD1 ? A ASP 98  ? A ASP 95   ? 1_555 MG ? C MG . ? A MG 1160 ? 1_555 O1B ? B APC .   ? A APC 1159 ? 1_555 91.8  ? 
5  OD1 ? A ASP 100 ? A ASP 97   ? 1_555 MG ? C MG . ? A MG 1160 ? 1_555 O1B ? B APC .   ? A APC 1159 ? 1_555 98.7  ? 
6  O1A ? B APC .   ? A APC 1159 ? 1_555 MG ? C MG . ? A MG 1160 ? 1_555 O1B ? B APC .   ? A APC 1159 ? 1_555 89.1  ? 
7  OD1 ? A ASP 98  ? A ASP 95   ? 1_555 MG ? C MG . ? A MG 1160 ? 1_555 O   ? G HOH .   ? A HOH 2034 ? 1_555 88.3  ? 
8  OD1 ? A ASP 100 ? A ASP 97   ? 1_555 MG ? C MG . ? A MG 1160 ? 1_555 O   ? G HOH .   ? A HOH 2034 ? 1_555 86.0  ? 
9  O1A ? B APC .   ? A APC 1159 ? 1_555 MG ? C MG . ? A MG 1160 ? 1_555 O   ? G HOH .   ? A HOH 2034 ? 1_555 86.3  ? 
10 O1B ? B APC .   ? A APC 1159 ? 1_555 MG ? C MG . ? A MG 1160 ? 1_555 O   ? G HOH .   ? A HOH 2034 ? 1_555 175.3 ? 
11 OD1 ? A ASP 98  ? A ASP 95   ? 1_555 MG ? C MG . ? A MG 1160 ? 1_555 O   ? G HOH .   ? A HOH 2047 ? 1_555 172.8 ? 
12 OD1 ? A ASP 100 ? A ASP 97   ? 1_555 MG ? C MG . ? A MG 1160 ? 1_555 O   ? G HOH .   ? A HOH 2047 ? 1_555 83.6  ? 
13 O1A ? B APC .   ? A APC 1159 ? 1_555 MG ? C MG . ? A MG 1160 ? 1_555 O   ? G HOH .   ? A HOH 2047 ? 1_555 94.7  ? 
14 O1B ? B APC .   ? A APC 1159 ? 1_555 MG ? C MG . ? A MG 1160 ? 1_555 O   ? G HOH .   ? A HOH 2047 ? 1_555 86.8  ? 
15 O   ? G HOH .   ? A HOH 2034 ? 1_555 MG ? C MG . ? A MG 1160 ? 1_555 O   ? G HOH .   ? A HOH 2047 ? 1_555 93.7  ? 
16 OD2 ? A ASP 98  ? A ASP 95   ? 1_555 MG ? D MG . ? A MG 1161 ? 1_555 OD2 ? A ASP 100 ? A ASP 97   ? 1_555 87.6  ? 
17 OD2 ? A ASP 98  ? A ASP 95   ? 1_555 MG ? D MG . ? A MG 1161 ? 1_555 O1B ? B APC .   ? A APC 1159 ? 1_555 85.5  ? 
18 OD2 ? A ASP 100 ? A ASP 97   ? 1_555 MG ? D MG . ? A MG 1161 ? 1_555 O1B ? B APC .   ? A APC 1159 ? 1_555 102.3 ? 
19 OD2 ? A ASP 98  ? A ASP 95   ? 1_555 MG ? D MG . ? A MG 1161 ? 1_555 O1G ? B APC .   ? A APC 1159 ? 1_555 174.3 ? 
20 OD2 ? A ASP 100 ? A ASP 97   ? 1_555 MG ? D MG . ? A MG 1161 ? 1_555 O1G ? B APC .   ? A APC 1159 ? 1_555 93.9  ? 
21 O1B ? B APC .   ? A APC 1159 ? 1_555 MG ? D MG . ? A MG 1161 ? 1_555 O1G ? B APC .   ? A APC 1159 ? 1_555 88.9  ? 
22 OD2 ? A ASP 98  ? A ASP 95   ? 1_555 MG ? D MG . ? A MG 1161 ? 1_555 O   ? G HOH .   ? A HOH 2045 ? 1_555 90.4  ? 
23 OD2 ? A ASP 100 ? A ASP 97   ? 1_555 MG ? D MG . ? A MG 1161 ? 1_555 O   ? G HOH .   ? A HOH 2045 ? 1_555 169.4 ? 
24 O1B ? B APC .   ? A APC 1159 ? 1_555 MG ? D MG . ? A MG 1161 ? 1_555 O   ? G HOH .   ? A HOH 2045 ? 1_555 87.9  ? 
25 O1G ? B APC .   ? A APC 1159 ? 1_555 MG ? D MG . ? A MG 1161 ? 1_555 O   ? G HOH .   ? A HOH 2045 ? 1_555 89.0  ? 
26 OD2 ? A ASP 98  ? A ASP 95   ? 1_555 MG ? D MG . ? A MG 1161 ? 1_555 O   ? G HOH .   ? A HOH 2046 ? 1_555 89.7  ? 
27 OD2 ? A ASP 100 ? A ASP 97   ? 1_555 MG ? D MG . ? A MG 1161 ? 1_555 O   ? G HOH .   ? A HOH 2046 ? 1_555 84.9  ? 
28 O1B ? B APC .   ? A APC 1159 ? 1_555 MG ? D MG . ? A MG 1161 ? 1_555 O   ? G HOH .   ? A HOH 2046 ? 1_555 171.1 ? 
29 O1G ? B APC .   ? A APC 1159 ? 1_555 MG ? D MG . ? A MG 1161 ? 1_555 O   ? G HOH .   ? A HOH 2046 ? 1_555 95.9  ? 
30 O   ? G HOH .   ? A HOH 2045 ? 1_555 MG ? D MG . ? A MG 1161 ? 1_555 O   ? G HOH .   ? A HOH 2046 ? 1_555 84.7  ? 
# 
loop_
_pdbx_audit_revision_history.ordinal 
_pdbx_audit_revision_history.data_content_type 
_pdbx_audit_revision_history.major_revision 
_pdbx_audit_revision_history.minor_revision 
_pdbx_audit_revision_history.revision_date 
1 'Structure model' 1 0 2015-01-28 
2 'Structure model' 1 1 2016-12-28 
3 'Structure model' 1 2 2019-05-08 
4 'Structure model' 1 3 2023-12-20 
# 
_pdbx_audit_revision_details.ordinal             1 
_pdbx_audit_revision_details.revision_ordinal    1 
_pdbx_audit_revision_details.data_content_type   'Structure model' 
_pdbx_audit_revision_details.provider            repository 
_pdbx_audit_revision_details.type                'Initial release' 
_pdbx_audit_revision_details.description         ? 
_pdbx_audit_revision_details.details             ? 
# 
loop_
_pdbx_audit_revision_group.ordinal 
_pdbx_audit_revision_group.revision_ordinal 
_pdbx_audit_revision_group.data_content_type 
_pdbx_audit_revision_group.group 
1  2 'Structure model' 'Atomic model'             
2  2 'Structure model' 'Derived calculations'     
3  2 'Structure model' 'Non-polymer description'  
4  3 'Structure model' 'Data collection'          
5  3 'Structure model' 'Experimental preparation' 
6  3 'Structure model' Other                      
7  4 'Structure model' 'Data collection'          
8  4 'Structure model' 'Database references'      
9  4 'Structure model' 'Derived calculations'     
10 4 'Structure model' Other                      
11 4 'Structure model' 'Refinement description'   
# 
loop_
_pdbx_audit_revision_category.ordinal 
_pdbx_audit_revision_category.revision_ordinal 
_pdbx_audit_revision_category.data_content_type 
_pdbx_audit_revision_category.category 
1  3 'Structure model' database_PDB_rev              
2  3 'Structure model' database_PDB_rev_record       
3  3 'Structure model' exptl_crystal_grow            
4  3 'Structure model' pdbx_database_proc            
5  3 'Structure model' pdbx_database_status          
6  3 'Structure model' struct_biol                   
7  4 'Structure model' chem_comp_atom                
8  4 'Structure model' chem_comp_bond                
9  4 'Structure model' database_2                    
10 4 'Structure model' pdbx_database_status          
11 4 'Structure model' pdbx_initial_refinement_model 
12 4 'Structure model' pdbx_struct_conn_angle        
13 4 'Structure model' struct_conn                   
14 4 'Structure model' struct_site                   
# 
loop_
_pdbx_audit_revision_item.ordinal 
_pdbx_audit_revision_item.revision_ordinal 
_pdbx_audit_revision_item.data_content_type 
_pdbx_audit_revision_item.item 
1  3 'Structure model' '_exptl_crystal_grow.method'                  
2  3 'Structure model' '_exptl_crystal_grow.temp'                    
3  3 'Structure model' '_pdbx_database_status.recvd_author_approval' 
4  4 'Structure model' '_database_2.pdbx_DOI'                        
5  4 'Structure model' '_database_2.pdbx_database_accession'         
6  4 'Structure model' '_pdbx_database_status.status_code_sf'        
7  4 'Structure model' '_pdbx_struct_conn_angle.ptnr1_auth_comp_id'  
8  4 'Structure model' '_pdbx_struct_conn_angle.ptnr1_auth_seq_id'   
9  4 'Structure model' '_pdbx_struct_conn_angle.ptnr1_label_asym_id' 
10 4 'Structure model' '_pdbx_struct_conn_angle.ptnr1_label_atom_id' 
11 4 'Structure model' '_pdbx_struct_conn_angle.ptnr1_label_comp_id' 
12 4 'Structure model' '_pdbx_struct_conn_angle.ptnr1_label_seq_id'  
13 4 'Structure model' '_pdbx_struct_conn_angle.ptnr3_auth_comp_id'  
14 4 'Structure model' '_pdbx_struct_conn_angle.ptnr3_auth_seq_id'   
15 4 'Structure model' '_pdbx_struct_conn_angle.ptnr3_label_asym_id' 
16 4 'Structure model' '_pdbx_struct_conn_angle.ptnr3_label_atom_id' 
17 4 'Structure model' '_pdbx_struct_conn_angle.ptnr3_label_comp_id' 
18 4 'Structure model' '_pdbx_struct_conn_angle.ptnr3_label_seq_id'  
19 4 'Structure model' '_pdbx_struct_conn_angle.value'               
20 4 'Structure model' '_struct_conn.pdbx_dist_value'                
21 4 'Structure model' '_struct_conn.ptnr1_auth_comp_id'             
22 4 'Structure model' '_struct_conn.ptnr1_auth_seq_id'              
23 4 'Structure model' '_struct_conn.ptnr1_label_asym_id'            
24 4 'Structure model' '_struct_conn.ptnr1_label_atom_id'            
25 4 'Structure model' '_struct_conn.ptnr1_label_comp_id'            
26 4 'Structure model' '_struct_conn.ptnr1_label_seq_id'             
27 4 'Structure model' '_struct_conn.ptnr2_auth_comp_id'             
28 4 'Structure model' '_struct_conn.ptnr2_auth_seq_id'              
29 4 'Structure model' '_struct_conn.ptnr2_label_asym_id'            
30 4 'Structure model' '_struct_conn.ptnr2_label_atom_id'            
31 4 'Structure model' '_struct_conn.ptnr2_label_comp_id'            
32 4 'Structure model' '_struct_conn.ptnr2_label_seq_id'             
33 4 'Structure model' '_struct_site.pdbx_auth_asym_id'              
34 4 'Structure model' '_struct_site.pdbx_auth_comp_id'              
35 4 'Structure model' '_struct_site.pdbx_auth_seq_id'               
# 
loop_
_software.name 
_software.classification 
_software.version 
_software.citation_id 
_software.pdbx_ordinal 
_software.date 
_software.type 
_software.location 
_software.language 
REFMAC refinement       5.7.0029 ? 1 ? ? ? ? 
XDS    'data reduction' .        ? 2 ? ? ? ? 
SCALA  'data scaling'   .        ? 3 ? ? ? ? 
PHASER phasing          .        ? 4 ? ? ? ? 
# 
_pdbx_entry_details.entry_id                 4CRJ 
_pdbx_entry_details.compound_details         ? 
_pdbx_entry_details.source_details           ? 
_pdbx_entry_details.nonpolymer_details       ? 
_pdbx_entry_details.sequence_details         
;HEXAHISTIDINE-TAG WITH THROMBIN CLEAVAGE SITE AT THE N-
TERMINUS
;
_pdbx_entry_details.has_ligand_of_interest   ? 
# 
loop_
_pdbx_validate_torsion.id 
_pdbx_validate_torsion.PDB_model_num 
_pdbx_validate_torsion.auth_comp_id 
_pdbx_validate_torsion.auth_asym_id 
_pdbx_validate_torsion.auth_seq_id 
_pdbx_validate_torsion.PDB_ins_code 
_pdbx_validate_torsion.label_alt_id 
_pdbx_validate_torsion.phi 
_pdbx_validate_torsion.psi 
1 1 GLU A 50  ? ? -92.05  56.77  
2 1 ALA A 132 ? ? -144.54 34.93  
3 1 TYR A 157 ? ? -121.46 -51.34 
# 
loop_
_pdbx_unobs_or_zero_occ_residues.id 
_pdbx_unobs_or_zero_occ_residues.PDB_model_num 
_pdbx_unobs_or_zero_occ_residues.polymer_flag 
_pdbx_unobs_or_zero_occ_residues.occupancy_flag 
_pdbx_unobs_or_zero_occ_residues.auth_asym_id 
_pdbx_unobs_or_zero_occ_residues.auth_comp_id 
_pdbx_unobs_or_zero_occ_residues.auth_seq_id 
_pdbx_unobs_or_zero_occ_residues.PDB_ins_code 
_pdbx_unobs_or_zero_occ_residues.label_asym_id 
_pdbx_unobs_or_zero_occ_residues.label_comp_id 
_pdbx_unobs_or_zero_occ_residues.label_seq_id 
1 1 Y 1 A GLY -2 ? A GLY 1 
2 1 Y 1 A SER -1 ? A SER 2 
# 
loop_
_chem_comp_atom.comp_id 
_chem_comp_atom.atom_id 
_chem_comp_atom.type_symbol 
_chem_comp_atom.pdbx_aromatic_flag 
_chem_comp_atom.pdbx_stereo_config 
_chem_comp_atom.pdbx_ordinal 
ALA N      N  N N 1   
ALA CA     C  N S 2   
ALA C      C  N N 3   
ALA O      O  N N 4   
ALA CB     C  N N 5   
ALA OXT    O  N N 6   
ALA H      H  N N 7   
ALA H2     H  N N 8   
ALA HA     H  N N 9   
ALA HB1    H  N N 10  
ALA HB2    H  N N 11  
ALA HB3    H  N N 12  
ALA HXT    H  N N 13  
APC PG     P  N N 14  
APC O1G    O  N N 15  
APC O2G    O  N N 16  
APC O3G    O  N N 17  
APC PB     P  N S 18  
APC O1B    O  N N 19  
APC O2B    O  N N 20  
APC O3B    O  N N 21  
APC PA     P  N R 22  
APC O1A    O  N N 23  
APC O2A    O  N N 24  
APC C3A    C  N N 25  
APC "O5'"  O  N N 26  
APC "C5'"  C  N N 27  
APC "C4'"  C  N R 28  
APC "O4'"  O  N N 29  
APC "C3'"  C  N S 30  
APC "O3'"  O  N N 31  
APC "C2'"  C  N R 32  
APC "O2'"  O  N N 33  
APC "C1'"  C  N R 34  
APC N9     N  Y N 35  
APC C8     C  Y N 36  
APC N7     N  Y N 37  
APC C5     C  Y N 38  
APC C6     C  Y N 39  
APC N6     N  N N 40  
APC N1     N  Y N 41  
APC C2     C  Y N 42  
APC N3     N  Y N 43  
APC C4     C  Y N 44  
APC HOG2   H  N N 45  
APC HOG3   H  N N 46  
APC HOB2   H  N N 47  
APC HOA2   H  N N 48  
APC H3A1   H  N N 49  
APC H3A2   H  N N 50  
APC "H5'1" H  N N 51  
APC "H5'2" H  N N 52  
APC "H4'"  H  N N 53  
APC "H3'"  H  N N 54  
APC "HO3'" H  N N 55  
APC "H2'"  H  N N 56  
APC "HO2'" H  N N 57  
APC "H1'"  H  N N 58  
APC H8     H  N N 59  
APC HN61   H  N N 60  
APC HN62   H  N N 61  
APC H2     H  N N 62  
ARG N      N  N N 63  
ARG CA     C  N S 64  
ARG C      C  N N 65  
ARG O      O  N N 66  
ARG CB     C  N N 67  
ARG CG     C  N N 68  
ARG CD     C  N N 69  
ARG NE     N  N N 70  
ARG CZ     C  N N 71  
ARG NH1    N  N N 72  
ARG NH2    N  N N 73  
ARG OXT    O  N N 74  
ARG H      H  N N 75  
ARG H2     H  N N 76  
ARG HA     H  N N 77  
ARG HB2    H  N N 78  
ARG HB3    H  N N 79  
ARG HG2    H  N N 80  
ARG HG3    H  N N 81  
ARG HD2    H  N N 82  
ARG HD3    H  N N 83  
ARG HE     H  N N 84  
ARG HH11   H  N N 85  
ARG HH12   H  N N 86  
ARG HH21   H  N N 87  
ARG HH22   H  N N 88  
ARG HXT    H  N N 89  
ASN N      N  N N 90  
ASN CA     C  N S 91  
ASN C      C  N N 92  
ASN O      O  N N 93  
ASN CB     C  N N 94  
ASN CG     C  N N 95  
ASN OD1    O  N N 96  
ASN ND2    N  N N 97  
ASN OXT    O  N N 98  
ASN H      H  N N 99  
ASN H2     H  N N 100 
ASN HA     H  N N 101 
ASN HB2    H  N N 102 
ASN HB3    H  N N 103 
ASN HD21   H  N N 104 
ASN HD22   H  N N 105 
ASN HXT    H  N N 106 
ASP N      N  N N 107 
ASP CA     C  N S 108 
ASP C      C  N N 109 
ASP O      O  N N 110 
ASP CB     C  N N 111 
ASP CG     C  N N 112 
ASP OD1    O  N N 113 
ASP OD2    O  N N 114 
ASP OXT    O  N N 115 
ASP H      H  N N 116 
ASP H2     H  N N 117 
ASP HA     H  N N 118 
ASP HB2    H  N N 119 
ASP HB3    H  N N 120 
ASP HD2    H  N N 121 
ASP HXT    H  N N 122 
CYS N      N  N N 123 
CYS CA     C  N R 124 
CYS C      C  N N 125 
CYS O      O  N N 126 
CYS CB     C  N N 127 
CYS SG     S  N N 128 
CYS OXT    O  N N 129 
CYS H      H  N N 130 
CYS H2     H  N N 131 
CYS HA     H  N N 132 
CYS HB2    H  N N 133 
CYS HB3    H  N N 134 
CYS HG     H  N N 135 
CYS HXT    H  N N 136 
GLN N      N  N N 137 
GLN CA     C  N S 138 
GLN C      C  N N 139 
GLN O      O  N N 140 
GLN CB     C  N N 141 
GLN CG     C  N N 142 
GLN CD     C  N N 143 
GLN OE1    O  N N 144 
GLN NE2    N  N N 145 
GLN OXT    O  N N 146 
GLN H      H  N N 147 
GLN H2     H  N N 148 
GLN HA     H  N N 149 
GLN HB2    H  N N 150 
GLN HB3    H  N N 151 
GLN HG2    H  N N 152 
GLN HG3    H  N N 153 
GLN HE21   H  N N 154 
GLN HE22   H  N N 155 
GLN HXT    H  N N 156 
GLU N      N  N N 157 
GLU CA     C  N S 158 
GLU C      C  N N 159 
GLU O      O  N N 160 
GLU CB     C  N N 161 
GLU CG     C  N N 162 
GLU CD     C  N N 163 
GLU OE1    O  N N 164 
GLU OE2    O  N N 165 
GLU OXT    O  N N 166 
GLU H      H  N N 167 
GLU H2     H  N N 168 
GLU HA     H  N N 169 
GLU HB2    H  N N 170 
GLU HB3    H  N N 171 
GLU HG2    H  N N 172 
GLU HG3    H  N N 173 
GLU HE2    H  N N 174 
GLU HXT    H  N N 175 
GLY N      N  N N 176 
GLY CA     C  N N 177 
GLY C      C  N N 178 
GLY O      O  N N 179 
GLY OXT    O  N N 180 
GLY H      H  N N 181 
GLY H2     H  N N 182 
GLY HA2    H  N N 183 
GLY HA3    H  N N 184 
GLY HXT    H  N N 185 
HIS N      N  N N 186 
HIS CA     C  N S 187 
HIS C      C  N N 188 
HIS O      O  N N 189 
HIS CB     C  N N 190 
HIS CG     C  Y N 191 
HIS ND1    N  Y N 192 
HIS CD2    C  Y N 193 
HIS CE1    C  Y N 194 
HIS NE2    N  Y N 195 
HIS OXT    O  N N 196 
HIS H      H  N N 197 
HIS H2     H  N N 198 
HIS HA     H  N N 199 
HIS HB2    H  N N 200 
HIS HB3    H  N N 201 
HIS HD1    H  N N 202 
HIS HD2    H  N N 203 
HIS HE1    H  N N 204 
HIS HE2    H  N N 205 
HIS HXT    H  N N 206 
HOH O      O  N N 207 
HOH H1     H  N N 208 
HOH H2     H  N N 209 
ILE N      N  N N 210 
ILE CA     C  N S 211 
ILE C      C  N N 212 
ILE O      O  N N 213 
ILE CB     C  N S 214 
ILE CG1    C  N N 215 
ILE CG2    C  N N 216 
ILE CD1    C  N N 217 
ILE OXT    O  N N 218 
ILE H      H  N N 219 
ILE H2     H  N N 220 
ILE HA     H  N N 221 
ILE HB     H  N N 222 
ILE HG12   H  N N 223 
ILE HG13   H  N N 224 
ILE HG21   H  N N 225 
ILE HG22   H  N N 226 
ILE HG23   H  N N 227 
ILE HD11   H  N N 228 
ILE HD12   H  N N 229 
ILE HD13   H  N N 230 
ILE HXT    H  N N 231 
LEU N      N  N N 232 
LEU CA     C  N S 233 
LEU C      C  N N 234 
LEU O      O  N N 235 
LEU CB     C  N N 236 
LEU CG     C  N N 237 
LEU CD1    C  N N 238 
LEU CD2    C  N N 239 
LEU OXT    O  N N 240 
LEU H      H  N N 241 
LEU H2     H  N N 242 
LEU HA     H  N N 243 
LEU HB2    H  N N 244 
LEU HB3    H  N N 245 
LEU HG     H  N N 246 
LEU HD11   H  N N 247 
LEU HD12   H  N N 248 
LEU HD13   H  N N 249 
LEU HD21   H  N N 250 
LEU HD22   H  N N 251 
LEU HD23   H  N N 252 
LEU HXT    H  N N 253 
LYS N      N  N N 254 
LYS CA     C  N S 255 
LYS C      C  N N 256 
LYS O      O  N N 257 
LYS CB     C  N N 258 
LYS CG     C  N N 259 
LYS CD     C  N N 260 
LYS CE     C  N N 261 
LYS NZ     N  N N 262 
LYS OXT    O  N N 263 
LYS H      H  N N 264 
LYS H2     H  N N 265 
LYS HA     H  N N 266 
LYS HB2    H  N N 267 
LYS HB3    H  N N 268 
LYS HG2    H  N N 269 
LYS HG3    H  N N 270 
LYS HD2    H  N N 271 
LYS HD3    H  N N 272 
LYS HE2    H  N N 273 
LYS HE3    H  N N 274 
LYS HZ1    H  N N 275 
LYS HZ2    H  N N 276 
LYS HZ3    H  N N 277 
LYS HXT    H  N N 278 
MET N      N  N N 279 
MET CA     C  N S 280 
MET C      C  N N 281 
MET O      O  N N 282 
MET CB     C  N N 283 
MET CG     C  N N 284 
MET SD     S  N N 285 
MET CE     C  N N 286 
MET OXT    O  N N 287 
MET H      H  N N 288 
MET H2     H  N N 289 
MET HA     H  N N 290 
MET HB2    H  N N 291 
MET HB3    H  N N 292 
MET HG2    H  N N 293 
MET HG3    H  N N 294 
MET HE1    H  N N 295 
MET HE2    H  N N 296 
MET HE3    H  N N 297 
MET HXT    H  N N 298 
MG  MG     MG N N 299 
NO3 N      N  N N 300 
NO3 O1     O  N N 301 
NO3 O2     O  N N 302 
NO3 O3     O  N N 303 
PHE N      N  N N 304 
PHE CA     C  N S 305 
PHE C      C  N N 306 
PHE O      O  N N 307 
PHE CB     C  N N 308 
PHE CG     C  Y N 309 
PHE CD1    C  Y N 310 
PHE CD2    C  Y N 311 
PHE CE1    C  Y N 312 
PHE CE2    C  Y N 313 
PHE CZ     C  Y N 314 
PHE OXT    O  N N 315 
PHE H      H  N N 316 
PHE H2     H  N N 317 
PHE HA     H  N N 318 
PHE HB2    H  N N 319 
PHE HB3    H  N N 320 
PHE HD1    H  N N 321 
PHE HD2    H  N N 322 
PHE HE1    H  N N 323 
PHE HE2    H  N N 324 
PHE HZ     H  N N 325 
PHE HXT    H  N N 326 
PRO N      N  N N 327 
PRO CA     C  N S 328 
PRO C      C  N N 329 
PRO O      O  N N 330 
PRO CB     C  N N 331 
PRO CG     C  N N 332 
PRO CD     C  N N 333 
PRO OXT    O  N N 334 
PRO H      H  N N 335 
PRO HA     H  N N 336 
PRO HB2    H  N N 337 
PRO HB3    H  N N 338 
PRO HG2    H  N N 339 
PRO HG3    H  N N 340 
PRO HD2    H  N N 341 
PRO HD3    H  N N 342 
PRO HXT    H  N N 343 
SER N      N  N N 344 
SER CA     C  N S 345 
SER C      C  N N 346 
SER O      O  N N 347 
SER CB     C  N N 348 
SER OG     O  N N 349 
SER OXT    O  N N 350 
SER H      H  N N 351 
SER H2     H  N N 352 
SER HA     H  N N 353 
SER HB2    H  N N 354 
SER HB3    H  N N 355 
SER HG     H  N N 356 
SER HXT    H  N N 357 
THR N      N  N N 358 
THR CA     C  N S 359 
THR C      C  N N 360 
THR O      O  N N 361 
THR CB     C  N R 362 
THR OG1    O  N N 363 
THR CG2    C  N N 364 
THR OXT    O  N N 365 
THR H      H  N N 366 
THR H2     H  N N 367 
THR HA     H  N N 368 
THR HB     H  N N 369 
THR HG1    H  N N 370 
THR HG21   H  N N 371 
THR HG22   H  N N 372 
THR HG23   H  N N 373 
THR HXT    H  N N 374 
TRP N      N  N N 375 
TRP CA     C  N S 376 
TRP C      C  N N 377 
TRP O      O  N N 378 
TRP CB     C  N N 379 
TRP CG     C  Y N 380 
TRP CD1    C  Y N 381 
TRP CD2    C  Y N 382 
TRP NE1    N  Y N 383 
TRP CE2    C  Y N 384 
TRP CE3    C  Y N 385 
TRP CZ2    C  Y N 386 
TRP CZ3    C  Y N 387 
TRP CH2    C  Y N 388 
TRP OXT    O  N N 389 
TRP H      H  N N 390 
TRP H2     H  N N 391 
TRP HA     H  N N 392 
TRP HB2    H  N N 393 
TRP HB3    H  N N 394 
TRP HD1    H  N N 395 
TRP HE1    H  N N 396 
TRP HE3    H  N N 397 
TRP HZ2    H  N N 398 
TRP HZ3    H  N N 399 
TRP HH2    H  N N 400 
TRP HXT    H  N N 401 
TYR N      N  N N 402 
TYR CA     C  N S 403 
TYR C      C  N N 404 
TYR O      O  N N 405 
TYR CB     C  N N 406 
TYR CG     C  Y N 407 
TYR CD1    C  Y N 408 
TYR CD2    C  Y N 409 
TYR CE1    C  Y N 410 
TYR CE2    C  Y N 411 
TYR CZ     C  Y N 412 
TYR OH     O  N N 413 
TYR OXT    O  N N 414 
TYR H      H  N N 415 
TYR H2     H  N N 416 
TYR HA     H  N N 417 
TYR HB2    H  N N 418 
TYR HB3    H  N N 419 
TYR HD1    H  N N 420 
TYR HD2    H  N N 421 
TYR HE1    H  N N 422 
TYR HE2    H  N N 423 
TYR HH     H  N N 424 
TYR HXT    H  N N 425 
VAL N      N  N N 426 
VAL CA     C  N S 427 
VAL C      C  N N 428 
VAL O      O  N N 429 
VAL CB     C  N N 430 
VAL CG1    C  N N 431 
VAL CG2    C  N N 432 
VAL OXT    O  N N 433 
VAL H      H  N N 434 
VAL H2     H  N N 435 
VAL HA     H  N N 436 
VAL HB     H  N N 437 
VAL HG11   H  N N 438 
VAL HG12   H  N N 439 
VAL HG13   H  N N 440 
VAL HG21   H  N N 441 
VAL HG22   H  N N 442 
VAL HG23   H  N N 443 
VAL HXT    H  N N 444 
YH5 C1     C  N N 445 
YH5 O1     O  N N 446 
YH5 N1     N  Y N 447 
YH5 S1     S  N N 448 
YH5 C10    C  Y N 449 
YH5 C11    C  Y N 450 
YH5 C12    C  Y N 451 
YH5 C13    C  Y N 452 
YH5 C14    C  N N 453 
YH5 N2     N  Y N 454 
YH5 C2     C  Y N 455 
YH5 O2     O  N N 456 
YH5 N3     N  N N 457 
YH5 C3     C  Y N 458 
YH5 O3     O  N N 459 
YH5 C4     C  Y N 460 
YH5 N4     N  N N 461 
YH5 C5     C  N N 462 
YH5 N5     N  N N 463 
YH5 C6     C  N N 464 
YH5 C7     C  N N 465 
YH5 C8     C  Y N 466 
YH5 C9     C  Y N 467 
YH5 H2     H  N N 468 
YH5 H3     H  N N 469 
YH5 H4     H  N N 470 
YH5 H5     H  N N 471 
YH5 H6     H  N N 472 
YH5 H7     H  N N 473 
YH5 H8     H  N N 474 
YH5 H9     H  N N 475 
YH5 H10    H  N N 476 
YH5 H11    H  N N 477 
YH5 H12    H  N N 478 
YH5 H13    H  N N 479 
YH5 H14    H  N N 480 
# 
loop_
_chem_comp_bond.comp_id 
_chem_comp_bond.atom_id_1 
_chem_comp_bond.atom_id_2 
_chem_comp_bond.value_order 
_chem_comp_bond.pdbx_aromatic_flag 
_chem_comp_bond.pdbx_stereo_config 
_chem_comp_bond.pdbx_ordinal 
ALA N     CA     sing N N 1   
ALA N     H      sing N N 2   
ALA N     H2     sing N N 3   
ALA CA    C      sing N N 4   
ALA CA    CB     sing N N 5   
ALA CA    HA     sing N N 6   
ALA C     O      doub N N 7   
ALA C     OXT    sing N N 8   
ALA CB    HB1    sing N N 9   
ALA CB    HB2    sing N N 10  
ALA CB    HB3    sing N N 11  
ALA OXT   HXT    sing N N 12  
APC PG    O1G    doub N N 13  
APC PG    O2G    sing N N 14  
APC PG    O3G    sing N N 15  
APC PG    O3B    sing N N 16  
APC O2G   HOG2   sing N N 17  
APC O3G   HOG3   sing N N 18  
APC PB    O1B    doub N N 19  
APC PB    O2B    sing N N 20  
APC PB    O3B    sing N N 21  
APC PB    C3A    sing N N 22  
APC O2B   HOB2   sing N N 23  
APC PA    O1A    doub N N 24  
APC PA    O2A    sing N N 25  
APC PA    C3A    sing N N 26  
APC PA    "O5'"  sing N N 27  
APC O2A   HOA2   sing N N 28  
APC C3A   H3A1   sing N N 29  
APC C3A   H3A2   sing N N 30  
APC "O5'" "C5'"  sing N N 31  
APC "C5'" "C4'"  sing N N 32  
APC "C5'" "H5'1" sing N N 33  
APC "C5'" "H5'2" sing N N 34  
APC "C4'" "O4'"  sing N N 35  
APC "C4'" "C3'"  sing N N 36  
APC "C4'" "H4'"  sing N N 37  
APC "O4'" "C1'"  sing N N 38  
APC "C3'" "O3'"  sing N N 39  
APC "C3'" "C2'"  sing N N 40  
APC "C3'" "H3'"  sing N N 41  
APC "O3'" "HO3'" sing N N 42  
APC "C2'" "O2'"  sing N N 43  
APC "C2'" "C1'"  sing N N 44  
APC "C2'" "H2'"  sing N N 45  
APC "O2'" "HO2'" sing N N 46  
APC "C1'" N9     sing N N 47  
APC "C1'" "H1'"  sing N N 48  
APC N9    C8     sing Y N 49  
APC N9    C4     sing Y N 50  
APC C8    N7     doub Y N 51  
APC C8    H8     sing N N 52  
APC N7    C5     sing Y N 53  
APC C5    C6     sing Y N 54  
APC C5    C4     doub Y N 55  
APC C6    N6     sing N N 56  
APC C6    N1     doub Y N 57  
APC N6    HN61   sing N N 58  
APC N6    HN62   sing N N 59  
APC N1    C2     sing Y N 60  
APC C2    N3     doub Y N 61  
APC C2    H2     sing N N 62  
APC N3    C4     sing Y N 63  
ARG N     CA     sing N N 64  
ARG N     H      sing N N 65  
ARG N     H2     sing N N 66  
ARG CA    C      sing N N 67  
ARG CA    CB     sing N N 68  
ARG CA    HA     sing N N 69  
ARG C     O      doub N N 70  
ARG C     OXT    sing N N 71  
ARG CB    CG     sing N N 72  
ARG CB    HB2    sing N N 73  
ARG CB    HB3    sing N N 74  
ARG CG    CD     sing N N 75  
ARG CG    HG2    sing N N 76  
ARG CG    HG3    sing N N 77  
ARG CD    NE     sing N N 78  
ARG CD    HD2    sing N N 79  
ARG CD    HD3    sing N N 80  
ARG NE    CZ     sing N N 81  
ARG NE    HE     sing N N 82  
ARG CZ    NH1    sing N N 83  
ARG CZ    NH2    doub N N 84  
ARG NH1   HH11   sing N N 85  
ARG NH1   HH12   sing N N 86  
ARG NH2   HH21   sing N N 87  
ARG NH2   HH22   sing N N 88  
ARG OXT   HXT    sing N N 89  
ASN N     CA     sing N N 90  
ASN N     H      sing N N 91  
ASN N     H2     sing N N 92  
ASN CA    C      sing N N 93  
ASN CA    CB     sing N N 94  
ASN CA    HA     sing N N 95  
ASN C     O      doub N N 96  
ASN C     OXT    sing N N 97  
ASN CB    CG     sing N N 98  
ASN CB    HB2    sing N N 99  
ASN CB    HB3    sing N N 100 
ASN CG    OD1    doub N N 101 
ASN CG    ND2    sing N N 102 
ASN ND2   HD21   sing N N 103 
ASN ND2   HD22   sing N N 104 
ASN OXT   HXT    sing N N 105 
ASP N     CA     sing N N 106 
ASP N     H      sing N N 107 
ASP N     H2     sing N N 108 
ASP CA    C      sing N N 109 
ASP CA    CB     sing N N 110 
ASP CA    HA     sing N N 111 
ASP C     O      doub N N 112 
ASP C     OXT    sing N N 113 
ASP CB    CG     sing N N 114 
ASP CB    HB2    sing N N 115 
ASP CB    HB3    sing N N 116 
ASP CG    OD1    doub N N 117 
ASP CG    OD2    sing N N 118 
ASP OD2   HD2    sing N N 119 
ASP OXT   HXT    sing N N 120 
CYS N     CA     sing N N 121 
CYS N     H      sing N N 122 
CYS N     H2     sing N N 123 
CYS CA    C      sing N N 124 
CYS CA    CB     sing N N 125 
CYS CA    HA     sing N N 126 
CYS C     O      doub N N 127 
CYS C     OXT    sing N N 128 
CYS CB    SG     sing N N 129 
CYS CB    HB2    sing N N 130 
CYS CB    HB3    sing N N 131 
CYS SG    HG     sing N N 132 
CYS OXT   HXT    sing N N 133 
GLN N     CA     sing N N 134 
GLN N     H      sing N N 135 
GLN N     H2     sing N N 136 
GLN CA    C      sing N N 137 
GLN CA    CB     sing N N 138 
GLN CA    HA     sing N N 139 
GLN C     O      doub N N 140 
GLN C     OXT    sing N N 141 
GLN CB    CG     sing N N 142 
GLN CB    HB2    sing N N 143 
GLN CB    HB3    sing N N 144 
GLN CG    CD     sing N N 145 
GLN CG    HG2    sing N N 146 
GLN CG    HG3    sing N N 147 
GLN CD    OE1    doub N N 148 
GLN CD    NE2    sing N N 149 
GLN NE2   HE21   sing N N 150 
GLN NE2   HE22   sing N N 151 
GLN OXT   HXT    sing N N 152 
GLU N     CA     sing N N 153 
GLU N     H      sing N N 154 
GLU N     H2     sing N N 155 
GLU CA    C      sing N N 156 
GLU CA    CB     sing N N 157 
GLU CA    HA     sing N N 158 
GLU C     O      doub N N 159 
GLU C     OXT    sing N N 160 
GLU CB    CG     sing N N 161 
GLU CB    HB2    sing N N 162 
GLU CB    HB3    sing N N 163 
GLU CG    CD     sing N N 164 
GLU CG    HG2    sing N N 165 
GLU CG    HG3    sing N N 166 
GLU CD    OE1    doub N N 167 
GLU CD    OE2    sing N N 168 
GLU OE2   HE2    sing N N 169 
GLU OXT   HXT    sing N N 170 
GLY N     CA     sing N N 171 
GLY N     H      sing N N 172 
GLY N     H2     sing N N 173 
GLY CA    C      sing N N 174 
GLY CA    HA2    sing N N 175 
GLY CA    HA3    sing N N 176 
GLY C     O      doub N N 177 
GLY C     OXT    sing N N 178 
GLY OXT   HXT    sing N N 179 
HIS N     CA     sing N N 180 
HIS N     H      sing N N 181 
HIS N     H2     sing N N 182 
HIS CA    C      sing N N 183 
HIS CA    CB     sing N N 184 
HIS CA    HA     sing N N 185 
HIS C     O      doub N N 186 
HIS C     OXT    sing N N 187 
HIS CB    CG     sing N N 188 
HIS CB    HB2    sing N N 189 
HIS CB    HB3    sing N N 190 
HIS CG    ND1    sing Y N 191 
HIS CG    CD2    doub Y N 192 
HIS ND1   CE1    doub Y N 193 
HIS ND1   HD1    sing N N 194 
HIS CD2   NE2    sing Y N 195 
HIS CD2   HD2    sing N N 196 
HIS CE1   NE2    sing Y N 197 
HIS CE1   HE1    sing N N 198 
HIS NE2   HE2    sing N N 199 
HIS OXT   HXT    sing N N 200 
HOH O     H1     sing N N 201 
HOH O     H2     sing N N 202 
ILE N     CA     sing N N 203 
ILE N     H      sing N N 204 
ILE N     H2     sing N N 205 
ILE CA    C      sing N N 206 
ILE CA    CB     sing N N 207 
ILE CA    HA     sing N N 208 
ILE C     O      doub N N 209 
ILE C     OXT    sing N N 210 
ILE CB    CG1    sing N N 211 
ILE CB    CG2    sing N N 212 
ILE CB    HB     sing N N 213 
ILE CG1   CD1    sing N N 214 
ILE CG1   HG12   sing N N 215 
ILE CG1   HG13   sing N N 216 
ILE CG2   HG21   sing N N 217 
ILE CG2   HG22   sing N N 218 
ILE CG2   HG23   sing N N 219 
ILE CD1   HD11   sing N N 220 
ILE CD1   HD12   sing N N 221 
ILE CD1   HD13   sing N N 222 
ILE OXT   HXT    sing N N 223 
LEU N     CA     sing N N 224 
LEU N     H      sing N N 225 
LEU N     H2     sing N N 226 
LEU CA    C      sing N N 227 
LEU CA    CB     sing N N 228 
LEU CA    HA     sing N N 229 
LEU C     O      doub N N 230 
LEU C     OXT    sing N N 231 
LEU CB    CG     sing N N 232 
LEU CB    HB2    sing N N 233 
LEU CB    HB3    sing N N 234 
LEU CG    CD1    sing N N 235 
LEU CG    CD2    sing N N 236 
LEU CG    HG     sing N N 237 
LEU CD1   HD11   sing N N 238 
LEU CD1   HD12   sing N N 239 
LEU CD1   HD13   sing N N 240 
LEU CD2   HD21   sing N N 241 
LEU CD2   HD22   sing N N 242 
LEU CD2   HD23   sing N N 243 
LEU OXT   HXT    sing N N 244 
LYS N     CA     sing N N 245 
LYS N     H      sing N N 246 
LYS N     H2     sing N N 247 
LYS CA    C      sing N N 248 
LYS CA    CB     sing N N 249 
LYS CA    HA     sing N N 250 
LYS C     O      doub N N 251 
LYS C     OXT    sing N N 252 
LYS CB    CG     sing N N 253 
LYS CB    HB2    sing N N 254 
LYS CB    HB3    sing N N 255 
LYS CG    CD     sing N N 256 
LYS CG    HG2    sing N N 257 
LYS CG    HG3    sing N N 258 
LYS CD    CE     sing N N 259 
LYS CD    HD2    sing N N 260 
LYS CD    HD3    sing N N 261 
LYS CE    NZ     sing N N 262 
LYS CE    HE2    sing N N 263 
LYS CE    HE3    sing N N 264 
LYS NZ    HZ1    sing N N 265 
LYS NZ    HZ2    sing N N 266 
LYS NZ    HZ3    sing N N 267 
LYS OXT   HXT    sing N N 268 
MET N     CA     sing N N 269 
MET N     H      sing N N 270 
MET N     H2     sing N N 271 
MET CA    C      sing N N 272 
MET CA    CB     sing N N 273 
MET CA    HA     sing N N 274 
MET C     O      doub N N 275 
MET C     OXT    sing N N 276 
MET CB    CG     sing N N 277 
MET CB    HB2    sing N N 278 
MET CB    HB3    sing N N 279 
MET CG    SD     sing N N 280 
MET CG    HG2    sing N N 281 
MET CG    HG3    sing N N 282 
MET SD    CE     sing N N 283 
MET CE    HE1    sing N N 284 
MET CE    HE2    sing N N 285 
MET CE    HE3    sing N N 286 
MET OXT   HXT    sing N N 287 
NO3 N     O1     doub N N 288 
NO3 N     O2     sing N N 289 
NO3 N     O3     sing N N 290 
PHE N     CA     sing N N 291 
PHE N     H      sing N N 292 
PHE N     H2     sing N N 293 
PHE CA    C      sing N N 294 
PHE CA    CB     sing N N 295 
PHE CA    HA     sing N N 296 
PHE C     O      doub N N 297 
PHE C     OXT    sing N N 298 
PHE CB    CG     sing N N 299 
PHE CB    HB2    sing N N 300 
PHE CB    HB3    sing N N 301 
PHE CG    CD1    doub Y N 302 
PHE CG    CD2    sing Y N 303 
PHE CD1   CE1    sing Y N 304 
PHE CD1   HD1    sing N N 305 
PHE CD2   CE2    doub Y N 306 
PHE CD2   HD2    sing N N 307 
PHE CE1   CZ     doub Y N 308 
PHE CE1   HE1    sing N N 309 
PHE CE2   CZ     sing Y N 310 
PHE CE2   HE2    sing N N 311 
PHE CZ    HZ     sing N N 312 
PHE OXT   HXT    sing N N 313 
PRO N     CA     sing N N 314 
PRO N     CD     sing N N 315 
PRO N     H      sing N N 316 
PRO CA    C      sing N N 317 
PRO CA    CB     sing N N 318 
PRO CA    HA     sing N N 319 
PRO C     O      doub N N 320 
PRO C     OXT    sing N N 321 
PRO CB    CG     sing N N 322 
PRO CB    HB2    sing N N 323 
PRO CB    HB3    sing N N 324 
PRO CG    CD     sing N N 325 
PRO CG    HG2    sing N N 326 
PRO CG    HG3    sing N N 327 
PRO CD    HD2    sing N N 328 
PRO CD    HD3    sing N N 329 
PRO OXT   HXT    sing N N 330 
SER N     CA     sing N N 331 
SER N     H      sing N N 332 
SER N     H2     sing N N 333 
SER CA    C      sing N N 334 
SER CA    CB     sing N N 335 
SER CA    HA     sing N N 336 
SER C     O      doub N N 337 
SER C     OXT    sing N N 338 
SER CB    OG     sing N N 339 
SER CB    HB2    sing N N 340 
SER CB    HB3    sing N N 341 
SER OG    HG     sing N N 342 
SER OXT   HXT    sing N N 343 
THR N     CA     sing N N 344 
THR N     H      sing N N 345 
THR N     H2     sing N N 346 
THR CA    C      sing N N 347 
THR CA    CB     sing N N 348 
THR CA    HA     sing N N 349 
THR C     O      doub N N 350 
THR C     OXT    sing N N 351 
THR CB    OG1    sing N N 352 
THR CB    CG2    sing N N 353 
THR CB    HB     sing N N 354 
THR OG1   HG1    sing N N 355 
THR CG2   HG21   sing N N 356 
THR CG2   HG22   sing N N 357 
THR CG2   HG23   sing N N 358 
THR OXT   HXT    sing N N 359 
TRP N     CA     sing N N 360 
TRP N     H      sing N N 361 
TRP N     H2     sing N N 362 
TRP CA    C      sing N N 363 
TRP CA    CB     sing N N 364 
TRP CA    HA     sing N N 365 
TRP C     O      doub N N 366 
TRP C     OXT    sing N N 367 
TRP CB    CG     sing N N 368 
TRP CB    HB2    sing N N 369 
TRP CB    HB3    sing N N 370 
TRP CG    CD1    doub Y N 371 
TRP CG    CD2    sing Y N 372 
TRP CD1   NE1    sing Y N 373 
TRP CD1   HD1    sing N N 374 
TRP CD2   CE2    doub Y N 375 
TRP CD2   CE3    sing Y N 376 
TRP NE1   CE2    sing Y N 377 
TRP NE1   HE1    sing N N 378 
TRP CE2   CZ2    sing Y N 379 
TRP CE3   CZ3    doub Y N 380 
TRP CE3   HE3    sing N N 381 
TRP CZ2   CH2    doub Y N 382 
TRP CZ2   HZ2    sing N N 383 
TRP CZ3   CH2    sing Y N 384 
TRP CZ3   HZ3    sing N N 385 
TRP CH2   HH2    sing N N 386 
TRP OXT   HXT    sing N N 387 
TYR N     CA     sing N N 388 
TYR N     H      sing N N 389 
TYR N     H2     sing N N 390 
TYR CA    C      sing N N 391 
TYR CA    CB     sing N N 392 
TYR CA    HA     sing N N 393 
TYR C     O      doub N N 394 
TYR C     OXT    sing N N 395 
TYR CB    CG     sing N N 396 
TYR CB    HB2    sing N N 397 
TYR CB    HB3    sing N N 398 
TYR CG    CD1    doub Y N 399 
TYR CG    CD2    sing Y N 400 
TYR CD1   CE1    sing Y N 401 
TYR CD1   HD1    sing N N 402 
TYR CD2   CE2    doub Y N 403 
TYR CD2   HD2    sing N N 404 
TYR CE1   CZ     doub Y N 405 
TYR CE1   HE1    sing N N 406 
TYR CE2   CZ     sing Y N 407 
TYR CE2   HE2    sing N N 408 
TYR CZ    OH     sing N N 409 
TYR OH    HH     sing N N 410 
TYR OXT   HXT    sing N N 411 
VAL N     CA     sing N N 412 
VAL N     H      sing N N 413 
VAL N     H2     sing N N 414 
VAL CA    C      sing N N 415 
VAL CA    CB     sing N N 416 
VAL CA    HA     sing N N 417 
VAL C     O      doub N N 418 
VAL C     OXT    sing N N 419 
VAL CB    CG1    sing N N 420 
VAL CB    CG2    sing N N 421 
VAL CB    HB     sing N N 422 
VAL CG1   HG11   sing N N 423 
VAL CG1   HG12   sing N N 424 
VAL CG1   HG13   sing N N 425 
VAL CG2   HG21   sing N N 426 
VAL CG2   HG22   sing N N 427 
VAL CG2   HG23   sing N N 428 
VAL OXT   HXT    sing N N 429 
YH5 C14   O3     sing N N 430 
YH5 O3    C11    sing N N 431 
YH5 C11   C10    doub Y N 432 
YH5 C11   C12    sing Y N 433 
YH5 C10   C9     sing Y N 434 
YH5 C12   C13    doub Y N 435 
YH5 C9    C8     doub Y N 436 
YH5 C13   C8     sing Y N 437 
YH5 C8    C7     sing N N 438 
YH5 O1    C1     doub N N 439 
YH5 C7    O2     doub N N 440 
YH5 C7    C6     sing N N 441 
YH5 C6    S1     sing N N 442 
YH5 C1    C2     sing N N 443 
YH5 C1    N4     sing N N 444 
YH5 N1    C2     sing Y N 445 
YH5 N1    C3     doub Y N 446 
YH5 C2    C4     doub Y N 447 
YH5 N4    C5     sing N N 448 
YH5 C3    S1     sing N N 449 
YH5 C3    N2     sing Y N 450 
YH5 C4    N2     sing Y N 451 
YH5 C4    N3     sing N N 452 
YH5 C5    N3     doub N N 453 
YH5 C5    N5     sing N N 454 
YH5 C10   H2     sing N N 455 
YH5 C12   H3     sing N N 456 
YH5 C13   H4     sing N N 457 
YH5 C14   H5     sing N N 458 
YH5 C14   H6     sing N N 459 
YH5 C14   H7     sing N N 460 
YH5 N2    H8     sing N N 461 
YH5 N4    H9     sing N N 462 
YH5 N5    H10    sing N N 463 
YH5 N5    H11    sing N N 464 
YH5 C6    H12    sing N N 465 
YH5 C6    H13    sing N N 466 
YH5 C9    H14    sing N N 467 
# 
loop_
_pdbx_entity_nonpoly.entity_id 
_pdbx_entity_nonpoly.name 
_pdbx_entity_nonpoly.comp_id 
2 'DIPHOSPHOMETHYLPHOSPHONIC ACID ADENOSYL ESTER'                                   APC 
3 'MAGNESIUM ION'                                                                   MG  
4 'NITRATE ION'                                                                     NO3 
5 '2-amino-8-{[2-(4-methoxyphenyl)-2-oxoethyl]sulfanyl}-1,9-dihydro-6H-purin-6-one' YH5 
6 water                                                                             HOH 
# 
_pdbx_initial_refinement_model.id               1 
_pdbx_initial_refinement_model.entity_id_list   ? 
_pdbx_initial_refinement_model.type             'experimental model' 
_pdbx_initial_refinement_model.source_name      PDB 
_pdbx_initial_refinement_model.accession_code   4AD6 
_pdbx_initial_refinement_model.details          'PDB ENTRY 4AD6' 
# 
